data_2DGU
#
_entry.id   2DGU
#
_entity_poly.entity_id   1
_entity_poly.type   'polypeptide(L)'
_entity_poly.pdbx_seq_one_letter_code
;GSSGSSGMAKVKVLFVRNLANTVTEEILEKAFSQFGKLERVKKLKDYAFIHFDERDGAVKAMEEMNGKDLEGENIEIVFA
KPPDQKRKERKAQRQAASGPSSG
;
_entity_poly.pdbx_strand_id   A
#
# COMPACT_ATOMS: atom_id res chain seq x y z
N GLY A 1 -18.68 21.21 -7.95
CA GLY A 1 -18.97 21.23 -6.53
C GLY A 1 -17.93 20.47 -5.72
N SER A 2 -18.11 20.45 -4.40
CA SER A 2 -17.18 19.77 -3.51
C SER A 2 -17.58 18.31 -3.33
N SER A 3 -17.97 17.66 -4.42
CA SER A 3 -18.39 16.27 -4.38
C SER A 3 -17.47 15.45 -3.47
N GLY A 4 -16.18 15.41 -3.81
CA GLY A 4 -15.23 14.67 -3.02
C GLY A 4 -13.86 14.60 -3.68
N SER A 5 -13.29 13.40 -3.71
CA SER A 5 -11.98 13.20 -4.32
C SER A 5 -11.90 11.84 -5.01
N SER A 6 -11.29 11.82 -6.19
CA SER A 6 -11.15 10.59 -6.96
C SER A 6 -9.81 10.55 -7.69
N GLY A 7 -9.39 9.36 -8.07
CA GLY A 7 -8.13 9.21 -8.78
C GLY A 7 -7.82 7.76 -9.13
N MET A 8 -6.59 7.50 -9.57
CA MET A 8 -6.19 6.16 -9.94
C MET A 8 -4.75 5.89 -9.53
N ALA A 9 -4.54 4.83 -8.76
CA ALA A 9 -3.21 4.47 -8.30
C ALA A 9 -2.93 2.99 -8.53
N LYS A 10 -1.65 2.66 -8.70
CA LYS A 10 -1.25 1.27 -8.92
C LYS A 10 -0.58 0.68 -7.68
N VAL A 11 -1.20 0.90 -6.53
CA VAL A 11 -0.68 0.39 -5.27
C VAL A 11 -1.43 -0.85 -4.82
N LYS A 12 -0.70 -1.85 -4.33
CA LYS A 12 -1.29 -3.09 -3.86
C LYS A 12 -1.44 -3.09 -2.35
N VAL A 13 -0.56 -2.36 -1.67
CA VAL A 13 -0.58 -2.27 -0.22
C VAL A 13 -1.60 -1.23 0.26
N LEU A 14 -2.35 -1.58 1.29
CA LEU A 14 -3.36 -0.67 1.83
C LEU A 14 -2.97 -0.20 3.22
N PHE A 15 -2.97 1.12 3.41
CA PHE A 15 -2.62 1.71 4.69
C PHE A 15 -3.84 1.89 5.57
N VAL A 16 -3.96 1.02 6.59
CA VAL A 16 -5.09 1.07 7.51
C VAL A 16 -4.68 1.67 8.85
N ARG A 17 -5.43 2.66 9.31
CA ARG A 17 -5.14 3.31 10.58
C ARG A 17 -6.38 3.36 11.46
N ASN A 18 -6.21 3.85 12.69
CA ASN A 18 -7.33 3.95 13.63
C ASN A 18 -7.74 2.57 14.12
N LEU A 19 -6.77 1.69 14.30
CA LEU A 19 -7.04 0.33 14.77
C LEU A 19 -7.36 0.32 16.25
N ALA A 20 -8.23 -0.58 16.67
CA ALA A 20 -8.61 -0.71 18.07
C ALA A 20 -7.49 -1.32 18.90
N ASN A 21 -7.74 -1.49 20.19
CA ASN A 21 -6.74 -2.06 21.09
C ASN A 21 -6.82 -3.59 21.08
N THR A 22 -7.76 -4.12 20.30
CA THR A 22 -7.93 -5.57 20.20
C THR A 22 -7.73 -6.05 18.77
N VAL A 23 -7.13 -5.19 17.95
CA VAL A 23 -6.87 -5.52 16.55
C VAL A 23 -5.43 -6.02 16.37
N THR A 24 -5.28 -7.10 15.61
CA THR A 24 -3.97 -7.67 15.35
C THR A 24 -3.83 -8.11 13.89
N GLU A 25 -2.64 -8.57 13.53
CA GLU A 25 -2.39 -9.02 12.16
C GLU A 25 -3.39 -10.09 11.75
N GLU A 26 -3.63 -11.05 12.63
CA GLU A 26 -4.57 -12.13 12.36
C GLU A 26 -5.95 -11.57 11.97
N ILE A 27 -6.41 -10.58 12.73
CA ILE A 27 -7.70 -9.96 12.46
C ILE A 27 -7.68 -9.17 11.16
N LEU A 28 -6.53 -8.58 10.85
CA LEU A 28 -6.38 -7.80 9.63
C LEU A 28 -6.38 -8.70 8.41
N GLU A 29 -5.93 -9.94 8.59
CA GLU A 29 -5.88 -10.90 7.49
C GLU A 29 -7.28 -11.39 7.13
N LYS A 30 -7.86 -12.20 8.02
CA LYS A 30 -9.19 -12.74 7.79
C LYS A 30 -10.13 -11.68 7.22
N ALA A 31 -10.00 -10.46 7.72
CA ALA A 31 -10.82 -9.36 7.25
C ALA A 31 -10.46 -8.95 5.83
N PHE A 32 -9.19 -8.63 5.61
CA PHE A 32 -8.71 -8.23 4.29
C PHE A 32 -8.37 -9.46 3.45
N SER A 33 -8.83 -10.62 3.89
CA SER A 33 -8.57 -11.87 3.18
C SER A 33 -9.78 -12.26 2.33
N GLN A 34 -10.93 -12.40 2.98
CA GLN A 34 -12.16 -12.78 2.28
C GLN A 34 -12.24 -12.12 0.92
N PHE A 35 -11.78 -10.88 0.84
CA PHE A 35 -11.80 -10.14 -0.41
C PHE A 35 -10.91 -10.80 -1.46
N GLY A 36 -9.61 -10.86 -1.17
CA GLY A 36 -8.68 -11.48 -2.09
C GLY A 36 -7.46 -12.05 -1.38
N LYS A 37 -6.69 -12.86 -2.10
CA LYS A 37 -5.50 -13.48 -1.53
C LYS A 37 -4.58 -12.43 -0.91
N LEU A 38 -4.18 -12.66 0.33
CA LEU A 38 -3.31 -11.73 1.05
C LEU A 38 -1.86 -12.19 0.98
N GLU A 39 -0.94 -11.25 1.16
CA GLU A 39 0.49 -11.57 1.12
C GLU A 39 1.09 -11.55 2.52
N ARG A 40 0.77 -10.50 3.28
CA ARG A 40 1.28 -10.35 4.64
C ARG A 40 0.66 -9.13 5.32
N VAL A 41 0.81 -9.06 6.64
CA VAL A 41 0.27 -7.95 7.41
C VAL A 41 1.28 -7.44 8.43
N LYS A 42 1.53 -6.13 8.41
CA LYS A 42 2.48 -5.51 9.33
C LYS A 42 1.76 -4.56 10.28
N LYS A 43 1.75 -4.92 11.56
CA LYS A 43 1.11 -4.09 12.57
C LYS A 43 2.09 -3.06 13.14
N LEU A 44 1.59 -1.86 13.41
CA LEU A 44 2.41 -0.79 13.95
C LEU A 44 1.79 -0.21 15.21
N LYS A 45 2.39 0.86 15.73
CA LYS A 45 1.89 1.52 16.93
C LYS A 45 0.38 1.41 17.02
N ASP A 46 -0.31 2.08 16.10
CA ASP A 46 -1.77 2.07 16.07
C ASP A 46 -2.28 1.61 14.71
N TYR A 47 -1.59 2.03 13.65
CA TYR A 47 -1.98 1.66 12.30
C TYR A 47 -1.23 0.42 11.84
N ALA A 48 -1.51 -0.01 10.61
CA ALA A 48 -0.87 -1.19 10.05
C ALA A 48 -0.92 -1.17 8.52
N PHE A 49 -0.17 -2.07 7.90
CA PHE A 49 -0.13 -2.15 6.44
C PHE A 49 -0.61 -3.52 5.97
N ILE A 50 -1.55 -3.53 5.04
CA ILE A 50 -2.10 -4.77 4.50
C ILE A 50 -1.52 -5.06 3.12
N HIS A 51 -0.75 -6.15 3.02
CA HIS A 51 -0.15 -6.54 1.76
C HIS A 51 -1.04 -7.53 1.01
N PHE A 52 -1.34 -7.21 -0.25
CA PHE A 52 -2.19 -8.06 -1.07
C PHE A 52 -1.37 -8.74 -2.16
N ASP A 53 -1.63 -10.02 -2.39
CA ASP A 53 -0.93 -10.79 -3.41
C ASP A 53 -1.02 -10.09 -4.77
N GLU A 54 -2.12 -9.38 -4.98
CA GLU A 54 -2.33 -8.67 -6.24
C GLU A 54 -2.87 -7.26 -5.99
N ARG A 55 -2.59 -6.35 -6.91
CA ARG A 55 -3.04 -4.97 -6.79
C ARG A 55 -4.56 -4.90 -6.74
N ASP A 56 -5.22 -5.88 -7.37
CA ASP A 56 -6.67 -5.93 -7.41
C ASP A 56 -7.23 -6.31 -6.05
N GLY A 57 -6.76 -7.43 -5.50
CA GLY A 57 -7.23 -7.88 -4.22
C GLY A 57 -7.34 -6.76 -3.20
N ALA A 58 -6.48 -5.75 -3.35
CA ALA A 58 -6.49 -4.61 -2.44
C ALA A 58 -7.62 -3.65 -2.78
N VAL A 59 -7.60 -3.13 -4.01
CA VAL A 59 -8.64 -2.20 -4.46
C VAL A 59 -10.00 -2.59 -3.91
N LYS A 60 -10.26 -3.89 -3.85
CA LYS A 60 -11.54 -4.40 -3.35
C LYS A 60 -11.64 -4.21 -1.84
N ALA A 61 -10.75 -4.86 -1.10
CA ALA A 61 -10.75 -4.75 0.36
C ALA A 61 -10.54 -3.31 0.79
N MET A 62 -10.10 -2.47 -0.13
CA MET A 62 -9.87 -1.05 0.17
C MET A 62 -11.18 -0.28 0.18
N GLU A 63 -11.84 -0.24 -0.97
CA GLU A 63 -13.11 0.46 -1.10
C GLU A 63 -14.25 -0.31 -0.43
N GLU A 64 -13.91 -1.47 0.13
CA GLU A 64 -14.89 -2.32 0.80
C GLU A 64 -14.83 -2.13 2.31
N MET A 65 -13.61 -2.00 2.83
CA MET A 65 -13.41 -1.82 4.27
C MET A 65 -13.14 -0.35 4.60
N ASN A 66 -12.58 0.36 3.63
CA ASN A 66 -12.27 1.78 3.82
C ASN A 66 -13.36 2.47 4.63
N GLY A 67 -13.05 2.79 5.89
CA GLY A 67 -14.01 3.46 6.75
C GLY A 67 -15.04 2.49 7.32
N LYS A 68 -14.57 1.29 7.68
CA LYS A 68 -15.46 0.27 8.24
C LYS A 68 -15.33 0.23 9.76
N ASP A 69 -16.42 -0.12 10.44
CA ASP A 69 -16.43 -0.21 11.89
C ASP A 69 -15.70 -1.47 12.35
N LEU A 70 -14.38 -1.40 12.42
CA LEU A 70 -13.57 -2.54 12.86
C LEU A 70 -13.38 -2.53 14.37
N GLU A 71 -13.97 -3.51 15.05
CA GLU A 71 -13.86 -3.60 16.50
C GLU A 71 -14.47 -2.37 17.18
N GLY A 72 -15.43 -1.75 16.50
CA GLY A 72 -16.08 -0.58 17.05
C GLY A 72 -15.35 0.71 16.70
N GLU A 73 -14.40 0.62 15.78
CA GLU A 73 -13.63 1.78 15.35
C GLU A 73 -13.59 1.88 13.82
N ASN A 74 -13.93 3.05 13.31
CA ASN A 74 -13.94 3.27 11.86
C ASN A 74 -12.52 3.45 11.34
N ILE A 75 -11.95 2.38 10.80
CA ILE A 75 -10.60 2.42 10.26
C ILE A 75 -10.57 3.08 8.88
N GLU A 76 -9.47 3.76 8.58
CA GLU A 76 -9.32 4.43 7.29
C GLU A 76 -8.29 3.73 6.42
N ILE A 77 -8.67 3.44 5.18
CA ILE A 77 -7.78 2.77 4.25
C ILE A 77 -7.39 3.70 3.09
N VAL A 78 -6.08 3.88 2.90
CA VAL A 78 -5.58 4.73 1.83
C VAL A 78 -4.37 4.11 1.15
N PHE A 79 -4.36 4.15 -0.18
CA PHE A 79 -3.27 3.58 -0.95
C PHE A 79 -1.93 4.11 -0.46
N ALA A 80 -1.18 3.27 0.24
CA ALA A 80 0.13 3.64 0.76
C ALA A 80 1.13 3.87 -0.37
N LYS A 81 2.16 4.66 -0.08
CA LYS A 81 3.19 4.96 -1.08
C LYS A 81 4.13 3.78 -1.25
N PRO A 82 4.60 3.57 -2.49
CA PRO A 82 5.53 2.48 -2.82
C PRO A 82 6.92 2.68 -2.21
N PRO A 83 7.57 1.58 -1.84
CA PRO A 83 8.91 1.62 -1.24
C PRO A 83 9.98 2.03 -2.25
N ASP A 84 10.24 3.32 -2.33
CA ASP A 84 11.25 3.84 -3.25
C ASP A 84 12.18 4.80 -2.54
N GLN A 85 13.38 4.32 -2.21
CA GLN A 85 14.38 5.14 -1.53
C GLN A 85 15.77 4.86 -2.07
N LYS A 86 16.63 5.88 -2.03
CA LYS A 86 17.99 5.75 -2.53
C LYS A 86 18.80 7.01 -2.23
N ARG A 87 20.13 6.90 -2.33
CA ARG A 87 21.00 8.02 -2.06
C ARG A 87 21.86 8.34 -3.29
N LYS A 88 21.35 9.20 -4.16
CA LYS A 88 22.06 9.59 -5.37
C LYS A 88 22.95 10.80 -5.12
N GLU A 89 24.15 10.77 -5.69
CA GLU A 89 25.10 11.87 -5.52
C GLU A 89 26.29 11.71 -6.45
N ARG A 90 26.70 12.82 -7.07
CA ARG A 90 27.82 12.80 -8.00
C ARG A 90 28.32 14.21 -8.28
N LYS A 91 29.52 14.53 -7.78
CA LYS A 91 30.11 15.84 -7.97
C LYS A 91 31.63 15.75 -8.01
N ALA A 92 32.27 16.79 -8.53
CA ALA A 92 33.73 16.84 -8.62
C ALA A 92 34.25 18.25 -8.42
N GLN A 93 34.84 18.51 -7.26
CA GLN A 93 35.38 19.82 -6.95
C GLN A 93 36.41 19.74 -5.84
N ARG A 94 37.66 20.08 -6.16
CA ARG A 94 38.74 20.04 -5.20
C ARG A 94 39.87 20.98 -5.60
N GLN A 95 40.32 21.80 -4.66
CA GLN A 95 41.39 22.75 -4.92
C GLN A 95 41.90 23.38 -3.62
N ALA A 96 43.20 23.60 -3.54
CA ALA A 96 43.80 24.20 -2.36
C ALA A 96 44.90 25.18 -2.74
N ALA A 97 44.71 26.44 -2.37
CA ALA A 97 45.68 27.48 -2.67
C ALA A 97 46.45 27.90 -1.42
N SER A 98 47.45 27.10 -1.06
CA SER A 98 48.26 27.38 0.12
C SER A 98 49.07 28.66 -0.06
N GLY A 99 49.86 28.70 -1.13
CA GLY A 99 50.67 29.86 -1.41
C GLY A 99 51.33 30.42 -0.15
N PRO A 100 52.47 29.83 0.24
CA PRO A 100 53.21 30.26 1.43
C PRO A 100 53.87 31.61 1.24
N SER A 101 54.50 32.11 2.30
CA SER A 101 55.18 33.41 2.25
C SER A 101 56.03 33.62 3.49
N SER A 102 56.98 34.54 3.40
CA SER A 102 57.86 34.84 4.53
C SER A 102 57.99 36.35 4.73
N GLY A 103 58.60 36.75 5.84
CA GLY A 103 58.77 38.16 6.13
C GLY A 103 60.23 38.56 6.19
N GLY A 1 -21.57 9.50 -0.23
CA GLY A 1 -20.87 10.29 -1.21
C GLY A 1 -20.71 9.57 -2.54
N SER A 2 -21.35 10.09 -3.58
CA SER A 2 -21.28 9.48 -4.90
C SER A 2 -19.85 9.06 -5.23
N SER A 3 -19.71 7.96 -5.96
CA SER A 3 -18.40 7.45 -6.35
C SER A 3 -18.14 7.68 -7.83
N GLY A 4 -17.21 8.59 -8.13
CA GLY A 4 -16.88 8.88 -9.51
C GLY A 4 -15.61 8.21 -9.97
N SER A 5 -14.72 8.98 -10.59
CA SER A 5 -13.46 8.43 -11.08
C SER A 5 -12.29 9.30 -10.63
N SER A 6 -12.24 9.62 -9.34
CA SER A 6 -11.18 10.44 -8.79
C SER A 6 -10.47 9.73 -7.64
N GLY A 7 -9.15 9.63 -7.73
CA GLY A 7 -8.38 8.98 -6.69
C GLY A 7 -7.91 7.60 -7.11
N MET A 8 -6.99 7.55 -8.07
CA MET A 8 -6.46 6.29 -8.56
C MET A 8 -4.97 6.18 -8.28
N ALA A 9 -4.59 5.21 -7.47
CA ALA A 9 -3.18 4.99 -7.12
C ALA A 9 -2.72 3.61 -7.54
N LYS A 10 -1.49 3.53 -8.05
CA LYS A 10 -0.92 2.26 -8.48
C LYS A 10 -0.26 1.52 -7.32
N VAL A 11 -0.87 1.63 -6.14
CA VAL A 11 -0.35 0.98 -4.95
C VAL A 11 -1.22 -0.21 -4.56
N LYS A 12 -0.57 -1.33 -4.24
CA LYS A 12 -1.29 -2.54 -3.85
C LYS A 12 -1.47 -2.60 -2.33
N VAL A 13 -0.46 -2.11 -1.60
CA VAL A 13 -0.51 -2.10 -0.14
C VAL A 13 -1.55 -1.11 0.36
N LEU A 14 -2.37 -1.56 1.31
CA LEU A 14 -3.41 -0.71 1.89
C LEU A 14 -3.02 -0.25 3.29
N PHE A 15 -2.91 1.07 3.46
CA PHE A 15 -2.55 1.64 4.75
C PHE A 15 -3.78 1.81 5.63
N VAL A 16 -3.90 0.94 6.65
CA VAL A 16 -5.04 1.00 7.56
C VAL A 16 -4.64 1.65 8.88
N ARG A 17 -5.42 2.61 9.32
CA ARG A 17 -5.16 3.31 10.58
C ARG A 17 -6.41 3.38 11.45
N ASN A 18 -6.25 3.88 12.67
CA ASN A 18 -7.37 3.99 13.59
C ASN A 18 -7.81 2.61 14.08
N LEU A 19 -6.85 1.74 14.34
CA LEU A 19 -7.15 0.39 14.80
C LEU A 19 -7.41 0.38 16.31
N ALA A 20 -8.13 -0.63 16.78
CA ALA A 20 -8.45 -0.75 18.20
C ALA A 20 -7.44 -1.66 18.90
N ASN A 21 -7.38 -1.55 20.23
CA ASN A 21 -6.47 -2.35 21.02
C ASN A 21 -6.80 -3.84 20.91
N THR A 22 -7.93 -4.13 20.27
CA THR A 22 -8.37 -5.51 20.09
C THR A 22 -8.01 -6.03 18.71
N VAL A 23 -7.55 -5.13 17.84
CA VAL A 23 -7.17 -5.49 16.49
C VAL A 23 -5.75 -6.04 16.44
N THR A 24 -5.55 -7.08 15.62
CA THR A 24 -4.24 -7.69 15.49
C THR A 24 -4.00 -8.16 14.06
N GLU A 25 -2.73 -8.41 13.74
CA GLU A 25 -2.36 -8.87 12.40
C GLU A 25 -3.37 -9.88 11.87
N GLU A 26 -3.66 -10.89 12.68
CA GLU A 26 -4.61 -11.94 12.29
C GLU A 26 -5.92 -11.32 11.83
N ILE A 27 -6.49 -10.45 12.66
CA ILE A 27 -7.75 -9.80 12.34
C ILE A 27 -7.65 -9.00 11.04
N LEU A 28 -6.44 -8.52 10.75
CA LEU A 28 -6.20 -7.75 9.53
C LEU A 28 -6.16 -8.66 8.31
N GLU A 29 -5.71 -9.89 8.51
CA GLU A 29 -5.63 -10.86 7.43
C GLU A 29 -7.00 -11.40 7.06
N LYS A 30 -7.62 -12.12 8.00
CA LYS A 30 -8.94 -12.68 7.78
C LYS A 30 -9.91 -11.63 7.25
N ALA A 31 -9.79 -10.41 7.77
CA ALA A 31 -10.66 -9.31 7.34
C ALA A 31 -10.34 -8.90 5.91
N PHE A 32 -9.07 -8.67 5.63
CA PHE A 32 -8.63 -8.26 4.30
C PHE A 32 -8.31 -9.48 3.43
N SER A 33 -8.75 -10.65 3.88
CA SER A 33 -8.50 -11.89 3.16
C SER A 33 -9.73 -12.29 2.35
N GLN A 34 -10.87 -12.35 3.02
CA GLN A 34 -12.12 -12.72 2.37
C GLN A 34 -12.21 -12.14 0.96
N PHE A 35 -11.73 -10.91 0.81
CA PHE A 35 -11.75 -10.23 -0.49
C PHE A 35 -10.86 -10.96 -1.49
N GLY A 36 -9.56 -11.01 -1.19
CA GLY A 36 -8.62 -11.67 -2.07
C GLY A 36 -7.40 -12.18 -1.34
N LYS A 37 -6.69 -13.12 -1.97
CA LYS A 37 -5.49 -13.70 -1.36
C LYS A 37 -4.57 -12.60 -0.83
N LEU A 38 -4.16 -12.75 0.42
CA LEU A 38 -3.27 -11.77 1.05
C LEU A 38 -1.83 -12.24 1.01
N GLU A 39 -0.90 -11.30 1.09
CA GLU A 39 0.53 -11.62 1.06
C GLU A 39 1.11 -11.60 2.47
N ARG A 40 0.86 -10.52 3.20
CA ARG A 40 1.36 -10.37 4.56
C ARG A 40 0.75 -9.16 5.25
N VAL A 41 0.90 -9.09 6.56
CA VAL A 41 0.35 -7.98 7.34
C VAL A 41 1.36 -7.50 8.39
N LYS A 42 1.60 -6.20 8.42
CA LYS A 42 2.54 -5.61 9.37
C LYS A 42 1.83 -4.63 10.29
N LYS A 43 1.68 -5.02 11.56
CA LYS A 43 1.02 -4.17 12.54
C LYS A 43 1.99 -3.14 13.10
N LEU A 44 1.46 -1.96 13.42
CA LEU A 44 2.29 -0.88 13.96
C LEU A 44 1.66 -0.32 15.24
N LYS A 45 2.27 0.74 15.77
CA LYS A 45 1.77 1.38 16.98
C LYS A 45 0.24 1.32 17.04
N ASP A 46 -0.41 2.05 16.13
CA ASP A 46 -1.86 2.08 16.08
C ASP A 46 -2.37 1.63 14.71
N TYR A 47 -1.64 2.00 13.67
CA TYR A 47 -2.01 1.64 12.31
C TYR A 47 -1.30 0.36 11.87
N ALA A 48 -1.50 0.00 10.60
CA ALA A 48 -0.86 -1.20 10.06
C ALA A 48 -0.96 -1.22 8.54
N PHE A 49 -0.12 -2.03 7.91
CA PHE A 49 -0.10 -2.14 6.45
C PHE A 49 -0.63 -3.51 6.01
N ILE A 50 -1.45 -3.52 4.97
CA ILE A 50 -2.01 -4.76 4.45
C ILE A 50 -1.45 -5.07 3.07
N HIS A 51 -0.61 -6.11 3.00
CA HIS A 51 -0.01 -6.53 1.74
C HIS A 51 -0.89 -7.53 1.02
N PHE A 52 -1.30 -7.20 -0.20
CA PHE A 52 -2.15 -8.08 -1.00
C PHE A 52 -1.33 -8.81 -2.05
N ASP A 53 -1.77 -10.02 -2.39
CA ASP A 53 -1.07 -10.82 -3.39
C ASP A 53 -1.23 -10.22 -4.78
N GLU A 54 -2.36 -9.57 -5.01
CA GLU A 54 -2.63 -8.94 -6.30
C GLU A 54 -3.12 -7.50 -6.12
N ARG A 55 -2.90 -6.69 -7.14
CA ARG A 55 -3.30 -5.29 -7.10
C ARG A 55 -4.81 -5.16 -6.86
N ASP A 56 -5.57 -6.07 -7.46
CA ASP A 56 -7.02 -6.06 -7.32
C ASP A 56 -7.42 -6.38 -5.88
N GLY A 57 -6.98 -7.54 -5.39
CA GLY A 57 -7.31 -7.94 -4.04
C GLY A 57 -7.36 -6.76 -3.08
N ALA A 58 -6.54 -5.76 -3.34
CA ALA A 58 -6.50 -4.56 -2.50
C ALA A 58 -7.63 -3.61 -2.84
N VAL A 59 -7.57 -3.03 -4.04
CA VAL A 59 -8.60 -2.10 -4.48
C VAL A 59 -9.98 -2.50 -3.98
N LYS A 60 -10.21 -3.80 -3.91
CA LYS A 60 -11.50 -4.33 -3.45
C LYS A 60 -11.64 -4.15 -1.94
N ALA A 61 -10.73 -4.77 -1.19
CA ALA A 61 -10.75 -4.68 0.27
C ALA A 61 -10.61 -3.23 0.72
N MET A 62 -10.13 -2.38 -0.17
CA MET A 62 -9.94 -0.96 0.14
C MET A 62 -11.28 -0.22 0.14
N GLU A 63 -11.95 -0.21 -1.00
CA GLU A 63 -13.24 0.46 -1.13
C GLU A 63 -14.34 -0.33 -0.43
N GLU A 64 -13.98 -1.51 0.08
CA GLU A 64 -14.94 -2.37 0.76
C GLU A 64 -14.79 -2.23 2.28
N MET A 65 -13.58 -2.00 2.74
CA MET A 65 -13.31 -1.86 4.16
C MET A 65 -13.15 -0.38 4.54
N ASN A 66 -12.45 0.36 3.68
CA ASN A 66 -12.22 1.79 3.92
C ASN A 66 -13.42 2.42 4.62
N GLY A 67 -13.19 2.90 5.84
CA GLY A 67 -14.27 3.53 6.60
C GLY A 67 -15.22 2.51 7.20
N LYS A 68 -14.70 1.33 7.52
CA LYS A 68 -15.51 0.27 8.10
C LYS A 68 -15.31 0.19 9.61
N ASP A 69 -16.39 -0.06 10.33
CA ASP A 69 -16.34 -0.16 11.78
C ASP A 69 -15.65 -1.46 12.21
N LEU A 70 -14.38 -1.36 12.58
CA LEU A 70 -13.61 -2.52 13.00
C LEU A 70 -13.39 -2.50 14.51
N GLU A 71 -13.97 -3.47 15.21
CA GLU A 71 -13.83 -3.56 16.66
C GLU A 71 -14.39 -2.30 17.33
N GLY A 72 -15.35 -1.66 16.69
CA GLY A 72 -15.95 -0.46 17.23
C GLY A 72 -15.19 0.79 16.85
N GLU A 73 -14.35 0.69 15.83
CA GLU A 73 -13.56 1.83 15.36
C GLU A 73 -13.49 1.85 13.83
N ASN A 74 -13.97 2.94 13.25
CA ASN A 74 -13.96 3.09 11.80
C ASN A 74 -12.54 3.32 11.28
N ILE A 75 -11.92 2.26 10.77
CA ILE A 75 -10.57 2.35 10.24
C ILE A 75 -10.55 3.03 8.89
N GLU A 76 -9.45 3.72 8.59
CA GLU A 76 -9.30 4.42 7.31
C GLU A 76 -8.23 3.77 6.45
N ILE A 77 -8.58 3.46 5.21
CA ILE A 77 -7.65 2.83 4.29
C ILE A 77 -7.27 3.78 3.15
N VAL A 78 -5.98 3.94 2.92
CA VAL A 78 -5.48 4.82 1.87
C VAL A 78 -4.26 4.22 1.18
N PHE A 79 -4.26 4.24 -0.15
CA PHE A 79 -3.14 3.71 -0.92
C PHE A 79 -1.82 4.28 -0.44
N ALA A 80 -1.00 3.44 0.18
CA ALA A 80 0.30 3.87 0.70
C ALA A 80 1.25 4.20 -0.45
N LYS A 81 2.27 5.01 -0.15
CA LYS A 81 3.24 5.42 -1.15
C LYS A 81 4.48 4.52 -1.08
N PRO A 82 5.09 4.25 -2.25
CA PRO A 82 6.29 3.42 -2.34
C PRO A 82 7.52 4.11 -1.76
N PRO A 83 8.46 3.30 -1.25
CA PRO A 83 9.70 3.81 -0.65
C PRO A 83 10.63 4.41 -1.69
N ASP A 84 11.00 5.67 -1.49
CA ASP A 84 11.89 6.36 -2.41
C ASP A 84 11.30 6.39 -3.82
N GLN A 85 10.05 6.81 -3.93
CA GLN A 85 9.38 6.88 -5.21
C GLN A 85 10.30 7.45 -6.28
N LYS A 86 10.99 8.54 -5.94
CA LYS A 86 11.91 9.18 -6.86
C LYS A 86 13.26 9.44 -6.20
N ARG A 87 14.28 8.69 -6.63
CA ARG A 87 15.62 8.83 -6.08
C ARG A 87 16.24 10.15 -6.49
N LYS A 88 16.60 10.96 -5.50
CA LYS A 88 17.21 12.26 -5.77
C LYS A 88 18.21 12.64 -4.68
N GLU A 89 19.42 12.98 -5.08
CA GLU A 89 20.46 13.36 -4.12
C GLU A 89 21.60 14.09 -4.82
N ARG A 90 22.17 15.08 -4.14
CA ARG A 90 23.27 15.86 -4.70
C ARG A 90 24.23 16.32 -3.59
N LYS A 91 25.50 15.96 -3.75
CA LYS A 91 26.51 16.32 -2.76
C LYS A 91 27.57 17.24 -3.39
N ALA A 92 27.69 18.45 -2.85
CA ALA A 92 28.65 19.41 -3.36
C ALA A 92 29.20 20.28 -2.23
N GLN A 93 30.52 20.25 -2.05
CA GLN A 93 31.16 21.03 -1.01
C GLN A 93 32.34 21.82 -1.56
N ARG A 94 32.92 22.68 -0.73
CA ARG A 94 34.06 23.49 -1.15
C ARG A 94 34.76 24.09 0.07
N GLN A 95 36.08 23.96 0.11
CA GLN A 95 36.88 24.49 1.22
C GLN A 95 37.54 25.80 0.82
N ALA A 96 37.81 26.66 1.81
CA ALA A 96 38.44 27.94 1.57
C ALA A 96 39.59 28.18 2.55
N ALA A 97 40.54 29.01 2.14
CA ALA A 97 41.70 29.32 2.98
C ALA A 97 42.14 30.76 2.78
N SER A 98 43.00 31.24 3.68
CA SER A 98 43.50 32.61 3.60
C SER A 98 44.67 32.81 4.58
N GLY A 99 45.38 33.92 4.41
CA GLY A 99 46.50 34.22 5.28
C GLY A 99 46.73 35.70 5.46
N PRO A 100 46.00 36.30 6.42
CA PRO A 100 46.10 37.73 6.72
C PRO A 100 47.43 38.10 7.36
N SER A 101 47.75 39.39 7.34
CA SER A 101 49.01 39.87 7.91
C SER A 101 48.74 40.86 9.06
N SER A 102 47.86 41.82 8.79
CA SER A 102 47.51 42.84 9.78
C SER A 102 46.34 43.69 9.30
N GLY A 103 45.64 44.30 10.25
CA GLY A 103 44.50 45.14 9.90
C GLY A 103 43.71 44.60 8.73
N GLY A 1 -16.07 3.65 1.05
CA GLY A 1 -16.46 4.70 1.97
C GLY A 1 -17.66 5.49 1.46
N SER A 2 -17.48 6.18 0.34
CA SER A 2 -18.55 6.98 -0.23
C SER A 2 -18.28 7.28 -1.70
N SER A 3 -19.23 7.91 -2.37
CA SER A 3 -19.11 8.25 -3.77
C SER A 3 -18.20 9.47 -3.97
N GLY A 4 -17.08 9.27 -4.67
CA GLY A 4 -16.15 10.35 -4.91
C GLY A 4 -14.72 9.89 -4.96
N SER A 5 -14.40 9.07 -5.97
CA SER A 5 -13.05 8.55 -6.12
C SER A 5 -12.48 8.91 -7.50
N SER A 6 -11.17 9.08 -7.56
CA SER A 6 -10.50 9.44 -8.81
C SER A 6 -8.98 9.26 -8.69
N GLY A 7 -8.37 8.73 -9.73
CA GLY A 7 -6.93 8.51 -9.73
C GLY A 7 -6.55 7.15 -10.29
N MET A 8 -5.58 7.15 -11.19
CA MET A 8 -5.11 5.92 -11.82
C MET A 8 -3.83 5.43 -11.15
N ALA A 9 -3.98 4.59 -10.13
CA ALA A 9 -2.83 4.04 -9.42
C ALA A 9 -2.91 2.52 -9.32
N LYS A 10 -1.76 1.87 -9.14
CA LYS A 10 -1.70 0.43 -9.02
C LYS A 10 -1.00 0.00 -7.75
N VAL A 11 -1.52 0.44 -6.61
CA VAL A 11 -0.93 0.11 -5.31
C VAL A 11 -1.53 -1.16 -4.75
N LYS A 12 -0.69 -2.07 -4.29
CA LYS A 12 -1.14 -3.33 -3.72
C LYS A 12 -1.18 -3.25 -2.19
N VAL A 13 -0.33 -2.40 -1.62
CA VAL A 13 -0.27 -2.24 -0.18
C VAL A 13 -1.31 -1.23 0.30
N LEU A 14 -2.14 -1.64 1.25
CA LEU A 14 -3.18 -0.77 1.79
C LEU A 14 -2.78 -0.26 3.18
N PHE A 15 -2.90 1.06 3.36
CA PHE A 15 -2.55 1.68 4.63
C PHE A 15 -3.79 1.85 5.51
N VAL A 16 -3.87 1.03 6.56
CA VAL A 16 -5.00 1.08 7.48
C VAL A 16 -4.61 1.73 8.80
N ARG A 17 -5.41 2.69 9.24
CA ARG A 17 -5.14 3.39 10.50
C ARG A 17 -6.39 3.43 11.37
N ASN A 18 -6.21 3.81 12.64
CA ASN A 18 -7.32 3.89 13.57
C ASN A 18 -7.78 2.50 13.99
N LEU A 19 -6.84 1.69 14.47
CA LEU A 19 -7.15 0.32 14.90
C LEU A 19 -7.38 0.27 16.40
N ALA A 20 -8.29 -0.60 16.82
CA ALA A 20 -8.61 -0.76 18.25
C ALA A 20 -7.58 -1.64 18.94
N ASN A 21 -7.55 -1.57 20.27
CA ASN A 21 -6.62 -2.36 21.05
C ASN A 21 -6.93 -3.85 20.95
N THR A 22 -8.02 -4.17 20.25
CA THR A 22 -8.43 -5.56 20.07
C THR A 22 -8.12 -6.04 18.66
N VAL A 23 -7.43 -5.21 17.88
CA VAL A 23 -7.07 -5.56 16.52
C VAL A 23 -5.67 -6.17 16.46
N THR A 24 -5.53 -7.22 15.66
CA THR A 24 -4.25 -7.90 15.51
C THR A 24 -4.03 -8.35 14.07
N GLU A 25 -2.76 -8.58 13.71
CA GLU A 25 -2.42 -9.01 12.37
C GLU A 25 -3.40 -10.08 11.87
N GLU A 26 -3.76 -11.00 12.76
CA GLU A 26 -4.68 -12.07 12.42
C GLU A 26 -6.01 -11.50 11.92
N ILE A 27 -6.54 -10.54 12.66
CA ILE A 27 -7.81 -9.91 12.29
C ILE A 27 -7.69 -9.14 10.99
N LEU A 28 -6.49 -8.63 10.72
CA LEU A 28 -6.24 -7.88 9.49
C LEU A 28 -6.20 -8.80 8.28
N GLU A 29 -5.75 -10.03 8.50
CA GLU A 29 -5.65 -11.01 7.43
C GLU A 29 -7.04 -11.50 7.01
N LYS A 30 -7.70 -12.23 7.92
CA LYS A 30 -9.03 -12.76 7.65
C LYS A 30 -9.95 -11.66 7.14
N ALA A 31 -9.84 -10.47 7.72
CA ALA A 31 -10.66 -9.33 7.32
C ALA A 31 -10.35 -8.91 5.89
N PHE A 32 -9.05 -8.69 5.62
CA PHE A 32 -8.63 -8.27 4.29
C PHE A 32 -8.31 -9.48 3.41
N SER A 33 -8.75 -10.66 3.86
CA SER A 33 -8.51 -11.89 3.12
C SER A 33 -9.74 -12.29 2.30
N GLN A 34 -10.87 -12.45 3.00
CA GLN A 34 -12.11 -12.84 2.35
C GLN A 34 -12.22 -12.20 0.96
N PHE A 35 -11.78 -10.94 0.85
CA PHE A 35 -11.83 -10.22 -0.41
C PHE A 35 -10.92 -10.88 -1.45
N GLY A 36 -9.62 -10.85 -1.18
CA GLY A 36 -8.67 -11.45 -2.10
C GLY A 36 -7.47 -12.03 -1.39
N LYS A 37 -6.71 -12.87 -2.09
CA LYS A 37 -5.53 -13.50 -1.52
C LYS A 37 -4.59 -12.45 -0.94
N LEU A 38 -4.15 -12.69 0.29
CA LEU A 38 -3.25 -11.76 0.98
C LEU A 38 -1.81 -12.26 0.90
N GLU A 39 -0.86 -11.34 1.08
CA GLU A 39 0.55 -11.69 1.04
C GLU A 39 1.17 -11.64 2.43
N ARG A 40 0.85 -10.58 3.18
CA ARG A 40 1.37 -10.42 4.53
C ARG A 40 0.74 -9.22 5.21
N VAL A 41 0.88 -9.14 6.54
CA VAL A 41 0.31 -8.04 7.31
C VAL A 41 1.32 -7.52 8.32
N LYS A 42 1.46 -6.20 8.39
CA LYS A 42 2.39 -5.57 9.32
C LYS A 42 1.64 -4.65 10.30
N LYS A 43 1.81 -4.90 11.59
CA LYS A 43 1.16 -4.10 12.62
C LYS A 43 2.09 -3.01 13.13
N LEU A 44 1.53 -1.86 13.48
CA LEU A 44 2.31 -0.74 13.98
C LEU A 44 1.66 -0.14 15.22
N LYS A 45 2.24 0.96 15.70
CA LYS A 45 1.70 1.64 16.88
C LYS A 45 0.18 1.52 16.95
N ASP A 46 -0.49 2.19 16.02
CA ASP A 46 -1.95 2.15 15.97
C ASP A 46 -2.44 1.66 14.61
N TYR A 47 -1.73 2.04 13.56
CA TYR A 47 -2.09 1.65 12.21
C TYR A 47 -1.39 0.35 11.81
N ALA A 48 -1.58 -0.07 10.57
CA ALA A 48 -0.96 -1.28 10.07
C ALA A 48 -1.09 -1.38 8.54
N PHE A 49 -0.09 -1.98 7.91
CA PHE A 49 -0.09 -2.14 6.46
C PHE A 49 -0.62 -3.51 6.07
N ILE A 50 -1.37 -3.56 4.97
CA ILE A 50 -1.95 -4.80 4.49
C ILE A 50 -1.43 -5.14 3.09
N HIS A 51 -0.53 -6.13 3.02
CA HIS A 51 0.04 -6.54 1.74
C HIS A 51 -0.88 -7.54 1.05
N PHE A 52 -1.30 -7.19 -0.17
CA PHE A 52 -2.17 -8.06 -0.95
C PHE A 52 -1.40 -8.79 -2.04
N ASP A 53 -1.87 -9.98 -2.41
CA ASP A 53 -1.23 -10.77 -3.43
C ASP A 53 -1.19 -10.03 -4.76
N GLU A 54 -2.24 -9.27 -5.04
CA GLU A 54 -2.32 -8.51 -6.27
C GLU A 54 -2.94 -7.13 -6.03
N ARG A 55 -2.59 -6.17 -6.87
CA ARG A 55 -3.10 -4.81 -6.74
C ARG A 55 -4.62 -4.81 -6.67
N ASP A 56 -5.24 -5.81 -7.28
CA ASP A 56 -6.69 -5.92 -7.28
C ASP A 56 -7.21 -6.27 -5.90
N GLY A 57 -6.81 -7.44 -5.40
CA GLY A 57 -7.24 -7.88 -4.09
C GLY A 57 -7.35 -6.74 -3.10
N ALA A 58 -6.53 -5.71 -3.30
CA ALA A 58 -6.53 -4.55 -2.41
C ALA A 58 -7.66 -3.60 -2.76
N VAL A 59 -7.67 -3.13 -4.00
CA VAL A 59 -8.70 -2.21 -4.47
C VAL A 59 -10.06 -2.58 -3.90
N LYS A 60 -10.34 -3.88 -3.82
CA LYS A 60 -11.60 -4.37 -3.29
C LYS A 60 -11.67 -4.17 -1.78
N ALA A 61 -10.80 -4.85 -1.05
CA ALA A 61 -10.76 -4.75 0.40
C ALA A 61 -10.57 -3.30 0.84
N MET A 62 -10.14 -2.46 -0.09
CA MET A 62 -9.91 -1.05 0.20
C MET A 62 -11.23 -0.28 0.21
N GLU A 63 -11.90 -0.24 -0.94
CA GLU A 63 -13.17 0.47 -1.04
C GLU A 63 -14.29 -0.32 -0.38
N GLU A 64 -13.95 -1.48 0.17
CA GLU A 64 -14.93 -2.33 0.83
C GLU A 64 -14.85 -2.16 2.35
N MET A 65 -13.63 -1.96 2.85
CA MET A 65 -13.41 -1.79 4.28
C MET A 65 -13.17 -0.33 4.62
N ASN A 66 -12.46 0.37 3.74
CA ASN A 66 -12.15 1.78 3.94
C ASN A 66 -13.30 2.49 4.67
N GLY A 67 -13.14 2.71 5.96
CA GLY A 67 -14.16 3.37 6.74
C GLY A 67 -15.12 2.39 7.39
N LYS A 68 -14.64 1.20 7.69
CA LYS A 68 -15.45 0.17 8.32
C LYS A 68 -15.30 0.19 9.83
N ASP A 69 -16.37 -0.16 10.54
CA ASP A 69 -16.35 -0.19 12.00
C ASP A 69 -15.63 -1.43 12.51
N LEU A 70 -14.30 -1.38 12.52
CA LEU A 70 -13.49 -2.50 12.99
C LEU A 70 -13.25 -2.40 14.49
N GLU A 71 -13.77 -3.37 15.24
CA GLU A 71 -13.60 -3.40 16.68
C GLU A 71 -14.24 -2.17 17.32
N GLY A 72 -15.23 -1.60 16.65
CA GLY A 72 -15.90 -0.43 17.16
C GLY A 72 -15.19 0.86 16.80
N GLU A 73 -14.36 0.80 15.76
CA GLU A 73 -13.61 1.98 15.32
C GLU A 73 -13.56 2.04 13.79
N ASN A 74 -14.00 3.17 13.24
CA ASN A 74 -14.00 3.36 11.79
C ASN A 74 -12.58 3.53 11.26
N ILE A 75 -12.01 2.45 10.75
CA ILE A 75 -10.65 2.50 10.21
C ILE A 75 -10.62 3.19 8.86
N GLU A 76 -9.47 3.78 8.52
CA GLU A 76 -9.31 4.48 7.25
C GLU A 76 -8.25 3.80 6.39
N ILE A 77 -8.63 3.48 5.15
CA ILE A 77 -7.71 2.83 4.22
C ILE A 77 -7.37 3.75 3.06
N VAL A 78 -6.07 3.97 2.84
CA VAL A 78 -5.61 4.82 1.76
C VAL A 78 -4.42 4.21 1.05
N PHE A 79 -4.46 4.21 -0.29
CA PHE A 79 -3.38 3.65 -1.09
C PHE A 79 -2.02 4.23 -0.66
N ALA A 80 -1.20 3.39 -0.06
CA ALA A 80 0.12 3.81 0.40
C ALA A 80 1.03 4.15 -0.78
N LYS A 81 2.23 4.63 -0.48
CA LYS A 81 3.19 4.99 -1.51
C LYS A 81 4.26 3.91 -1.65
N PRO A 82 4.71 3.69 -2.90
CA PRO A 82 5.73 2.69 -3.21
C PRO A 82 7.12 3.10 -2.67
N PRO A 83 8.00 2.11 -2.53
CA PRO A 83 9.37 2.33 -2.04
C PRO A 83 10.23 3.10 -3.04
N ASP A 84 11.50 3.27 -2.71
CA ASP A 84 12.43 3.98 -3.58
C ASP A 84 12.83 3.12 -4.77
N GLN A 85 12.10 3.27 -5.87
CA GLN A 85 12.38 2.50 -7.07
C GLN A 85 13.06 3.36 -8.13
N LYS A 86 14.39 3.45 -8.04
CA LYS A 86 15.17 4.23 -8.98
C LYS A 86 15.04 3.68 -10.40
N ARG A 87 13.92 3.97 -11.05
CA ARG A 87 13.67 3.51 -12.40
C ARG A 87 14.26 4.47 -13.43
N LYS A 88 15.36 4.07 -14.04
CA LYS A 88 16.02 4.91 -15.05
C LYS A 88 16.39 4.08 -16.28
N GLU A 89 16.51 4.75 -17.42
CA GLU A 89 16.87 4.08 -18.66
C GLU A 89 17.95 4.85 -19.41
N ARG A 90 19.12 4.23 -19.55
CA ARG A 90 20.23 4.86 -20.25
C ARG A 90 21.34 3.85 -20.52
N LYS A 91 21.86 3.87 -21.75
CA LYS A 91 22.92 2.95 -22.14
C LYS A 91 24.18 3.72 -22.55
N ALA A 92 25.32 3.32 -21.99
CA ALA A 92 26.59 3.97 -22.29
C ALA A 92 27.64 2.95 -22.72
N GLN A 93 28.00 2.99 -24.01
CA GLN A 93 28.99 2.06 -24.55
C GLN A 93 30.30 2.78 -24.83
N ARG A 94 30.67 3.71 -23.96
CA ARG A 94 31.91 4.46 -24.12
C ARG A 94 32.72 4.46 -22.82
N GLN A 95 33.52 3.42 -22.63
CA GLN A 95 34.35 3.30 -21.44
C GLN A 95 35.83 3.23 -21.80
N ALA A 96 36.14 2.43 -22.82
CA ALA A 96 37.52 2.28 -23.27
C ALA A 96 38.41 1.77 -22.14
N ALA A 97 37.95 0.72 -21.46
CA ALA A 97 38.71 0.13 -20.37
C ALA A 97 39.34 -1.18 -20.79
N SER A 98 38.55 -2.06 -21.42
CA SER A 98 39.03 -3.35 -21.86
C SER A 98 38.89 -3.49 -23.38
N GLY A 99 39.89 -3.00 -24.11
CA GLY A 99 39.85 -3.08 -25.56
C GLY A 99 41.04 -3.86 -26.12
N PRO A 100 41.36 -3.60 -27.40
CA PRO A 100 42.47 -4.28 -28.08
C PRO A 100 43.83 -3.84 -27.54
N SER A 101 44.31 -4.54 -26.53
CA SER A 101 45.60 -4.22 -25.93
C SER A 101 46.54 -5.43 -26.00
N SER A 102 47.74 -5.26 -25.44
CA SER A 102 48.73 -6.33 -25.44
C SER A 102 49.92 -5.97 -24.54
N GLY A 103 50.52 -6.98 -23.94
CA GLY A 103 51.65 -6.76 -23.06
C GLY A 103 51.26 -6.68 -21.60
N GLY A 1 -20.33 18.60 2.35
CA GLY A 1 -21.28 18.30 1.29
C GLY A 1 -20.63 18.18 -0.07
N SER A 2 -19.89 17.10 -0.28
CA SER A 2 -19.21 16.88 -1.55
C SER A 2 -18.75 15.43 -1.67
N SER A 3 -18.75 14.92 -2.89
CA SER A 3 -18.34 13.54 -3.15
C SER A 3 -17.97 13.35 -4.62
N GLY A 4 -17.18 12.31 -4.89
CA GLY A 4 -16.77 12.03 -6.25
C GLY A 4 -15.37 12.53 -6.55
N SER A 5 -14.42 11.61 -6.65
CA SER A 5 -13.03 11.97 -6.93
C SER A 5 -12.32 10.84 -7.67
N SER A 6 -11.25 11.19 -8.39
CA SER A 6 -10.48 10.20 -9.14
C SER A 6 -9.62 9.36 -8.20
N GLY A 7 -9.29 8.15 -8.66
CA GLY A 7 -8.47 7.26 -7.84
C GLY A 7 -7.50 6.44 -8.68
N MET A 8 -6.60 7.12 -9.37
CA MET A 8 -5.62 6.45 -10.21
C MET A 8 -4.37 6.10 -9.42
N ALA A 9 -4.37 4.90 -8.83
CA ALA A 9 -3.23 4.44 -8.05
C ALA A 9 -2.92 2.97 -8.32
N LYS A 10 -1.67 2.69 -8.66
CA LYS A 10 -1.24 1.33 -8.95
C LYS A 10 -0.54 0.71 -7.75
N VAL A 11 -1.09 0.93 -6.56
CA VAL A 11 -0.51 0.39 -5.33
C VAL A 11 -1.30 -0.81 -4.84
N LYS A 12 -0.58 -1.84 -4.39
CA LYS A 12 -1.21 -3.05 -3.88
C LYS A 12 -1.32 -3.01 -2.37
N VAL A 13 -0.37 -2.34 -1.72
CA VAL A 13 -0.36 -2.23 -0.26
C VAL A 13 -1.37 -1.21 0.21
N LEU A 14 -2.18 -1.59 1.20
CA LEU A 14 -3.20 -0.70 1.74
C LEU A 14 -2.82 -0.24 3.15
N PHE A 15 -2.83 1.08 3.34
CA PHE A 15 -2.48 1.66 4.64
C PHE A 15 -3.73 1.83 5.51
N VAL A 16 -3.83 0.99 6.55
CA VAL A 16 -4.98 1.05 7.45
C VAL A 16 -4.60 1.74 8.76
N ARG A 17 -5.45 2.64 9.22
CA ARG A 17 -5.21 3.37 10.47
C ARG A 17 -6.47 3.40 11.33
N ASN A 18 -6.30 3.78 12.59
CA ASN A 18 -7.42 3.85 13.52
C ASN A 18 -7.86 2.45 13.95
N LEU A 19 -6.90 1.66 14.42
CA LEU A 19 -7.19 0.30 14.86
C LEU A 19 -7.39 0.25 16.37
N ALA A 20 -8.47 -0.41 16.80
CA ALA A 20 -8.77 -0.54 18.22
C ALA A 20 -7.59 -1.13 18.98
N ASN A 21 -7.78 -1.35 20.27
CA ASN A 21 -6.73 -1.90 21.12
C ASN A 21 -6.78 -3.44 21.12
N THR A 22 -7.66 -3.99 20.29
CA THR A 22 -7.82 -5.43 20.19
C THR A 22 -7.57 -5.91 18.77
N VAL A 23 -7.00 -5.05 17.94
CA VAL A 23 -6.71 -5.39 16.55
C VAL A 23 -5.32 -6.02 16.42
N THR A 24 -5.24 -7.05 15.59
CA THR A 24 -3.98 -7.76 15.37
C THR A 24 -3.84 -8.20 13.92
N GLU A 25 -2.64 -8.62 13.54
CA GLU A 25 -2.38 -9.07 12.18
C GLU A 25 -3.40 -10.12 11.76
N GLU A 26 -3.68 -11.06 12.66
CA GLU A 26 -4.65 -12.12 12.38
C GLU A 26 -6.00 -11.53 11.97
N ILE A 27 -6.42 -10.48 12.67
CA ILE A 27 -7.69 -9.83 12.39
C ILE A 27 -7.64 -9.09 11.05
N LEU A 28 -6.52 -8.42 10.80
CA LEU A 28 -6.35 -7.67 9.56
C LEU A 28 -6.38 -8.60 8.35
N GLU A 29 -5.88 -9.82 8.55
CA GLU A 29 -5.85 -10.81 7.47
C GLU A 29 -7.26 -11.26 7.09
N LYS A 30 -7.86 -12.06 7.97
CA LYS A 30 -9.21 -12.56 7.72
C LYS A 30 -10.11 -11.46 7.16
N ALA A 31 -9.95 -10.26 7.68
CA ALA A 31 -10.74 -9.12 7.23
C ALA A 31 -10.41 -8.75 5.79
N PHE A 32 -9.13 -8.52 5.52
CA PHE A 32 -8.67 -8.16 4.18
C PHE A 32 -8.35 -9.41 3.36
N SER A 33 -8.82 -10.56 3.84
CA SER A 33 -8.59 -11.82 3.16
C SER A 33 -9.83 -12.24 2.36
N GLN A 34 -10.97 -12.28 3.03
CA GLN A 34 -12.23 -12.65 2.38
C GLN A 34 -12.30 -12.08 0.97
N PHE A 35 -11.82 -10.86 0.81
CA PHE A 35 -11.83 -10.19 -0.49
C PHE A 35 -10.95 -10.94 -1.50
N GLY A 36 -9.66 -11.00 -1.19
CA GLY A 36 -8.73 -11.68 -2.08
C GLY A 36 -7.53 -12.24 -1.34
N LYS A 37 -6.74 -13.06 -2.03
CA LYS A 37 -5.55 -13.66 -1.43
C LYS A 37 -4.65 -12.59 -0.83
N LEU A 38 -4.20 -12.82 0.40
CA LEU A 38 -3.32 -11.89 1.09
C LEU A 38 -1.87 -12.35 1.05
N GLU A 39 -0.95 -11.43 1.27
CA GLU A 39 0.47 -11.75 1.25
C GLU A 39 1.07 -11.67 2.65
N ARG A 40 0.77 -10.57 3.35
CA ARG A 40 1.28 -10.37 4.70
C ARG A 40 0.65 -9.12 5.34
N VAL A 41 0.77 -9.02 6.66
CA VAL A 41 0.22 -7.89 7.38
C VAL A 41 1.22 -7.35 8.40
N LYS A 42 1.42 -6.03 8.36
CA LYS A 42 2.36 -5.38 9.27
C LYS A 42 1.62 -4.51 10.28
N LYS A 43 1.58 -4.95 11.53
CA LYS A 43 0.90 -4.21 12.59
C LYS A 43 1.84 -3.19 13.22
N LEU A 44 1.32 -1.98 13.46
CA LEU A 44 2.11 -0.91 14.07
C LEU A 44 1.42 -0.36 15.31
N LYS A 45 2.00 0.69 15.88
CA LYS A 45 1.44 1.31 17.07
C LYS A 45 -0.08 1.24 17.06
N ASP A 46 -0.69 1.96 16.13
CA ASP A 46 -2.15 1.98 16.01
C ASP A 46 -2.58 1.55 14.61
N TYR A 47 -1.81 1.95 13.61
CA TYR A 47 -2.11 1.61 12.23
C TYR A 47 -1.39 0.34 11.80
N ALA A 48 -1.55 -0.04 10.54
CA ALA A 48 -0.91 -1.23 10.01
C ALA A 48 -0.97 -1.25 8.48
N PHE A 49 -0.08 -2.03 7.87
CA PHE A 49 -0.02 -2.14 6.42
C PHE A 49 -0.49 -3.53 5.95
N ILE A 50 -1.39 -3.53 4.97
CA ILE A 50 -1.91 -4.79 4.44
C ILE A 50 -1.30 -5.10 3.08
N HIS A 51 -0.55 -6.20 3.01
CA HIS A 51 0.09 -6.60 1.75
C HIS A 51 -0.80 -7.60 1.01
N PHE A 52 -1.28 -7.19 -0.16
CA PHE A 52 -2.14 -8.04 -0.98
C PHE A 52 -1.33 -8.75 -2.05
N ASP A 53 -1.73 -9.98 -2.37
CA ASP A 53 -1.05 -10.77 -3.38
C ASP A 53 -1.13 -10.11 -4.75
N GLU A 54 -2.25 -9.42 -4.99
CA GLU A 54 -2.47 -8.74 -6.27
C GLU A 54 -2.94 -7.31 -6.05
N ARG A 55 -2.66 -6.44 -7.01
CA ARG A 55 -3.06 -5.04 -6.92
C ARG A 55 -4.58 -4.92 -6.86
N ASP A 56 -5.27 -5.84 -7.50
CA ASP A 56 -6.73 -5.84 -7.52
C ASP A 56 -7.29 -6.21 -6.15
N GLY A 57 -6.81 -7.33 -5.60
CA GLY A 57 -7.27 -7.77 -4.30
C GLY A 57 -7.37 -6.64 -3.30
N ALA A 58 -6.48 -5.65 -3.43
CA ALA A 58 -6.48 -4.51 -2.53
C ALA A 58 -7.60 -3.54 -2.86
N VAL A 59 -7.54 -2.97 -4.06
CA VAL A 59 -8.56 -2.01 -4.50
C VAL A 59 -9.93 -2.39 -3.97
N LYS A 60 -10.20 -3.69 -3.90
CA LYS A 60 -11.48 -4.17 -3.41
C LYS A 60 -11.58 -4.01 -1.90
N ALA A 61 -10.75 -4.74 -1.16
CA ALA A 61 -10.74 -4.66 0.29
C ALA A 61 -10.55 -3.22 0.77
N MET A 62 -10.07 -2.37 -0.13
CA MET A 62 -9.85 -0.96 0.20
C MET A 62 -11.16 -0.18 0.21
N GLU A 63 -11.83 -0.14 -0.93
CA GLU A 63 -13.10 0.57 -1.04
C GLU A 63 -14.23 -0.24 -0.44
N GLU A 64 -13.91 -1.44 0.04
CA GLU A 64 -14.90 -2.32 0.65
C GLU A 64 -14.83 -2.25 2.18
N MET A 65 -13.65 -1.90 2.69
CA MET A 65 -13.46 -1.80 4.13
C MET A 65 -13.23 -0.34 4.54
N ASN A 66 -12.50 0.39 3.72
CA ASN A 66 -12.21 1.80 3.99
C ASN A 66 -13.38 2.47 4.68
N GLY A 67 -13.36 2.47 6.01
CA GLY A 67 -14.43 3.09 6.78
C GLY A 67 -15.30 2.07 7.47
N LYS A 68 -14.75 0.89 7.72
CA LYS A 68 -15.49 -0.17 8.39
C LYS A 68 -15.30 -0.10 9.91
N ASP A 69 -16.34 -0.48 10.65
CA ASP A 69 -16.30 -0.46 12.10
C ASP A 69 -15.53 -1.66 12.64
N LEU A 70 -14.20 -1.56 12.62
CA LEU A 70 -13.35 -2.64 13.11
C LEU A 70 -13.07 -2.48 14.59
N GLU A 71 -13.56 -3.42 15.39
CA GLU A 71 -13.35 -3.39 16.84
C GLU A 71 -14.01 -2.15 17.44
N GLY A 72 -15.06 -1.66 16.80
CA GLY A 72 -15.76 -0.49 17.28
C GLY A 72 -15.08 0.80 16.87
N GLU A 73 -14.26 0.73 15.83
CA GLU A 73 -13.55 1.91 15.34
C GLU A 73 -13.52 1.93 13.82
N ASN A 74 -14.04 3.01 13.24
CA ASN A 74 -14.06 3.15 11.78
C ASN A 74 -12.67 3.35 11.22
N ILE A 75 -12.05 2.26 10.77
CA ILE A 75 -10.70 2.31 10.21
C ILE A 75 -10.71 2.97 8.83
N GLU A 76 -9.62 3.64 8.51
CA GLU A 76 -9.49 4.32 7.21
C GLU A 76 -8.38 3.70 6.38
N ILE A 77 -8.68 3.39 5.13
CA ILE A 77 -7.71 2.79 4.23
C ILE A 77 -7.29 3.77 3.14
N VAL A 78 -6.00 3.80 2.83
CA VAL A 78 -5.47 4.69 1.80
C VAL A 78 -4.25 4.07 1.12
N PHE A 79 -4.24 4.15 -0.21
CA PHE A 79 -3.14 3.61 -0.99
C PHE A 79 -1.80 4.17 -0.51
N ALA A 80 -1.00 3.33 0.14
CA ALA A 80 0.29 3.74 0.64
C ALA A 80 1.28 3.98 -0.50
N LYS A 81 2.33 4.75 -0.22
CA LYS A 81 3.34 5.05 -1.22
C LYS A 81 4.35 3.92 -1.34
N PRO A 82 4.87 3.70 -2.56
CA PRO A 82 5.86 2.66 -2.82
C PRO A 82 7.22 2.96 -2.19
N PRO A 83 8.05 1.92 -2.08
CA PRO A 83 9.40 2.06 -1.50
C PRO A 83 10.35 2.86 -2.39
N ASP A 84 11.55 3.09 -1.90
CA ASP A 84 12.55 3.85 -2.66
C ASP A 84 12.95 3.09 -3.92
N GLN A 85 12.97 3.80 -5.05
CA GLN A 85 13.33 3.20 -6.32
C GLN A 85 14.23 4.14 -7.13
N LYS A 86 14.96 3.57 -8.08
CA LYS A 86 15.85 4.35 -8.93
C LYS A 86 16.36 3.52 -10.10
N ARG A 87 16.36 4.13 -11.29
CA ARG A 87 16.82 3.44 -12.49
C ARG A 87 17.65 4.38 -13.37
N LYS A 88 18.60 3.82 -14.09
CA LYS A 88 19.46 4.60 -14.98
C LYS A 88 20.07 3.73 -16.06
N GLU A 89 20.33 4.32 -17.22
CA GLU A 89 20.92 3.59 -18.34
C GLU A 89 22.00 4.42 -19.02
N ARG A 90 23.13 3.78 -19.31
CA ARG A 90 24.25 4.47 -19.96
C ARG A 90 24.78 3.65 -21.13
N LYS A 91 24.93 4.29 -22.28
CA LYS A 91 25.44 3.61 -23.47
C LYS A 91 26.68 4.32 -24.01
N ALA A 92 27.78 3.57 -24.10
CA ALA A 92 29.03 4.12 -24.60
C ALA A 92 29.90 3.02 -25.21
N GLN A 93 31.01 3.43 -25.83
CA GLN A 93 31.93 2.49 -26.46
C GLN A 93 33.19 3.19 -26.91
N ARG A 94 34.22 2.40 -27.21
CA ARG A 94 35.50 2.95 -27.66
C ARG A 94 36.30 1.89 -28.42
N GLN A 95 37.34 2.34 -29.13
CA GLN A 95 38.19 1.44 -29.90
C GLN A 95 39.55 1.28 -29.24
N ALA A 96 39.87 0.06 -28.83
CA ALA A 96 41.14 -0.22 -28.18
C ALA A 96 42.22 -0.53 -29.22
N ALA A 97 43.48 -0.56 -28.77
CA ALA A 97 44.60 -0.84 -29.66
C ALA A 97 45.77 -1.41 -28.89
N SER A 98 46.86 -1.71 -29.60
CA SER A 98 48.05 -2.26 -28.98
C SER A 98 49.32 -1.69 -29.62
N GLY A 99 50.47 -2.02 -29.04
CA GLY A 99 51.73 -1.54 -29.57
C GLY A 99 52.83 -1.50 -28.51
N PRO A 100 54.07 -1.75 -28.94
CA PRO A 100 55.23 -1.76 -28.04
C PRO A 100 55.58 -0.36 -27.54
N SER A 101 56.49 -0.29 -26.59
CA SER A 101 56.92 0.98 -26.02
C SER A 101 58.43 1.15 -26.13
N SER A 102 59.16 0.24 -25.49
CA SER A 102 60.62 0.28 -25.50
C SER A 102 61.13 1.66 -25.06
N GLY A 103 60.51 2.20 -24.02
CA GLY A 103 60.92 3.51 -23.51
C GLY A 103 61.09 4.53 -24.62
N GLY A 1 -19.81 0.49 -0.26
CA GLY A 1 -20.26 0.52 -1.63
C GLY A 1 -20.50 1.92 -2.14
N SER A 2 -19.42 2.69 -2.27
CA SER A 2 -19.51 4.06 -2.74
C SER A 2 -18.48 4.33 -3.83
N SER A 3 -18.96 4.84 -4.97
CA SER A 3 -18.07 5.15 -6.09
C SER A 3 -17.16 6.33 -5.78
N GLY A 4 -16.11 6.48 -6.57
CA GLY A 4 -15.18 7.58 -6.35
C GLY A 4 -13.76 7.10 -6.11
N SER A 5 -13.17 6.46 -7.12
CA SER A 5 -11.81 5.95 -7.02
C SER A 5 -10.84 6.83 -7.77
N SER A 6 -10.02 7.57 -7.03
CA SER A 6 -9.03 8.47 -7.64
C SER A 6 -8.21 7.72 -8.69
N GLY A 7 -7.64 6.58 -8.30
CA GLY A 7 -6.84 5.80 -9.23
C GLY A 7 -5.58 6.53 -9.66
N MET A 8 -4.75 6.90 -8.69
CA MET A 8 -3.50 7.61 -8.98
C MET A 8 -2.42 6.64 -9.44
N ALA A 9 -2.24 5.56 -8.69
CA ALA A 9 -1.24 4.55 -9.02
C ALA A 9 -1.81 3.14 -8.89
N LYS A 10 -0.95 2.14 -9.06
CA LYS A 10 -1.36 0.75 -8.97
C LYS A 10 -0.82 0.11 -7.69
N VAL A 11 -0.87 0.85 -6.59
CA VAL A 11 -0.39 0.36 -5.30
C VAL A 11 -1.15 -0.88 -4.87
N LYS A 12 -0.45 -1.83 -4.28
CA LYS A 12 -1.05 -3.08 -3.81
C LYS A 12 -1.24 -3.05 -2.29
N VAL A 13 -0.33 -2.38 -1.61
CA VAL A 13 -0.40 -2.28 -0.15
C VAL A 13 -1.39 -1.20 0.29
N LEU A 14 -2.21 -1.53 1.28
CA LEU A 14 -3.20 -0.59 1.79
C LEU A 14 -2.85 -0.13 3.20
N PHE A 15 -2.82 1.18 3.39
CA PHE A 15 -2.49 1.76 4.69
C PHE A 15 -3.75 1.92 5.54
N VAL A 16 -3.84 1.16 6.62
CA VAL A 16 -4.98 1.22 7.52
C VAL A 16 -4.60 1.81 8.87
N ARG A 17 -5.43 2.71 9.37
CA ARG A 17 -5.18 3.35 10.66
C ARG A 17 -6.42 3.34 11.53
N ASN A 18 -6.27 3.72 12.80
CA ASN A 18 -7.38 3.75 13.73
C ASN A 18 -7.78 2.34 14.14
N LEU A 19 -6.78 1.51 14.43
CA LEU A 19 -7.03 0.13 14.85
C LEU A 19 -7.33 0.06 16.34
N ALA A 20 -8.45 -0.58 16.68
CA ALA A 20 -8.85 -0.74 18.08
C ALA A 20 -7.69 -1.25 18.92
N ASN A 21 -7.94 -1.40 20.22
CA ASN A 21 -6.92 -1.89 21.14
C ASN A 21 -6.87 -3.41 21.15
N THR A 22 -7.80 -4.02 20.43
CA THR A 22 -7.87 -5.48 20.36
C THR A 22 -7.67 -5.97 18.92
N VAL A 23 -7.03 -5.14 18.10
CA VAL A 23 -6.76 -5.48 16.72
C VAL A 23 -5.36 -6.05 16.55
N THR A 24 -5.25 -7.12 15.76
CA THR A 24 -3.97 -7.76 15.51
C THR A 24 -3.79 -8.10 14.04
N GLU A 25 -2.63 -8.64 13.70
CA GLU A 25 -2.34 -9.02 12.32
C GLU A 25 -3.34 -10.04 11.80
N GLU A 26 -3.69 -11.00 12.66
CA GLU A 26 -4.64 -12.04 12.29
C GLU A 26 -5.97 -11.44 11.86
N ILE A 27 -6.47 -10.50 12.65
CA ILE A 27 -7.74 -9.84 12.36
C ILE A 27 -7.65 -9.04 11.06
N LEU A 28 -6.46 -8.53 10.77
CA LEU A 28 -6.26 -7.74 9.56
C LEU A 28 -6.23 -8.63 8.33
N GLU A 29 -5.86 -9.89 8.52
CA GLU A 29 -5.79 -10.85 7.42
C GLU A 29 -7.17 -11.42 7.11
N LYS A 30 -7.73 -12.15 8.08
CA LYS A 30 -9.04 -12.75 7.91
C LYS A 30 -10.07 -11.72 7.46
N ALA A 31 -9.80 -10.45 7.78
CA ALA A 31 -10.69 -9.36 7.40
C ALA A 31 -10.42 -8.90 5.97
N PHE A 32 -9.15 -8.74 5.64
CA PHE A 32 -8.75 -8.31 4.31
C PHE A 32 -8.49 -9.51 3.39
N SER A 33 -8.86 -10.70 3.87
CA SER A 33 -8.67 -11.91 3.09
C SER A 33 -9.93 -12.27 2.32
N GLN A 34 -11.05 -12.37 3.03
CA GLN A 34 -12.32 -12.71 2.41
C GLN A 34 -12.42 -12.12 1.01
N PHE A 35 -11.85 -10.94 0.83
CA PHE A 35 -11.87 -10.26 -0.46
C PHE A 35 -10.97 -10.97 -1.45
N GLY A 36 -9.66 -10.90 -1.21
CA GLY A 36 -8.70 -11.53 -2.10
C GLY A 36 -7.50 -12.08 -1.36
N LYS A 37 -6.73 -12.93 -2.03
CA LYS A 37 -5.54 -13.52 -1.43
C LYS A 37 -4.61 -12.45 -0.89
N LEU A 38 -4.16 -12.62 0.34
CA LEU A 38 -3.26 -11.67 0.97
C LEU A 38 -1.81 -12.17 0.94
N GLU A 39 -0.86 -11.24 1.00
CA GLU A 39 0.55 -11.58 0.98
C GLU A 39 1.15 -11.56 2.38
N ARG A 40 0.78 -10.53 3.15
CA ARG A 40 1.29 -10.39 4.51
C ARG A 40 0.62 -9.20 5.21
N VAL A 41 0.84 -9.09 6.52
CA VAL A 41 0.27 -7.99 7.29
C VAL A 41 1.26 -7.48 8.33
N LYS A 42 1.51 -6.18 8.30
CA LYS A 42 2.45 -5.55 9.23
C LYS A 42 1.71 -4.63 10.20
N LYS A 43 1.86 -4.88 11.49
CA LYS A 43 1.21 -4.07 12.52
C LYS A 43 2.18 -3.03 13.07
N LEU A 44 1.65 -1.84 13.37
CA LEU A 44 2.46 -0.76 13.91
C LEU A 44 1.83 -0.17 15.17
N LYS A 45 2.42 0.90 15.68
CA LYS A 45 1.93 1.54 16.89
C LYS A 45 0.41 1.43 16.98
N ASP A 46 -0.30 2.17 16.12
CA ASP A 46 -1.75 2.15 16.10
C ASP A 46 -2.26 1.69 14.74
N TYR A 47 -1.55 2.08 13.68
CA TYR A 47 -1.94 1.72 12.33
C TYR A 47 -1.21 0.46 11.87
N ALA A 48 -1.47 0.04 10.63
CA ALA A 48 -0.84 -1.15 10.08
C ALA A 48 -0.90 -1.13 8.56
N PHE A 49 -0.13 -2.02 7.93
CA PHE A 49 -0.09 -2.10 6.48
C PHE A 49 -0.57 -3.47 6.00
N ILE A 50 -1.56 -3.48 5.11
CA ILE A 50 -2.10 -4.72 4.58
C ILE A 50 -1.53 -5.03 3.20
N HIS A 51 -0.70 -6.07 3.14
CA HIS A 51 -0.07 -6.47 1.88
C HIS A 51 -0.93 -7.51 1.16
N PHE A 52 -1.35 -7.19 -0.06
CA PHE A 52 -2.18 -8.08 -0.85
C PHE A 52 -1.34 -8.81 -1.89
N ASP A 53 -1.81 -9.98 -2.31
CA ASP A 53 -1.10 -10.78 -3.31
C ASP A 53 -1.17 -10.11 -4.68
N GLU A 54 -2.29 -9.44 -4.95
CA GLU A 54 -2.49 -8.77 -6.23
C GLU A 54 -3.01 -7.35 -6.01
N ARG A 55 -2.77 -6.48 -7.00
CA ARG A 55 -3.21 -5.10 -6.92
C ARG A 55 -4.74 -5.02 -6.82
N ASP A 56 -5.42 -5.96 -7.46
CA ASP A 56 -6.87 -5.99 -7.43
C ASP A 56 -7.39 -6.38 -6.05
N GLY A 57 -6.88 -7.48 -5.52
CA GLY A 57 -7.30 -7.93 -4.20
C GLY A 57 -7.41 -6.80 -3.20
N ALA A 58 -6.55 -5.80 -3.35
CA ALA A 58 -6.56 -4.64 -2.46
C ALA A 58 -7.70 -3.69 -2.81
N VAL A 59 -7.63 -3.11 -3.99
CA VAL A 59 -8.66 -2.17 -4.44
C VAL A 59 -10.03 -2.59 -3.95
N LYS A 60 -10.25 -3.88 -3.83
CA LYS A 60 -11.53 -4.42 -3.36
C LYS A 60 -11.67 -4.22 -1.85
N ALA A 61 -10.78 -4.84 -1.09
CA ALA A 61 -10.82 -4.74 0.36
C ALA A 61 -10.64 -3.29 0.81
N MET A 62 -10.19 -2.44 -0.11
CA MET A 62 -9.98 -1.03 0.19
C MET A 62 -11.30 -0.27 0.19
N GLU A 63 -11.98 -0.28 -0.95
CA GLU A 63 -13.26 0.41 -1.09
C GLU A 63 -14.37 -0.34 -0.34
N GLU A 64 -14.02 -1.49 0.22
CA GLU A 64 -14.97 -2.31 0.96
C GLU A 64 -14.82 -2.10 2.46
N MET A 65 -13.57 -1.99 2.91
CA MET A 65 -13.29 -1.79 4.33
C MET A 65 -13.00 -0.32 4.62
N ASN A 66 -12.65 0.43 3.59
CA ASN A 66 -12.35 1.85 3.74
C ASN A 66 -13.37 2.53 4.64
N GLY A 67 -12.89 3.08 5.75
CA GLY A 67 -13.78 3.76 6.68
C GLY A 67 -14.90 2.87 7.18
N LYS A 68 -14.59 1.59 7.38
CA LYS A 68 -15.57 0.62 7.85
C LYS A 68 -15.43 0.40 9.35
N ASP A 69 -16.54 0.06 10.00
CA ASP A 69 -16.54 -0.20 11.44
C ASP A 69 -15.83 -1.51 11.76
N LEU A 70 -14.62 -1.41 12.30
CA LEU A 70 -13.83 -2.59 12.63
C LEU A 70 -13.53 -2.62 14.13
N GLU A 71 -14.07 -3.63 14.82
CA GLU A 71 -13.85 -3.78 16.26
C GLU A 71 -14.36 -2.55 17.01
N GLY A 72 -15.49 -1.99 16.54
CA GLY A 72 -16.05 -0.83 17.17
C GLY A 72 -15.31 0.45 16.84
N GLU A 73 -14.40 0.36 15.88
CA GLU A 73 -13.62 1.51 15.45
C GLU A 73 -13.53 1.59 13.94
N ASN A 74 -13.94 2.73 13.38
CA ASN A 74 -13.91 2.94 11.94
C ASN A 74 -12.50 3.17 11.44
N ILE A 75 -11.93 2.17 10.79
CA ILE A 75 -10.57 2.27 10.27
C ILE A 75 -10.55 2.97 8.91
N GLU A 76 -9.48 3.71 8.65
CA GLU A 76 -9.34 4.44 7.39
C GLU A 76 -8.26 3.79 6.52
N ILE A 77 -8.62 3.51 5.26
CA ILE A 77 -7.69 2.90 4.33
C ILE A 77 -7.30 3.89 3.23
N VAL A 78 -6.02 3.84 2.82
CA VAL A 78 -5.53 4.72 1.77
C VAL A 78 -4.29 4.12 1.10
N PHE A 79 -4.27 4.17 -0.23
CA PHE A 79 -3.14 3.64 -0.99
C PHE A 79 -1.83 4.23 -0.51
N ALA A 80 -1.00 3.40 0.12
CA ALA A 80 0.29 3.84 0.63
C ALA A 80 1.24 4.20 -0.52
N LYS A 81 2.24 5.03 -0.21
CA LYS A 81 3.21 5.44 -1.21
C LYS A 81 4.40 4.48 -1.26
N PRO A 82 4.93 4.25 -2.46
CA PRO A 82 6.07 3.34 -2.66
C PRO A 82 7.37 3.92 -2.09
N PRO A 83 8.25 3.02 -1.61
CA PRO A 83 9.53 3.42 -1.04
C PRO A 83 10.50 3.96 -2.08
N ASP A 84 10.50 3.34 -3.26
CA ASP A 84 11.37 3.76 -4.35
C ASP A 84 10.95 3.10 -5.66
N GLN A 85 10.72 3.94 -6.67
CA GLN A 85 10.31 3.44 -7.98
C GLN A 85 11.53 3.11 -8.84
N LYS A 86 11.68 1.83 -9.17
CA LYS A 86 12.79 1.37 -9.98
C LYS A 86 12.30 0.75 -11.28
N ARG A 87 13.14 0.77 -12.31
CA ARG A 87 12.79 0.20 -13.60
C ARG A 87 13.99 0.22 -14.54
N LYS A 88 14.40 -0.97 -14.99
CA LYS A 88 15.54 -1.09 -15.90
C LYS A 88 15.71 -2.54 -16.35
N GLU A 89 16.21 -2.72 -17.57
CA GLU A 89 16.43 -4.05 -18.12
C GLU A 89 17.92 -4.38 -18.20
N ARG A 90 18.24 -5.54 -18.75
CA ARG A 90 19.62 -5.96 -18.89
C ARG A 90 19.83 -6.78 -20.17
N LYS A 91 21.07 -6.85 -20.63
CA LYS A 91 21.39 -7.60 -21.84
C LYS A 91 21.86 -9.01 -21.48
N ALA A 92 21.34 -10.00 -22.21
CA ALA A 92 21.71 -11.40 -21.98
C ALA A 92 22.86 -11.81 -22.90
N GLN A 93 23.42 -12.99 -22.64
CA GLN A 93 24.52 -13.50 -23.44
C GLN A 93 24.48 -15.03 -23.50
N ARG A 94 25.47 -15.61 -24.16
CA ARG A 94 25.56 -17.06 -24.30
C ARG A 94 26.90 -17.59 -23.80
N GLN A 95 27.01 -18.90 -23.71
CA GLN A 95 28.25 -19.53 -23.24
C GLN A 95 28.26 -21.02 -23.56
N ALA A 96 29.18 -21.42 -24.43
CA ALA A 96 29.28 -22.83 -24.82
C ALA A 96 30.25 -23.58 -23.91
N ALA A 97 30.36 -24.88 -24.11
CA ALA A 97 31.25 -25.70 -23.30
C ALA A 97 31.38 -27.11 -23.89
N SER A 98 32.28 -27.90 -23.32
CA SER A 98 32.51 -29.27 -23.80
C SER A 98 33.45 -30.01 -22.86
N GLY A 99 33.44 -31.34 -22.97
CA GLY A 99 34.30 -32.15 -22.13
C GLY A 99 34.03 -33.64 -22.28
N PRO A 100 34.65 -34.25 -23.30
CA PRO A 100 34.50 -35.68 -23.58
C PRO A 100 35.16 -36.56 -22.52
N SER A 101 35.16 -37.87 -22.76
CA SER A 101 35.75 -38.81 -21.82
C SER A 101 35.78 -40.22 -22.42
N SER A 102 36.38 -41.15 -21.69
CA SER A 102 36.48 -42.53 -22.13
C SER A 102 36.40 -43.50 -20.95
N GLY A 103 36.20 -44.78 -21.26
CA GLY A 103 36.11 -45.78 -20.21
C GLY A 103 34.71 -45.93 -19.66
N GLY A 1 -23.39 9.82 -10.83
CA GLY A 1 -22.43 10.47 -11.70
C GLY A 1 -21.07 9.80 -11.67
N SER A 2 -20.56 9.45 -12.85
CA SER A 2 -19.26 8.79 -12.95
C SER A 2 -18.64 9.03 -14.32
N SER A 3 -17.31 8.98 -14.39
CA SER A 3 -16.59 9.19 -15.64
C SER A 3 -15.12 8.82 -15.49
N GLY A 4 -14.69 7.82 -16.27
CA GLY A 4 -13.31 7.39 -16.21
C GLY A 4 -12.87 7.01 -14.81
N SER A 5 -11.58 7.06 -14.55
CA SER A 5 -11.04 6.72 -13.24
C SER A 5 -10.21 7.87 -12.68
N SER A 6 -10.71 8.46 -11.60
CA SER A 6 -10.02 9.58 -10.96
C SER A 6 -9.06 9.09 -9.88
N GLY A 7 -7.80 9.48 -10.00
CA GLY A 7 -6.80 9.07 -9.02
C GLY A 7 -6.41 7.61 -9.19
N MET A 8 -6.07 7.22 -10.41
CA MET A 8 -5.68 5.84 -10.69
C MET A 8 -4.34 5.51 -10.03
N ALA A 9 -4.31 4.41 -9.28
CA ALA A 9 -3.09 3.99 -8.60
C ALA A 9 -2.83 2.51 -8.81
N LYS A 10 -1.57 2.11 -8.67
CA LYS A 10 -1.19 0.71 -8.84
C LYS A 10 -0.57 0.15 -7.57
N VAL A 11 -0.97 0.70 -6.43
CA VAL A 11 -0.46 0.25 -5.14
C VAL A 11 -1.21 -0.98 -4.64
N LYS A 12 -0.46 -2.00 -4.23
CA LYS A 12 -1.06 -3.23 -3.74
C LYS A 12 -1.18 -3.21 -2.22
N VAL A 13 -0.33 -2.41 -1.57
CA VAL A 13 -0.34 -2.29 -0.12
C VAL A 13 -1.39 -1.28 0.33
N LEU A 14 -2.13 -1.63 1.38
CA LEU A 14 -3.17 -0.77 1.91
C LEU A 14 -2.80 -0.27 3.31
N PHE A 15 -2.87 1.04 3.50
CA PHE A 15 -2.55 1.64 4.79
C PHE A 15 -3.79 1.80 5.66
N VAL A 16 -3.88 0.97 6.70
CA VAL A 16 -5.02 1.00 7.61
C VAL A 16 -4.65 1.64 8.94
N ARG A 17 -5.42 2.64 9.35
CA ARG A 17 -5.17 3.33 10.60
C ARG A 17 -6.41 3.35 11.48
N ASN A 18 -6.27 3.83 12.71
CA ASN A 18 -7.38 3.90 13.64
C ASN A 18 -7.78 2.51 14.11
N LEU A 19 -6.79 1.66 14.34
CA LEU A 19 -7.04 0.29 14.79
C LEU A 19 -7.36 0.26 16.28
N ALA A 20 -8.53 -0.27 16.62
CA ALA A 20 -8.95 -0.36 18.01
C ALA A 20 -7.87 -1.00 18.88
N ASN A 21 -8.07 -0.99 20.19
CA ASN A 21 -7.11 -1.56 21.12
C ASN A 21 -7.30 -3.07 21.24
N THR A 22 -8.05 -3.64 20.30
CA THR A 22 -8.31 -5.08 20.31
C THR A 22 -8.06 -5.68 18.93
N VAL A 23 -7.31 -4.97 18.11
CA VAL A 23 -6.99 -5.45 16.75
C VAL A 23 -5.63 -6.12 16.72
N THR A 24 -5.43 -6.97 15.70
CA THR A 24 -4.16 -7.68 15.55
C THR A 24 -3.94 -8.10 14.10
N GLU A 25 -2.71 -8.48 13.79
CA GLU A 25 -2.37 -8.90 12.43
C GLU A 25 -3.37 -9.94 11.92
N GLU A 26 -3.70 -10.91 12.77
CA GLU A 26 -4.64 -11.96 12.41
C GLU A 26 -5.97 -11.37 11.97
N ILE A 27 -6.47 -10.41 12.75
CA ILE A 27 -7.73 -9.76 12.44
C ILE A 27 -7.66 -8.98 11.13
N LEU A 28 -6.47 -8.47 10.82
CA LEU A 28 -6.26 -7.71 9.59
C LEU A 28 -6.24 -8.63 8.38
N GLU A 29 -5.86 -9.89 8.61
CA GLU A 29 -5.79 -10.87 7.54
C GLU A 29 -7.16 -11.46 7.24
N LYS A 30 -7.71 -12.20 8.20
CA LYS A 30 -9.02 -12.82 8.05
C LYS A 30 -10.05 -11.80 7.58
N ALA A 31 -9.77 -10.53 7.84
CA ALA A 31 -10.67 -9.45 7.44
C ALA A 31 -10.40 -9.01 6.01
N PHE A 32 -9.12 -8.83 5.69
CA PHE A 32 -8.73 -8.40 4.35
C PHE A 32 -8.42 -9.61 3.46
N SER A 33 -8.78 -10.79 3.95
CA SER A 33 -8.55 -12.01 3.20
C SER A 33 -9.81 -12.48 2.49
N GLN A 34 -10.97 -12.06 3.01
CA GLN A 34 -12.25 -12.43 2.43
C GLN A 34 -12.39 -11.85 1.02
N PHE A 35 -11.78 -10.69 0.80
CA PHE A 35 -11.83 -10.04 -0.50
C PHE A 35 -10.93 -10.75 -1.52
N GLY A 36 -9.63 -10.76 -1.23
CA GLY A 36 -8.69 -11.40 -2.11
C GLY A 36 -7.50 -11.98 -1.37
N LYS A 37 -6.77 -12.89 -2.02
CA LYS A 37 -5.61 -13.53 -1.42
C LYS A 37 -4.65 -12.47 -0.87
N LEU A 38 -4.25 -12.65 0.39
CA LEU A 38 -3.33 -11.72 1.03
C LEU A 38 -1.89 -12.25 0.99
N GLU A 39 -0.94 -11.34 1.04
CA GLU A 39 0.47 -11.71 1.00
C GLU A 39 1.09 -11.67 2.41
N ARG A 40 0.75 -10.63 3.15
CA ARG A 40 1.28 -10.47 4.51
C ARG A 40 0.62 -9.27 5.20
N VAL A 41 0.77 -9.20 6.52
CA VAL A 41 0.20 -8.11 7.30
C VAL A 41 1.19 -7.59 8.34
N LYS A 42 1.47 -6.30 8.30
CA LYS A 42 2.39 -5.68 9.23
C LYS A 42 1.69 -4.63 10.08
N LYS A 43 1.49 -4.96 11.36
CA LYS A 43 0.83 -4.04 12.28
C LYS A 43 1.85 -3.11 12.94
N LEU A 44 1.46 -1.85 13.10
CA LEU A 44 2.33 -0.85 13.72
C LEU A 44 1.71 -0.30 15.00
N LYS A 45 2.37 0.71 15.58
CA LYS A 45 1.88 1.32 16.80
C LYS A 45 0.36 1.30 16.86
N ASP A 46 -0.27 2.09 16.00
CA ASP A 46 -1.73 2.15 15.95
C ASP A 46 -2.25 1.71 14.59
N TYR A 47 -1.54 2.09 13.53
CA TYR A 47 -1.93 1.73 12.17
C TYR A 47 -1.25 0.43 11.75
N ALA A 48 -1.46 0.06 10.48
CA ALA A 48 -0.87 -1.16 9.94
C ALA A 48 -0.88 -1.14 8.42
N PHE A 49 -0.15 -2.08 7.81
CA PHE A 49 -0.07 -2.18 6.36
C PHE A 49 -0.55 -3.54 5.88
N ILE A 50 -1.56 -3.54 5.03
CA ILE A 50 -2.11 -4.79 4.49
C ILE A 50 -1.53 -5.09 3.12
N HIS A 51 -0.72 -6.14 3.04
CA HIS A 51 -0.11 -6.54 1.78
C HIS A 51 -0.99 -7.55 1.04
N PHE A 52 -1.34 -7.22 -0.20
CA PHE A 52 -2.17 -8.09 -1.02
C PHE A 52 -1.35 -8.80 -2.08
N ASP A 53 -1.80 -9.98 -2.49
CA ASP A 53 -1.11 -10.75 -3.51
C ASP A 53 -1.17 -10.06 -4.86
N GLU A 54 -2.28 -9.40 -5.13
CA GLU A 54 -2.47 -8.69 -6.40
C GLU A 54 -2.95 -7.26 -6.15
N ARG A 55 -2.65 -6.38 -7.09
CA ARG A 55 -3.04 -4.97 -6.98
C ARG A 55 -4.56 -4.84 -6.89
N ASP A 56 -5.26 -5.75 -7.57
CA ASP A 56 -6.72 -5.73 -7.58
C ASP A 56 -7.27 -6.14 -6.21
N GLY A 57 -6.80 -7.27 -5.70
CA GLY A 57 -7.25 -7.75 -4.41
C GLY A 57 -7.35 -6.64 -3.38
N ALA A 58 -6.46 -5.66 -3.47
CA ALA A 58 -6.46 -4.53 -2.55
C ALA A 58 -7.57 -3.54 -2.88
N VAL A 59 -7.55 -3.05 -4.11
CA VAL A 59 -8.56 -2.09 -4.56
C VAL A 59 -9.93 -2.44 -4.00
N LYS A 60 -10.25 -3.72 -3.97
CA LYS A 60 -11.53 -4.20 -3.46
C LYS A 60 -11.61 -4.02 -1.95
N ALA A 61 -10.77 -4.77 -1.22
CA ALA A 61 -10.74 -4.70 0.23
C ALA A 61 -10.53 -3.26 0.70
N MET A 62 -10.06 -2.41 -0.21
CA MET A 62 -9.81 -1.01 0.13
C MET A 62 -11.11 -0.21 0.14
N GLU A 63 -11.77 -0.14 -1.00
CA GLU A 63 -13.03 0.59 -1.12
C GLU A 63 -14.17 -0.20 -0.49
N GLU A 64 -13.86 -1.39 0.02
CA GLU A 64 -14.87 -2.24 0.64
C GLU A 64 -14.81 -2.13 2.16
N MET A 65 -13.60 -1.96 2.69
CA MET A 65 -13.41 -1.84 4.13
C MET A 65 -13.15 -0.38 4.53
N ASN A 66 -12.51 0.36 3.63
CA ASN A 66 -12.21 1.77 3.88
C ASN A 66 -13.33 2.43 4.67
N GLY A 67 -13.14 2.53 5.99
CA GLY A 67 -14.14 3.14 6.84
C GLY A 67 -15.09 2.13 7.45
N LYS A 68 -14.55 0.99 7.84
CA LYS A 68 -15.35 -0.07 8.45
C LYS A 68 -15.21 -0.06 9.96
N ASP A 69 -16.27 -0.44 10.66
CA ASP A 69 -16.26 -0.48 12.12
C ASP A 69 -15.47 -1.69 12.61
N LEU A 70 -14.16 -1.61 12.53
CA LEU A 70 -13.29 -2.70 12.98
C LEU A 70 -13.12 -2.68 14.50
N GLU A 71 -13.70 -3.68 15.16
CA GLU A 71 -13.61 -3.77 16.61
C GLU A 71 -14.28 -2.57 17.28
N GLY A 72 -15.22 -1.97 16.57
CA GLY A 72 -15.92 -0.82 17.11
C GLY A 72 -15.24 0.50 16.76
N GLU A 73 -14.32 0.44 15.81
CA GLU A 73 -13.59 1.63 15.39
C GLU A 73 -13.55 1.74 13.86
N ASN A 74 -13.98 2.88 13.33
CA ASN A 74 -14.00 3.11 11.89
C ASN A 74 -12.59 3.31 11.36
N ILE A 75 -12.00 2.24 10.84
CA ILE A 75 -10.65 2.30 10.29
C ILE A 75 -10.64 2.96 8.92
N GLU A 76 -9.52 3.60 8.57
CA GLU A 76 -9.39 4.27 7.29
C GLU A 76 -8.33 3.60 6.42
N ILE A 77 -8.67 3.33 5.17
CA ILE A 77 -7.75 2.69 4.24
C ILE A 77 -7.38 3.63 3.10
N VAL A 78 -6.08 3.90 2.96
CA VAL A 78 -5.59 4.78 1.90
C VAL A 78 -4.35 4.20 1.23
N PHE A 79 -4.34 4.20 -0.09
CA PHE A 79 -3.22 3.67 -0.86
C PHE A 79 -1.90 4.28 -0.37
N ALA A 80 -1.02 3.43 0.14
CA ALA A 80 0.28 3.89 0.64
C ALA A 80 1.24 4.16 -0.52
N LYS A 81 2.36 4.78 -0.19
CA LYS A 81 3.37 5.10 -1.21
C LYS A 81 4.23 3.89 -1.53
N PRO A 82 4.79 3.87 -2.74
CA PRO A 82 5.64 2.77 -3.20
C PRO A 82 6.98 2.73 -2.47
N PRO A 83 7.52 1.51 -2.28
CA PRO A 83 8.79 1.31 -1.59
C PRO A 83 9.98 1.80 -2.42
N ASP A 84 9.69 2.26 -3.64
CA ASP A 84 10.74 2.76 -4.53
C ASP A 84 10.16 3.72 -5.57
N GLN A 85 11.01 4.23 -6.43
CA GLN A 85 10.58 5.16 -7.47
C GLN A 85 11.34 4.92 -8.77
N LYS A 86 10.62 4.98 -9.89
CA LYS A 86 11.23 4.77 -11.20
C LYS A 86 11.13 6.02 -12.05
N ARG A 87 12.27 6.57 -12.43
CA ARG A 87 12.31 7.78 -13.26
C ARG A 87 13.59 7.84 -14.09
N LYS A 88 13.44 7.80 -15.40
CA LYS A 88 14.57 7.85 -16.31
C LYS A 88 14.12 8.03 -17.76
N GLU A 89 14.90 8.80 -18.52
CA GLU A 89 14.58 9.06 -19.91
C GLU A 89 15.79 9.60 -20.67
N ARG A 90 16.24 8.85 -21.67
CA ARG A 90 17.39 9.26 -22.47
C ARG A 90 17.31 8.68 -23.87
N LYS A 91 17.83 9.43 -24.84
CA LYS A 91 17.82 8.99 -26.23
C LYS A 91 19.15 9.30 -26.92
N ALA A 92 19.26 8.91 -28.18
CA ALA A 92 20.48 9.15 -28.94
C ALA A 92 20.20 9.18 -30.44
N GLN A 93 20.54 10.29 -31.08
CA GLN A 93 20.32 10.45 -32.51
C GLN A 93 21.63 10.78 -33.23
N ARG A 94 21.69 10.44 -34.50
CA ARG A 94 22.89 10.69 -35.31
C ARG A 94 22.59 10.54 -36.80
N GLN A 95 22.50 11.66 -37.50
CA GLN A 95 22.21 11.64 -38.93
C GLN A 95 23.08 12.66 -39.67
N ALA A 96 23.09 12.57 -40.99
CA ALA A 96 23.87 13.48 -41.82
C ALA A 96 23.46 13.40 -43.28
N ALA A 97 23.21 14.57 -43.88
CA ALA A 97 22.80 14.63 -45.28
C ALA A 97 23.08 16.00 -45.88
N SER A 98 23.96 16.04 -46.88
CA SER A 98 24.32 17.29 -47.54
C SER A 98 24.23 17.16 -49.05
N GLY A 99 23.49 18.06 -49.68
CA GLY A 99 23.34 18.03 -51.11
C GLY A 99 23.56 19.39 -51.76
N PRO A 100 24.84 19.72 -52.01
CA PRO A 100 25.21 21.00 -52.62
C PRO A 100 24.81 21.08 -54.08
N SER A 101 24.18 22.20 -54.45
CA SER A 101 23.74 22.40 -55.83
C SER A 101 23.28 21.09 -56.44
N SER A 102 22.50 20.32 -55.69
CA SER A 102 21.99 19.04 -56.16
C SER A 102 20.79 19.24 -57.09
N GLY A 103 21.00 18.97 -58.38
CA GLY A 103 19.92 19.13 -59.34
C GLY A 103 20.19 20.23 -60.35
N GLY A 1 -10.24 20.73 0.21
CA GLY A 1 -10.31 20.49 -1.22
C GLY A 1 -9.24 19.54 -1.70
N SER A 2 -9.20 19.29 -3.01
CA SER A 2 -8.22 18.39 -3.59
C SER A 2 -8.13 18.57 -5.10
N SER A 3 -6.98 19.04 -5.57
CA SER A 3 -6.77 19.28 -7.00
C SER A 3 -5.30 19.13 -7.36
N GLY A 4 -5.03 18.56 -8.52
CA GLY A 4 -3.67 18.37 -8.97
C GLY A 4 -3.52 17.22 -9.94
N SER A 5 -2.50 16.40 -9.74
CA SER A 5 -2.24 15.25 -10.62
C SER A 5 -3.26 14.15 -10.36
N SER A 6 -3.99 13.78 -11.40
CA SER A 6 -5.00 12.73 -11.28
C SER A 6 -4.67 11.54 -12.19
N GLY A 7 -3.79 10.67 -11.71
CA GLY A 7 -3.39 9.52 -12.49
C GLY A 7 -3.66 8.21 -11.76
N MET A 8 -3.50 7.10 -12.47
CA MET A 8 -3.74 5.78 -11.89
C MET A 8 -2.74 5.49 -10.78
N ALA A 9 -3.22 4.92 -9.68
CA ALA A 9 -2.36 4.59 -8.55
C ALA A 9 -2.25 3.08 -8.37
N LYS A 10 -1.37 2.45 -9.14
CA LYS A 10 -1.17 1.02 -9.08
C LYS A 10 -0.48 0.63 -7.76
N VAL A 11 -1.27 0.48 -6.71
CA VAL A 11 -0.74 0.12 -5.40
C VAL A 11 -1.42 -1.13 -4.86
N LYS A 12 -0.62 -2.04 -4.31
CA LYS A 12 -1.15 -3.29 -3.75
C LYS A 12 -1.25 -3.21 -2.23
N VAL A 13 -0.31 -2.47 -1.62
CA VAL A 13 -0.30 -2.31 -0.17
C VAL A 13 -1.33 -1.30 0.28
N LEU A 14 -2.09 -1.65 1.31
CA LEU A 14 -3.13 -0.76 1.84
C LEU A 14 -2.73 -0.24 3.21
N PHE A 15 -2.79 1.09 3.38
CA PHE A 15 -2.44 1.71 4.65
C PHE A 15 -3.68 1.92 5.51
N VAL A 16 -3.85 1.06 6.52
CA VAL A 16 -4.99 1.14 7.42
C VAL A 16 -4.59 1.78 8.75
N ARG A 17 -5.41 2.71 9.21
CA ARG A 17 -5.14 3.40 10.48
C ARG A 17 -6.40 3.45 11.34
N ASN A 18 -6.22 3.83 12.60
CA ASN A 18 -7.35 3.92 13.53
C ASN A 18 -7.78 2.53 13.99
N LEU A 19 -6.83 1.75 14.47
CA LEU A 19 -7.13 0.40 14.94
C LEU A 19 -7.32 0.37 16.46
N ALA A 20 -8.17 -0.53 16.93
CA ALA A 20 -8.43 -0.65 18.35
C ALA A 20 -7.42 -1.57 19.02
N ASN A 21 -7.42 -1.59 20.35
CA ASN A 21 -6.49 -2.43 21.10
C ASN A 21 -6.86 -3.90 20.97
N THR A 22 -7.95 -4.18 20.25
CA THR A 22 -8.40 -5.54 20.05
C THR A 22 -8.10 -6.02 18.63
N VAL A 23 -7.49 -5.14 17.84
CA VAL A 23 -7.15 -5.47 16.46
C VAL A 23 -5.72 -6.00 16.35
N THR A 24 -5.57 -7.13 15.67
CA THR A 24 -4.25 -7.74 15.50
C THR A 24 -4.02 -8.15 14.04
N GLU A 25 -2.77 -8.43 13.72
CA GLU A 25 -2.41 -8.83 12.36
C GLU A 25 -3.37 -9.90 11.83
N GLU A 26 -3.70 -10.85 12.69
CA GLU A 26 -4.61 -11.93 12.32
C GLU A 26 -5.94 -11.38 11.84
N ILE A 27 -6.50 -10.45 12.61
CA ILE A 27 -7.78 -9.85 12.27
C ILE A 27 -7.67 -9.03 10.98
N LEU A 28 -6.49 -8.50 10.72
CA LEU A 28 -6.24 -7.70 9.52
C LEU A 28 -6.17 -8.59 8.28
N GLU A 29 -5.73 -9.83 8.48
CA GLU A 29 -5.61 -10.77 7.37
C GLU A 29 -6.97 -11.36 7.00
N LYS A 30 -7.57 -12.08 7.95
CA LYS A 30 -8.87 -12.69 7.72
C LYS A 30 -9.89 -11.65 7.25
N ALA A 31 -9.77 -10.43 7.77
CA ALA A 31 -10.67 -9.35 7.40
C ALA A 31 -10.41 -8.89 5.96
N PHE A 32 -9.14 -8.71 5.62
CA PHE A 32 -8.77 -8.26 4.29
C PHE A 32 -8.48 -9.46 3.38
N SER A 33 -8.87 -10.64 3.83
CA SER A 33 -8.66 -11.87 3.07
C SER A 33 -9.92 -12.25 2.29
N GLN A 34 -11.03 -12.35 3.00
CA GLN A 34 -12.30 -12.71 2.38
C GLN A 34 -12.43 -12.10 1.00
N PHE A 35 -11.84 -10.92 0.82
CA PHE A 35 -11.89 -10.21 -0.46
C PHE A 35 -11.02 -10.93 -1.49
N GLY A 36 -9.71 -10.92 -1.27
CA GLY A 36 -8.79 -11.57 -2.19
C GLY A 36 -7.59 -12.16 -1.49
N LYS A 37 -6.71 -12.79 -2.27
CA LYS A 37 -5.50 -13.40 -1.72
C LYS A 37 -4.61 -12.35 -1.07
N LEU A 38 -4.19 -12.62 0.16
CA LEU A 38 -3.33 -11.69 0.90
C LEU A 38 -1.87 -12.16 0.87
N GLU A 39 -0.95 -11.21 0.96
CA GLU A 39 0.47 -11.53 0.95
C GLU A 39 1.05 -11.53 2.35
N ARG A 40 0.73 -10.49 3.12
CA ARG A 40 1.21 -10.36 4.49
C ARG A 40 0.57 -9.16 5.19
N VAL A 41 0.76 -9.08 6.50
CA VAL A 41 0.21 -7.98 7.28
C VAL A 41 1.20 -7.51 8.34
N LYS A 42 1.40 -6.20 8.41
CA LYS A 42 2.33 -5.61 9.38
C LYS A 42 1.60 -4.65 10.31
N LYS A 43 1.70 -4.92 11.62
CA LYS A 43 1.05 -4.09 12.62
C LYS A 43 2.03 -3.06 13.17
N LEU A 44 1.52 -1.86 13.45
CA LEU A 44 2.34 -0.78 13.99
C LEU A 44 1.72 -0.19 15.26
N LYS A 45 2.33 0.87 15.78
CA LYS A 45 1.83 1.52 16.99
C LYS A 45 0.31 1.44 17.06
N ASP A 46 -0.36 2.12 16.15
CA ASP A 46 -1.82 2.12 16.10
C ASP A 46 -2.33 1.67 14.74
N TYR A 47 -1.62 2.07 13.68
CA TYR A 47 -2.00 1.72 12.32
C TYR A 47 -1.31 0.43 11.88
N ALA A 48 -1.58 0.01 10.66
CA ALA A 48 -0.97 -1.20 10.11
C ALA A 48 -1.06 -1.22 8.58
N PHE A 49 -0.23 -2.04 7.96
CA PHE A 49 -0.20 -2.14 6.50
C PHE A 49 -0.71 -3.51 6.05
N ILE A 50 -1.55 -3.51 5.02
CA ILE A 50 -2.11 -4.74 4.49
C ILE A 50 -1.53 -5.06 3.11
N HIS A 51 -0.70 -6.10 3.04
CA HIS A 51 -0.09 -6.50 1.78
C HIS A 51 -0.97 -7.51 1.05
N PHE A 52 -1.34 -7.18 -0.18
CA PHE A 52 -2.19 -8.06 -0.99
C PHE A 52 -1.36 -8.76 -2.08
N ASP A 53 -1.67 -10.02 -2.32
CA ASP A 53 -0.97 -10.80 -3.33
C ASP A 53 -1.06 -10.12 -4.69
N GLU A 54 -2.18 -9.47 -4.95
CA GLU A 54 -2.39 -8.78 -6.22
C GLU A 54 -2.90 -7.36 -5.99
N ARG A 55 -2.54 -6.47 -6.90
CA ARG A 55 -2.97 -5.06 -6.80
C ARG A 55 -4.49 -4.96 -6.74
N ASP A 56 -5.16 -5.88 -7.42
CA ASP A 56 -6.63 -5.89 -7.45
C ASP A 56 -7.19 -6.28 -6.08
N GLY A 57 -6.73 -7.41 -5.57
CA GLY A 57 -7.20 -7.88 -4.28
C GLY A 57 -7.33 -6.76 -3.26
N ALA A 58 -6.46 -5.76 -3.37
CA ALA A 58 -6.49 -4.63 -2.46
C ALA A 58 -7.61 -3.66 -2.82
N VAL A 59 -7.58 -3.14 -4.05
CA VAL A 59 -8.59 -2.21 -4.52
C VAL A 59 -9.98 -2.59 -4.01
N LYS A 60 -10.22 -3.89 -3.90
CA LYS A 60 -11.50 -4.41 -3.43
C LYS A 60 -11.63 -4.23 -1.92
N ALA A 61 -10.77 -4.91 -1.17
CA ALA A 61 -10.78 -4.83 0.28
C ALA A 61 -10.59 -3.40 0.75
N MET A 62 -10.13 -2.54 -0.16
CA MET A 62 -9.89 -1.13 0.17
C MET A 62 -11.20 -0.35 0.16
N GLU A 63 -11.85 -0.29 -1.00
CA GLU A 63 -13.10 0.43 -1.14
C GLU A 63 -14.24 -0.34 -0.48
N GLU A 64 -13.91 -1.48 0.11
CA GLU A 64 -14.91 -2.33 0.77
C GLU A 64 -14.88 -2.11 2.29
N MET A 65 -13.67 -2.02 2.84
CA MET A 65 -13.51 -1.82 4.27
C MET A 65 -13.22 -0.36 4.59
N ASN A 66 -12.62 0.35 3.63
CA ASN A 66 -12.28 1.75 3.80
C ASN A 66 -13.36 2.47 4.59
N GLY A 67 -13.18 2.54 5.91
CA GLY A 67 -14.15 3.21 6.76
C GLY A 67 -15.11 2.23 7.41
N LYS A 68 -14.60 1.08 7.83
CA LYS A 68 -15.42 0.06 8.46
C LYS A 68 -15.26 0.10 9.98
N ASP A 69 -16.33 -0.24 10.69
CA ASP A 69 -16.31 -0.25 12.15
C ASP A 69 -15.54 -1.47 12.67
N LEU A 70 -14.21 -1.40 12.62
CA LEU A 70 -13.37 -2.49 13.08
C LEU A 70 -13.19 -2.43 14.60
N GLU A 71 -13.77 -3.39 15.30
CA GLU A 71 -13.67 -3.46 16.76
C GLU A 71 -14.32 -2.23 17.39
N GLY A 72 -15.27 -1.63 16.68
CA GLY A 72 -15.95 -0.46 17.19
C GLY A 72 -15.27 0.83 16.79
N GLU A 73 -14.34 0.73 15.84
CA GLU A 73 -13.62 1.90 15.37
C GLU A 73 -13.60 1.96 13.84
N ASN A 74 -13.97 3.11 13.29
CA ASN A 74 -14.00 3.29 11.85
C ASN A 74 -12.59 3.45 11.29
N ILE A 75 -12.03 2.37 10.79
CA ILE A 75 -10.68 2.39 10.21
C ILE A 75 -10.68 3.03 8.83
N GLU A 76 -9.58 3.71 8.50
CA GLU A 76 -9.45 4.37 7.21
C GLU A 76 -8.37 3.70 6.37
N ILE A 77 -8.72 3.39 5.12
CA ILE A 77 -7.77 2.75 4.20
C ILE A 77 -7.40 3.68 3.06
N VAL A 78 -6.10 3.87 2.86
CA VAL A 78 -5.62 4.73 1.79
C VAL A 78 -4.38 4.15 1.13
N PHE A 79 -4.36 4.16 -0.20
CA PHE A 79 -3.24 3.61 -0.96
C PHE A 79 -1.92 4.21 -0.46
N ALA A 80 -1.12 3.37 0.19
CA ALA A 80 0.17 3.80 0.71
C ALA A 80 1.14 4.16 -0.42
N LYS A 81 2.06 5.08 -0.14
CA LYS A 81 3.04 5.50 -1.13
C LYS A 81 4.14 4.46 -1.30
N PRO A 82 4.62 4.30 -2.54
CA PRO A 82 5.67 3.34 -2.86
C PRO A 82 7.02 3.75 -2.29
N PRO A 83 7.87 2.76 -2.00
CA PRO A 83 9.21 2.99 -1.45
C PRO A 83 10.16 3.63 -2.45
N ASP A 84 10.08 3.17 -3.70
CA ASP A 84 10.93 3.70 -4.76
C ASP A 84 11.05 5.22 -4.65
N GLN A 85 12.24 5.73 -4.95
CA GLN A 85 12.50 7.17 -4.88
C GLN A 85 13.62 7.57 -5.81
N LYS A 86 13.38 8.58 -6.64
CA LYS A 86 14.38 9.06 -7.59
C LYS A 86 14.62 10.55 -7.41
N ARG A 87 15.89 10.93 -7.28
CA ARG A 87 16.25 12.33 -7.10
C ARG A 87 17.71 12.56 -7.45
N LYS A 88 17.96 13.18 -8.61
CA LYS A 88 19.31 13.46 -9.06
C LYS A 88 19.91 14.64 -8.31
N GLU A 89 20.72 14.35 -7.30
CA GLU A 89 21.35 15.40 -6.50
C GLU A 89 22.71 14.93 -5.98
N ARG A 90 23.48 15.86 -5.42
CA ARG A 90 24.79 15.55 -4.89
C ARG A 90 25.25 16.62 -3.89
N LYS A 91 26.05 16.21 -2.91
CA LYS A 91 26.54 17.13 -1.89
C LYS A 91 27.59 16.46 -1.02
N ALA A 92 28.69 17.16 -0.75
CA ALA A 92 29.75 16.62 0.08
C ALA A 92 30.77 17.71 0.42
N GLN A 93 31.19 17.73 1.69
CA GLN A 93 32.16 18.73 2.15
C GLN A 93 32.58 18.45 3.59
N ARG A 94 33.80 18.86 3.94
CA ARG A 94 34.32 18.64 5.28
C ARG A 94 35.47 19.61 5.58
N GLN A 95 35.65 19.93 6.85
CA GLN A 95 36.71 20.85 7.26
C GLN A 95 36.81 20.91 8.78
N ALA A 96 38.04 20.94 9.29
CA ALA A 96 38.27 21.00 10.72
C ALA A 96 39.75 21.25 11.03
N ALA A 97 40.03 21.66 12.27
CA ALA A 97 41.40 21.93 12.68
C ALA A 97 41.88 20.91 13.70
N SER A 98 43.12 21.06 14.14
CA SER A 98 43.70 20.15 15.12
C SER A 98 44.92 20.77 15.79
N GLY A 99 45.47 20.07 16.77
CA GLY A 99 46.64 20.57 17.48
C GLY A 99 47.76 19.54 17.56
N PRO A 100 48.65 19.55 16.56
CA PRO A 100 49.78 18.62 16.49
C PRO A 100 50.83 18.91 17.56
N SER A 101 51.16 17.90 18.35
CA SER A 101 52.16 18.05 19.41
C SER A 101 52.57 16.70 19.96
N SER A 102 53.80 16.62 20.47
CA SER A 102 54.32 15.38 21.03
C SER A 102 53.69 15.09 22.38
N GLY A 103 53.76 13.83 22.81
CA GLY A 103 53.20 13.45 24.09
C GLY A 103 53.73 14.29 25.22
N GLY A 1 -25.17 10.89 5.74
CA GLY A 1 -24.68 9.75 4.98
C GLY A 1 -23.69 10.14 3.92
N SER A 2 -22.59 10.77 4.33
CA SER A 2 -21.56 11.21 3.39
C SER A 2 -21.16 10.08 2.45
N SER A 3 -21.19 10.37 1.15
CA SER A 3 -20.84 9.37 0.13
C SER A 3 -19.67 9.85 -0.72
N GLY A 4 -18.77 8.93 -1.06
CA GLY A 4 -17.62 9.27 -1.87
C GLY A 4 -16.39 8.50 -1.48
N SER A 5 -15.37 9.20 -1.02
CA SER A 5 -14.11 8.57 -0.61
C SER A 5 -13.68 7.52 -1.63
N SER A 6 -13.84 7.85 -2.91
CA SER A 6 -13.48 6.94 -3.99
C SER A 6 -12.19 7.39 -4.67
N GLY A 7 -11.06 6.85 -4.20
CA GLY A 7 -9.78 7.22 -4.78
C GLY A 7 -9.30 6.21 -5.81
N MET A 8 -8.37 6.62 -6.65
CA MET A 8 -7.83 5.76 -7.69
C MET A 8 -6.31 5.87 -7.76
N ALA A 9 -5.62 4.78 -7.42
CA ALA A 9 -4.16 4.76 -7.45
C ALA A 9 -3.64 3.36 -7.74
N LYS A 10 -2.41 3.28 -8.23
CA LYS A 10 -1.79 2.00 -8.56
C LYS A 10 -0.94 1.51 -7.39
N VAL A 11 -1.60 1.03 -6.35
CA VAL A 11 -0.90 0.51 -5.17
C VAL A 11 -1.58 -0.74 -4.63
N LYS A 12 -0.78 -1.72 -4.24
CA LYS A 12 -1.30 -2.97 -3.70
C LYS A 12 -1.36 -2.92 -2.18
N VAL A 13 -0.40 -2.23 -1.57
CA VAL A 13 -0.35 -2.11 -0.12
C VAL A 13 -1.39 -1.11 0.38
N LEU A 14 -2.27 -1.58 1.25
CA LEU A 14 -3.32 -0.73 1.82
C LEU A 14 -2.93 -0.22 3.20
N PHE A 15 -2.88 1.09 3.36
CA PHE A 15 -2.53 1.70 4.62
C PHE A 15 -3.76 1.89 5.51
N VAL A 16 -3.87 1.07 6.54
CA VAL A 16 -5.00 1.14 7.46
C VAL A 16 -4.59 1.77 8.79
N ARG A 17 -5.42 2.68 9.29
CA ARG A 17 -5.14 3.36 10.55
C ARG A 17 -6.38 3.40 11.43
N ASN A 18 -6.20 3.76 12.69
CA ASN A 18 -7.32 3.84 13.64
C ASN A 18 -7.77 2.45 14.06
N LEU A 19 -6.82 1.62 14.46
CA LEU A 19 -7.13 0.26 14.90
C LEU A 19 -7.35 0.21 16.41
N ALA A 20 -8.45 -0.41 16.82
CA ALA A 20 -8.77 -0.54 18.23
C ALA A 20 -7.62 -1.14 19.01
N ASN A 21 -7.81 -1.31 20.31
CA ASN A 21 -6.77 -1.88 21.17
C ASN A 21 -6.86 -3.41 21.19
N THR A 22 -7.74 -3.95 20.35
CA THR A 22 -7.92 -5.39 20.27
C THR A 22 -7.71 -5.90 18.85
N VAL A 23 -7.10 -5.06 18.02
CA VAL A 23 -6.84 -5.42 16.62
C VAL A 23 -5.46 -6.06 16.47
N THR A 24 -5.39 -7.15 15.72
CA THR A 24 -4.14 -7.85 15.50
C THR A 24 -4.00 -8.27 14.04
N GLU A 25 -2.77 -8.56 13.63
CA GLU A 25 -2.50 -8.96 12.25
C GLU A 25 -3.48 -10.03 11.79
N GLU A 26 -3.75 -11.00 12.67
CA GLU A 26 -4.67 -12.07 12.36
C GLU A 26 -6.04 -11.53 11.97
N ILE A 27 -6.48 -10.49 12.68
CA ILE A 27 -7.77 -9.88 12.41
C ILE A 27 -7.73 -9.08 11.11
N LEU A 28 -6.57 -8.55 10.78
CA LEU A 28 -6.39 -7.76 9.56
C LEU A 28 -6.38 -8.66 8.33
N GLU A 29 -5.95 -9.91 8.52
CA GLU A 29 -5.89 -10.87 7.42
C GLU A 29 -7.28 -11.32 7.02
N LYS A 30 -7.92 -12.10 7.89
CA LYS A 30 -9.27 -12.61 7.63
C LYS A 30 -10.14 -11.52 7.02
N ALA A 31 -10.06 -10.31 7.58
CA ALA A 31 -10.85 -9.19 7.09
C ALA A 31 -10.46 -8.83 5.65
N PHE A 32 -9.18 -8.54 5.44
CA PHE A 32 -8.68 -8.18 4.13
C PHE A 32 -8.34 -9.42 3.32
N SER A 33 -8.83 -10.57 3.77
CA SER A 33 -8.57 -11.84 3.09
C SER A 33 -9.76 -12.24 2.22
N GLN A 34 -10.92 -12.40 2.85
CA GLN A 34 -12.13 -12.78 2.14
C GLN A 34 -12.19 -12.13 0.76
N PHE A 35 -11.77 -10.86 0.70
CA PHE A 35 -11.77 -10.13 -0.56
C PHE A 35 -10.84 -10.78 -1.57
N GLY A 36 -9.55 -10.83 -1.24
CA GLY A 36 -8.58 -11.42 -2.13
C GLY A 36 -7.38 -11.99 -1.38
N LYS A 37 -6.64 -12.87 -2.05
CA LYS A 37 -5.47 -13.49 -1.45
C LYS A 37 -4.54 -12.43 -0.85
N LEU A 38 -4.16 -12.62 0.41
CA LEU A 38 -3.27 -11.69 1.10
C LEU A 38 -1.84 -12.19 1.09
N GLU A 39 -0.89 -11.27 1.15
CA GLU A 39 0.53 -11.62 1.16
C GLU A 39 1.10 -11.55 2.57
N ARG A 40 0.81 -10.46 3.27
CA ARG A 40 1.30 -10.28 4.63
C ARG A 40 0.64 -9.06 5.28
N VAL A 41 0.78 -8.96 6.60
CA VAL A 41 0.20 -7.85 7.34
C VAL A 41 1.17 -7.32 8.39
N LYS A 42 1.47 -6.02 8.31
CA LYS A 42 2.38 -5.39 9.25
C LYS A 42 1.62 -4.52 10.24
N LYS A 43 1.62 -4.95 11.51
CA LYS A 43 0.93 -4.22 12.56
C LYS A 43 1.87 -3.23 13.23
N LEU A 44 1.36 -2.02 13.47
CA LEU A 44 2.17 -0.98 14.12
C LEU A 44 1.46 -0.44 15.36
N LYS A 45 2.04 0.59 15.96
CA LYS A 45 1.48 1.20 17.15
C LYS A 45 -0.05 1.14 17.13
N ASP A 46 -0.66 1.94 16.26
CA ASP A 46 -2.11 1.98 16.13
C ASP A 46 -2.53 1.58 14.71
N TYR A 47 -1.76 2.00 13.73
CA TYR A 47 -2.05 1.69 12.33
C TYR A 47 -1.35 0.42 11.89
N ALA A 48 -1.55 0.04 10.64
CA ALA A 48 -0.94 -1.17 10.09
C ALA A 48 -1.03 -1.19 8.57
N PHE A 49 -0.18 -2.00 7.94
CA PHE A 49 -0.16 -2.11 6.49
C PHE A 49 -0.65 -3.48 6.04
N ILE A 50 -1.50 -3.49 5.02
CA ILE A 50 -2.04 -4.74 4.50
C ILE A 50 -1.46 -5.06 3.13
N HIS A 51 -0.58 -6.06 3.08
CA HIS A 51 0.05 -6.46 1.83
C HIS A 51 -0.80 -7.50 1.10
N PHE A 52 -1.22 -7.17 -0.11
CA PHE A 52 -2.04 -8.08 -0.90
C PHE A 52 -1.19 -8.82 -1.93
N ASP A 53 -1.70 -9.95 -2.41
CA ASP A 53 -0.99 -10.75 -3.39
C ASP A 53 -1.17 -10.17 -4.79
N GLU A 54 -2.32 -9.57 -5.04
CA GLU A 54 -2.63 -8.98 -6.33
C GLU A 54 -3.09 -7.54 -6.18
N ARG A 55 -2.87 -6.74 -7.21
CA ARG A 55 -3.26 -5.33 -7.19
C ARG A 55 -4.76 -5.19 -6.98
N ASP A 56 -5.52 -6.14 -7.52
CA ASP A 56 -6.98 -6.12 -7.39
C ASP A 56 -7.39 -6.45 -5.96
N GLY A 57 -6.93 -7.58 -5.44
CA GLY A 57 -7.27 -7.98 -4.09
C GLY A 57 -7.32 -6.81 -3.14
N ALA A 58 -6.50 -5.79 -3.40
CA ALA A 58 -6.45 -4.60 -2.56
C ALA A 58 -7.60 -3.64 -2.90
N VAL A 59 -7.54 -3.08 -4.10
CA VAL A 59 -8.57 -2.15 -4.55
C VAL A 59 -9.94 -2.55 -4.03
N LYS A 60 -10.19 -3.85 -3.97
CA LYS A 60 -11.46 -4.37 -3.48
C LYS A 60 -11.59 -4.20 -1.98
N ALA A 61 -10.69 -4.83 -1.24
CA ALA A 61 -10.69 -4.75 0.23
C ALA A 61 -10.51 -3.30 0.69
N MET A 62 -10.07 -2.45 -0.23
CA MET A 62 -9.85 -1.04 0.09
C MET A 62 -11.17 -0.28 0.10
N GLU A 63 -11.85 -0.26 -1.03
CA GLU A 63 -13.13 0.43 -1.14
C GLU A 63 -14.25 -0.36 -0.45
N GLU A 64 -13.89 -1.51 0.10
CA GLU A 64 -14.85 -2.36 0.79
C GLU A 64 -14.76 -2.18 2.30
N MET A 65 -13.53 -2.00 2.80
CA MET A 65 -13.31 -1.82 4.22
C MET A 65 -13.07 -0.35 4.55
N ASN A 66 -12.43 0.36 3.62
CA ASN A 66 -12.13 1.77 3.81
C ASN A 66 -13.25 2.46 4.61
N GLY A 67 -13.07 2.53 5.92
CA GLY A 67 -14.07 3.16 6.77
C GLY A 67 -15.00 2.15 7.43
N LYS A 68 -14.43 1.02 7.85
CA LYS A 68 -15.22 -0.03 8.49
C LYS A 68 -15.07 0.03 10.01
N ASP A 69 -16.13 -0.34 10.72
CA ASP A 69 -16.11 -0.33 12.18
C ASP A 69 -15.32 -1.51 12.72
N LEU A 70 -14.00 -1.47 12.52
CA LEU A 70 -13.14 -2.55 13.00
C LEU A 70 -12.95 -2.47 14.50
N GLU A 71 -13.47 -3.47 15.22
CA GLU A 71 -13.36 -3.51 16.67
C GLU A 71 -14.05 -2.32 17.31
N GLY A 72 -15.06 -1.78 16.62
CA GLY A 72 -15.78 -0.64 17.13
C GLY A 72 -15.12 0.68 16.78
N GLU A 73 -14.28 0.67 15.75
CA GLU A 73 -13.57 1.86 15.31
C GLU A 73 -13.52 1.94 13.80
N ASN A 74 -13.97 3.07 13.26
CA ASN A 74 -13.99 3.27 11.81
C ASN A 74 -12.57 3.46 11.28
N ILE A 75 -11.97 2.37 10.78
CA ILE A 75 -10.62 2.41 10.24
C ILE A 75 -10.59 3.10 8.88
N GLU A 76 -9.48 3.77 8.59
CA GLU A 76 -9.32 4.47 7.32
C GLU A 76 -8.29 3.77 6.43
N ILE A 77 -8.66 3.53 5.18
CA ILE A 77 -7.76 2.88 4.24
C ILE A 77 -7.39 3.82 3.09
N VAL A 78 -6.09 3.96 2.85
CA VAL A 78 -5.61 4.83 1.77
C VAL A 78 -4.41 4.20 1.06
N PHE A 79 -4.43 4.22 -0.26
CA PHE A 79 -3.35 3.67 -1.06
C PHE A 79 -2.01 4.22 -0.62
N ALA A 80 -1.20 3.38 0.03
CA ALA A 80 0.12 3.78 0.51
C ALA A 80 1.03 4.16 -0.65
N LYS A 81 2.22 4.65 -0.33
CA LYS A 81 3.19 5.05 -1.35
C LYS A 81 4.05 3.86 -1.76
N PRO A 82 4.40 3.81 -3.06
CA PRO A 82 5.24 2.74 -3.61
C PRO A 82 6.68 2.82 -3.12
N PRO A 83 7.32 1.64 -3.00
CA PRO A 83 8.72 1.56 -2.54
C PRO A 83 9.70 2.10 -3.57
N ASP A 84 10.83 2.61 -3.10
CA ASP A 84 11.86 3.16 -3.97
C ASP A 84 12.40 2.09 -4.91
N GLN A 85 11.80 2.00 -6.09
CA GLN A 85 12.23 1.02 -7.09
C GLN A 85 13.30 1.60 -8.01
N LYS A 86 13.00 2.75 -8.60
CA LYS A 86 13.94 3.41 -9.50
C LYS A 86 15.37 3.27 -9.00
N ARG A 87 16.32 3.28 -9.92
CA ARG A 87 17.74 3.15 -9.57
C ARG A 87 18.62 3.49 -10.76
N LYS A 88 19.92 3.65 -10.49
CA LYS A 88 20.88 3.97 -11.54
C LYS A 88 22.31 3.87 -11.02
N GLU A 89 23.19 3.29 -11.84
CA GLU A 89 24.59 3.13 -11.45
C GLU A 89 25.47 2.99 -12.69
N ARG A 90 26.53 3.79 -12.74
CA ARG A 90 27.46 3.76 -13.88
C ARG A 90 28.88 4.09 -13.43
N LYS A 91 29.84 3.31 -13.89
CA LYS A 91 31.24 3.52 -13.54
C LYS A 91 32.16 2.72 -14.46
N ALA A 92 33.41 3.16 -14.55
CA ALA A 92 34.39 2.48 -15.39
C ALA A 92 35.76 2.46 -14.72
N GLN A 93 36.28 1.26 -14.48
CA GLN A 93 37.59 1.11 -13.84
C GLN A 93 38.13 -0.30 -14.03
N ARG A 94 39.44 -0.43 -14.06
CA ARG A 94 40.09 -1.73 -14.24
C ARG A 94 41.58 -1.65 -13.92
N GLN A 95 42.00 -2.42 -12.92
CA GLN A 95 43.40 -2.44 -12.52
C GLN A 95 43.76 -3.77 -11.87
N ALA A 96 45.05 -4.11 -11.91
CA ALA A 96 45.53 -5.36 -11.32
C ALA A 96 47.05 -5.44 -11.37
N ALA A 97 47.69 -5.39 -10.21
CA ALA A 97 49.14 -5.47 -10.13
C ALA A 97 49.58 -6.48 -9.09
N SER A 98 50.62 -7.24 -9.41
CA SER A 98 51.15 -8.25 -8.50
C SER A 98 52.55 -8.68 -8.91
N GLY A 99 53.15 -9.57 -8.12
CA GLY A 99 54.48 -10.04 -8.42
C GLY A 99 54.99 -11.05 -7.39
N PRO A 100 55.70 -12.08 -7.87
CA PRO A 100 56.25 -13.12 -7.01
C PRO A 100 57.38 -12.62 -6.12
N SER A 101 58.00 -13.53 -5.38
CA SER A 101 59.09 -13.17 -4.48
C SER A 101 59.99 -14.37 -4.22
N SER A 102 61.19 -14.12 -3.68
CA SER A 102 62.13 -15.18 -3.38
C SER A 102 62.38 -15.27 -1.88
N GLY A 103 62.91 -14.19 -1.31
CA GLY A 103 63.19 -14.16 0.11
C GLY A 103 63.31 -12.74 0.65
N GLY A 1 -19.23 3.89 -19.74
CA GLY A 1 -18.29 3.81 -18.64
C GLY A 1 -18.11 5.13 -17.91
N SER A 2 -17.61 5.07 -16.69
CA SER A 2 -17.39 6.26 -15.89
C SER A 2 -16.44 5.99 -14.73
N SER A 3 -15.84 7.05 -14.20
CA SER A 3 -14.91 6.91 -13.09
C SER A 3 -14.62 8.28 -12.45
N GLY A 4 -14.42 8.28 -11.13
CA GLY A 4 -14.14 9.52 -10.44
C GLY A 4 -13.09 9.35 -9.35
N SER A 5 -12.01 8.66 -9.69
CA SER A 5 -10.93 8.41 -8.73
C SER A 5 -9.63 9.04 -9.23
N SER A 6 -9.09 9.97 -8.44
CA SER A 6 -7.85 10.65 -8.80
C SER A 6 -6.64 9.84 -8.34
N GLY A 7 -6.12 9.00 -9.23
CA GLY A 7 -4.97 8.18 -8.89
C GLY A 7 -4.02 8.01 -10.06
N MET A 8 -2.73 8.20 -9.80
CA MET A 8 -1.72 8.07 -10.85
C MET A 8 -1.13 6.66 -10.86
N ALA A 9 -1.25 5.97 -9.72
CA ALA A 9 -0.74 4.61 -9.61
C ALA A 9 -1.76 3.69 -8.96
N LYS A 10 -1.44 2.40 -8.90
CA LYS A 10 -2.34 1.42 -8.31
C LYS A 10 -1.62 0.63 -7.21
N VAL A 11 -1.34 1.30 -6.09
CA VAL A 11 -0.66 0.67 -4.97
C VAL A 11 -1.40 -0.59 -4.52
N LYS A 12 -0.65 -1.63 -4.19
CA LYS A 12 -1.24 -2.89 -3.74
C LYS A 12 -1.34 -2.93 -2.22
N VAL A 13 -0.39 -2.28 -1.55
CA VAL A 13 -0.37 -2.24 -0.09
C VAL A 13 -1.35 -1.20 0.44
N LEU A 14 -2.29 -1.64 1.27
CA LEU A 14 -3.28 -0.74 1.85
C LEU A 14 -2.86 -0.29 3.25
N PHE A 15 -2.99 1.00 3.51
CA PHE A 15 -2.62 1.56 4.81
C PHE A 15 -3.86 1.75 5.68
N VAL A 16 -3.98 0.90 6.70
CA VAL A 16 -5.12 0.97 7.63
C VAL A 16 -4.70 1.60 8.95
N ARG A 17 -5.51 2.57 9.40
CA ARG A 17 -5.23 3.24 10.66
C ARG A 17 -6.47 3.29 11.54
N ASN A 18 -6.30 3.75 12.78
CA ASN A 18 -7.42 3.84 13.72
C ASN A 18 -7.82 2.45 14.21
N LEU A 19 -6.84 1.57 14.33
CA LEU A 19 -7.09 0.20 14.79
C LEU A 19 -7.30 0.17 16.30
N ALA A 20 -8.43 -0.39 16.73
CA ALA A 20 -8.74 -0.50 18.14
C ALA A 20 -7.59 -1.15 18.92
N ASN A 21 -7.75 -1.23 20.23
CA ASN A 21 -6.73 -1.84 21.08
C ASN A 21 -6.87 -3.36 21.11
N THR A 22 -7.72 -3.89 20.22
CA THR A 22 -7.94 -5.32 20.14
C THR A 22 -7.73 -5.83 18.72
N VAL A 23 -7.17 -4.96 17.87
CA VAL A 23 -6.90 -5.34 16.49
C VAL A 23 -5.48 -5.87 16.32
N THR A 24 -5.34 -6.91 15.52
CA THR A 24 -4.03 -7.52 15.28
C THR A 24 -3.91 -8.00 13.85
N GLU A 25 -2.70 -8.42 13.46
CA GLU A 25 -2.45 -8.91 12.11
C GLU A 25 -3.47 -9.97 11.72
N GLU A 26 -3.64 -10.97 12.58
CA GLU A 26 -4.58 -12.05 12.32
C GLU A 26 -5.95 -11.50 11.95
N ILE A 27 -6.35 -10.42 12.61
CA ILE A 27 -7.64 -9.80 12.34
C ILE A 27 -7.62 -9.03 11.02
N LEU A 28 -6.48 -8.42 10.72
CA LEU A 28 -6.32 -7.65 9.49
C LEU A 28 -6.32 -8.58 8.28
N GLU A 29 -5.91 -9.82 8.48
CA GLU A 29 -5.86 -10.80 7.41
C GLU A 29 -7.26 -11.31 7.07
N LYS A 30 -7.83 -12.11 7.97
CA LYS A 30 -9.16 -12.66 7.77
C LYS A 30 -10.11 -11.62 7.22
N ALA A 31 -9.93 -10.38 7.65
CA ALA A 31 -10.77 -9.27 7.20
C ALA A 31 -10.44 -8.89 5.76
N PHE A 32 -9.17 -8.57 5.52
CA PHE A 32 -8.72 -8.18 4.18
C PHE A 32 -8.40 -9.41 3.34
N SER A 33 -8.85 -10.57 3.80
CA SER A 33 -8.61 -11.82 3.09
C SER A 33 -9.85 -12.22 2.29
N GLN A 34 -10.99 -12.29 2.96
CA GLN A 34 -12.24 -12.66 2.30
C GLN A 34 -12.33 -12.06 0.91
N PHE A 35 -11.84 -10.83 0.77
CA PHE A 35 -11.87 -10.13 -0.51
C PHE A 35 -10.96 -10.82 -1.53
N GLY A 36 -9.67 -10.86 -1.22
CA GLY A 36 -8.71 -11.50 -2.12
C GLY A 36 -7.52 -12.06 -1.39
N LYS A 37 -6.81 -12.98 -2.05
CA LYS A 37 -5.63 -13.60 -1.45
C LYS A 37 -4.65 -12.55 -0.94
N LEU A 38 -4.34 -12.62 0.36
CA LEU A 38 -3.42 -11.68 0.97
C LEU A 38 -1.97 -12.19 0.89
N GLU A 39 -1.02 -11.30 1.17
CA GLU A 39 0.38 -11.68 1.12
C GLU A 39 1.00 -11.59 2.52
N ARG A 40 0.70 -10.52 3.24
CA ARG A 40 1.23 -10.32 4.58
C ARG A 40 0.60 -9.11 5.24
N VAL A 41 0.78 -8.99 6.56
CA VAL A 41 0.22 -7.87 7.31
C VAL A 41 1.22 -7.36 8.34
N LYS A 42 1.54 -6.07 8.27
CA LYS A 42 2.48 -5.46 9.22
C LYS A 42 1.74 -4.56 10.20
N LYS A 43 1.86 -4.88 11.49
CA LYS A 43 1.21 -4.10 12.53
C LYS A 43 2.15 -3.01 13.05
N LEU A 44 1.57 -1.85 13.35
CA LEU A 44 2.35 -0.72 13.86
C LEU A 44 1.72 -0.14 15.12
N LYS A 45 2.28 0.95 15.61
CA LYS A 45 1.77 1.60 16.81
C LYS A 45 0.26 1.46 16.91
N ASP A 46 -0.46 2.20 16.08
CA ASP A 46 -1.92 2.15 16.06
C ASP A 46 -2.44 1.69 14.70
N TYR A 47 -1.68 2.00 13.65
CA TYR A 47 -2.06 1.62 12.29
C TYR A 47 -1.36 0.34 11.87
N ALA A 48 -1.54 -0.04 10.61
CA ALA A 48 -0.92 -1.24 10.07
C ALA A 48 -1.07 -1.31 8.56
N PHE A 49 -0.14 -2.00 7.90
CA PHE A 49 -0.16 -2.13 6.45
C PHE A 49 -0.73 -3.48 6.03
N ILE A 50 -1.44 -3.51 4.91
CA ILE A 50 -2.04 -4.75 4.41
C ILE A 50 -1.48 -5.10 3.04
N HIS A 51 -0.69 -6.17 2.98
CA HIS A 51 -0.10 -6.62 1.73
C HIS A 51 -1.02 -7.60 1.01
N PHE A 52 -1.33 -7.30 -0.24
CA PHE A 52 -2.21 -8.16 -1.04
C PHE A 52 -1.42 -8.90 -2.12
N ASP A 53 -1.75 -10.17 -2.32
CA ASP A 53 -1.07 -10.98 -3.32
C ASP A 53 -1.20 -10.36 -4.71
N GLU A 54 -2.29 -9.64 -4.93
CA GLU A 54 -2.53 -9.00 -6.21
C GLU A 54 -3.00 -7.56 -6.02
N ARG A 55 -2.57 -6.67 -6.92
CA ARG A 55 -2.95 -5.27 -6.85
C ARG A 55 -4.46 -5.12 -6.74
N ASP A 56 -5.19 -6.02 -7.40
CA ASP A 56 -6.64 -5.98 -7.39
C ASP A 56 -7.18 -6.30 -5.99
N GLY A 57 -6.80 -7.46 -5.47
CA GLY A 57 -7.24 -7.87 -4.15
C GLY A 57 -7.32 -6.71 -3.18
N ALA A 58 -6.43 -5.74 -3.35
CA ALA A 58 -6.40 -4.56 -2.48
C ALA A 58 -7.50 -3.58 -2.85
N VAL A 59 -7.43 -3.05 -4.07
CA VAL A 59 -8.42 -2.09 -4.54
C VAL A 59 -9.82 -2.45 -4.03
N LYS A 60 -10.12 -3.74 -4.01
CA LYS A 60 -11.42 -4.22 -3.53
C LYS A 60 -11.54 -4.05 -2.02
N ALA A 61 -10.72 -4.79 -1.28
CA ALA A 61 -10.74 -4.72 0.18
C ALA A 61 -10.57 -3.29 0.66
N MET A 62 -10.06 -2.43 -0.21
CA MET A 62 -9.85 -1.02 0.13
C MET A 62 -11.17 -0.27 0.13
N GLU A 63 -11.81 -0.19 -1.03
CA GLU A 63 -13.08 0.52 -1.15
C GLU A 63 -14.22 -0.29 -0.51
N GLU A 64 -13.87 -1.44 0.05
CA GLU A 64 -14.85 -2.31 0.68
C GLU A 64 -14.83 -2.13 2.19
N MET A 65 -13.64 -1.98 2.77
CA MET A 65 -13.49 -1.80 4.20
C MET A 65 -13.26 -0.33 4.55
N ASN A 66 -12.63 0.39 3.62
CA ASN A 66 -12.33 1.80 3.82
C ASN A 66 -13.44 2.47 4.63
N GLY A 67 -13.22 2.59 5.93
CA GLY A 67 -14.21 3.22 6.80
C GLY A 67 -15.15 2.21 7.43
N LYS A 68 -14.60 1.06 7.82
CA LYS A 68 -15.40 0.01 8.44
C LYS A 68 -15.24 0.03 9.96
N ASP A 69 -16.31 -0.34 10.66
CA ASP A 69 -16.28 -0.36 12.11
C ASP A 69 -15.52 -1.59 12.62
N LEU A 70 -14.20 -1.54 12.55
CA LEU A 70 -13.35 -2.65 12.99
C LEU A 70 -13.16 -2.60 14.50
N GLU A 71 -13.70 -3.61 15.20
CA GLU A 71 -13.59 -3.68 16.65
C GLU A 71 -14.27 -2.49 17.31
N GLY A 72 -15.23 -1.90 16.61
CA GLY A 72 -15.94 -0.75 17.15
C GLY A 72 -15.25 0.57 16.82
N GLU A 73 -14.41 0.54 15.79
CA GLU A 73 -13.68 1.74 15.39
C GLU A 73 -13.61 1.83 13.86
N ASN A 74 -14.04 2.97 13.32
CA ASN A 74 -14.02 3.19 11.88
C ASN A 74 -12.59 3.37 11.38
N ILE A 75 -12.02 2.30 10.83
CA ILE A 75 -10.66 2.34 10.30
C ILE A 75 -10.62 3.03 8.95
N GLU A 76 -9.50 3.71 8.67
CA GLU A 76 -9.34 4.41 7.40
C GLU A 76 -8.30 3.71 6.51
N ILE A 77 -8.68 3.46 5.27
CA ILE A 77 -7.79 2.80 4.32
C ILE A 77 -7.37 3.74 3.20
N VAL A 78 -6.07 3.83 2.96
CA VAL A 78 -5.54 4.70 1.91
C VAL A 78 -4.29 4.09 1.27
N PHE A 79 -4.23 4.14 -0.06
CA PHE A 79 -3.09 3.59 -0.78
C PHE A 79 -1.79 4.16 -0.26
N ALA A 80 -0.92 3.28 0.22
CA ALA A 80 0.38 3.70 0.76
C ALA A 80 1.38 3.96 -0.37
N LYS A 81 2.10 5.07 -0.26
CA LYS A 81 3.09 5.44 -1.26
C LYS A 81 4.21 4.41 -1.32
N PRO A 82 4.75 4.19 -2.53
CA PRO A 82 5.84 3.23 -2.76
C PRO A 82 7.15 3.70 -2.14
N PRO A 83 7.96 2.74 -1.66
CA PRO A 83 9.26 3.03 -1.05
C PRO A 83 10.29 3.51 -2.06
N ASP A 84 9.91 3.48 -3.33
CA ASP A 84 10.81 3.92 -4.39
C ASP A 84 10.30 5.21 -5.03
N GLN A 85 11.20 5.96 -5.65
CA GLN A 85 10.85 7.22 -6.31
C GLN A 85 11.37 7.26 -7.73
N LYS A 86 11.03 8.32 -8.45
CA LYS A 86 11.47 8.49 -9.84
C LYS A 86 11.90 9.92 -10.10
N ARG A 87 12.92 10.09 -10.93
CA ARG A 87 13.43 11.41 -11.27
C ARG A 87 13.05 11.80 -12.69
N LYS A 88 13.36 13.03 -13.07
CA LYS A 88 13.05 13.52 -14.41
C LYS A 88 14.17 14.42 -14.93
N GLU A 89 14.48 14.28 -16.22
CA GLU A 89 15.53 15.09 -16.84
C GLU A 89 15.01 15.77 -18.10
N ARG A 90 15.80 16.70 -18.63
CA ARG A 90 15.42 17.43 -19.84
C ARG A 90 16.65 18.09 -20.47
N LYS A 91 16.49 18.55 -21.71
CA LYS A 91 17.57 19.21 -22.43
C LYS A 91 17.02 20.17 -23.48
N ALA A 92 17.86 21.09 -23.93
CA ALA A 92 17.47 22.06 -24.95
C ALA A 92 18.42 22.04 -26.14
N GLN A 93 17.91 22.45 -27.30
CA GLN A 93 18.73 22.48 -28.52
C GLN A 93 19.16 23.90 -28.85
N ARG A 94 18.40 24.88 -28.39
CA ARG A 94 18.71 26.28 -28.64
C ARG A 94 19.16 26.49 -30.08
N GLN A 95 18.36 26.01 -31.02
CA GLN A 95 18.69 26.13 -32.44
C GLN A 95 17.62 26.93 -33.18
N ALA A 96 18.05 27.75 -34.13
CA ALA A 96 17.14 28.57 -34.91
C ALA A 96 17.87 29.31 -36.03
N ALA A 97 17.11 30.07 -36.82
CA ALA A 97 17.70 30.82 -37.92
C ALA A 97 16.68 31.79 -38.52
N SER A 98 17.12 32.59 -39.48
CA SER A 98 16.24 33.56 -40.13
C SER A 98 16.80 33.96 -41.49
N GLY A 99 16.04 34.78 -42.22
CA GLY A 99 16.46 35.22 -43.53
C GLY A 99 15.72 36.45 -44.00
N PRO A 100 16.39 37.29 -44.80
CA PRO A 100 15.79 38.52 -45.34
C PRO A 100 14.71 38.24 -46.37
N SER A 101 14.19 39.29 -46.99
CA SER A 101 13.15 39.16 -48.00
C SER A 101 12.86 40.50 -48.66
N SER A 102 11.88 40.52 -49.55
CA SER A 102 11.50 41.74 -50.27
C SER A 102 10.00 42.00 -50.14
N GLY A 103 9.20 41.00 -50.51
CA GLY A 103 7.76 41.14 -50.43
C GLY A 103 7.10 41.10 -51.80
N GLY A 1 -4.90 25.21 0.27
CA GLY A 1 -3.77 24.95 -0.60
C GLY A 1 -3.64 23.48 -0.94
N SER A 2 -4.29 23.07 -2.03
CA SER A 2 -4.24 21.68 -2.47
C SER A 2 -3.28 21.51 -3.64
N SER A 3 -2.02 21.22 -3.31
CA SER A 3 -0.99 21.03 -4.32
C SER A 3 -1.03 19.62 -4.89
N GLY A 4 -1.38 19.50 -6.17
CA GLY A 4 -1.45 18.19 -6.80
C GLY A 4 -2.61 17.37 -6.29
N SER A 5 -2.96 16.33 -7.04
CA SER A 5 -4.06 15.45 -6.66
C SER A 5 -3.55 14.22 -5.91
N SER A 6 -4.35 13.75 -4.96
CA SER A 6 -3.97 12.58 -4.16
C SER A 6 -5.15 11.61 -4.04
N GLY A 7 -5.78 11.32 -5.17
CA GLY A 7 -6.91 10.42 -5.17
C GLY A 7 -6.50 8.98 -5.44
N MET A 8 -7.29 8.27 -6.23
CA MET A 8 -7.00 6.88 -6.56
C MET A 8 -5.65 6.76 -7.26
N ALA A 9 -4.80 5.88 -6.74
CA ALA A 9 -3.47 5.66 -7.32
C ALA A 9 -3.25 4.18 -7.63
N LYS A 10 -2.04 3.86 -8.10
CA LYS A 10 -1.69 2.49 -8.43
C LYS A 10 -0.83 1.87 -7.34
N VAL A 11 -1.48 1.45 -6.26
CA VAL A 11 -0.77 0.82 -5.13
C VAL A 11 -1.50 -0.42 -4.64
N LYS A 12 -0.75 -1.46 -4.34
CA LYS A 12 -1.32 -2.71 -3.86
C LYS A 12 -1.39 -2.72 -2.33
N VAL A 13 -0.41 -2.09 -1.69
CA VAL A 13 -0.36 -2.03 -0.24
C VAL A 13 -1.39 -1.04 0.30
N LEU A 14 -2.27 -1.52 1.18
CA LEU A 14 -3.31 -0.68 1.76
C LEU A 14 -2.90 -0.22 3.16
N PHE A 15 -2.87 1.10 3.35
CA PHE A 15 -2.50 1.67 4.65
C PHE A 15 -3.74 1.87 5.52
N VAL A 16 -3.88 1.03 6.54
CA VAL A 16 -5.01 1.12 7.45
C VAL A 16 -4.59 1.74 8.78
N ARG A 17 -5.45 2.62 9.31
CA ARG A 17 -5.16 3.28 10.57
C ARG A 17 -6.41 3.31 11.46
N ASN A 18 -6.22 3.67 12.72
CA ASN A 18 -7.32 3.74 13.68
C ASN A 18 -7.78 2.33 14.08
N LEU A 19 -6.83 1.53 14.55
CA LEU A 19 -7.14 0.16 14.97
C LEU A 19 -7.40 0.10 16.47
N ALA A 20 -8.41 -0.66 16.86
CA ALA A 20 -8.76 -0.81 18.27
C ALA A 20 -7.62 -1.47 19.05
N ASN A 21 -7.77 -1.51 20.36
CA ASN A 21 -6.76 -2.11 21.23
C ASN A 21 -6.87 -3.63 21.23
N THR A 22 -7.82 -4.14 20.45
CA THR A 22 -8.04 -5.58 20.36
C THR A 22 -7.81 -6.08 18.93
N VAL A 23 -7.20 -5.24 18.11
CA VAL A 23 -6.93 -5.59 16.72
C VAL A 23 -5.49 -6.09 16.56
N THR A 24 -5.31 -7.12 15.73
CA THR A 24 -3.99 -7.69 15.49
C THR A 24 -3.81 -8.06 14.02
N GLU A 25 -2.60 -8.44 13.66
CA GLU A 25 -2.30 -8.82 12.28
C GLU A 25 -3.29 -9.86 11.78
N GLU A 26 -3.55 -10.88 12.60
CA GLU A 26 -4.49 -11.93 12.23
C GLU A 26 -5.85 -11.36 11.84
N ILE A 27 -6.35 -10.43 12.66
CA ILE A 27 -7.62 -9.80 12.40
C ILE A 27 -7.60 -8.99 11.12
N LEU A 28 -6.42 -8.47 10.78
CA LEU A 28 -6.24 -7.67 9.57
C LEU A 28 -6.21 -8.56 8.33
N GLU A 29 -5.77 -9.81 8.50
CA GLU A 29 -5.70 -10.75 7.40
C GLU A 29 -7.08 -11.31 7.06
N LYS A 30 -7.65 -12.06 8.00
CA LYS A 30 -8.97 -12.66 7.80
C LYS A 30 -9.95 -11.63 7.25
N ALA A 31 -9.83 -10.39 7.71
CA ALA A 31 -10.70 -9.32 7.26
C ALA A 31 -10.37 -8.90 5.83
N PHE A 32 -9.09 -8.65 5.57
CA PHE A 32 -8.64 -8.25 4.25
C PHE A 32 -8.32 -9.46 3.39
N SER A 33 -8.74 -10.64 3.85
CA SER A 33 -8.50 -11.88 3.13
C SER A 33 -9.73 -12.29 2.32
N GLN A 34 -10.87 -12.35 2.99
CA GLN A 34 -12.12 -12.73 2.33
C GLN A 34 -12.20 -12.13 0.94
N PHE A 35 -11.77 -10.89 0.80
CA PHE A 35 -11.79 -10.19 -0.47
C PHE A 35 -10.88 -10.89 -1.48
N GLY A 36 -9.59 -10.92 -1.18
CA GLY A 36 -8.63 -11.55 -2.08
C GLY A 36 -7.45 -12.14 -1.33
N LYS A 37 -6.64 -12.92 -2.04
CA LYS A 37 -5.46 -13.55 -1.43
C LYS A 37 -4.52 -12.50 -0.89
N LEU A 38 -4.15 -12.65 0.38
CA LEU A 38 -3.22 -11.72 1.03
C LEU A 38 -1.79 -12.23 0.97
N GLU A 39 -0.83 -11.31 1.07
CA GLU A 39 0.58 -11.68 1.04
C GLU A 39 1.19 -11.60 2.43
N ARG A 40 0.84 -10.55 3.17
CA ARG A 40 1.36 -10.35 4.52
C ARG A 40 0.70 -9.15 5.18
N VAL A 41 0.86 -9.04 6.49
CA VAL A 41 0.28 -7.94 7.26
C VAL A 41 1.26 -7.43 8.31
N LYS A 42 1.54 -6.13 8.26
CA LYS A 42 2.46 -5.51 9.22
C LYS A 42 1.71 -4.60 10.18
N LYS A 43 1.71 -4.97 11.46
CA LYS A 43 1.03 -4.19 12.48
C LYS A 43 1.97 -3.15 13.10
N LEU A 44 1.43 -1.98 13.43
CA LEU A 44 2.22 -0.92 14.03
C LEU A 44 1.54 -0.36 15.26
N LYS A 45 2.12 0.69 15.83
CA LYS A 45 1.56 1.32 17.02
C LYS A 45 0.04 1.24 17.02
N ASP A 46 -0.59 1.95 16.10
CA ASP A 46 -2.04 1.96 15.99
C ASP A 46 -2.49 1.53 14.59
N TYR A 47 -1.73 1.96 13.59
CA TYR A 47 -2.05 1.63 12.20
C TYR A 47 -1.32 0.35 11.76
N ALA A 48 -1.54 -0.05 10.51
CA ALA A 48 -0.91 -1.24 9.98
C ALA A 48 -0.93 -1.24 8.46
N PHE A 49 -0.07 -2.05 7.85
CA PHE A 49 0.01 -2.13 6.40
C PHE A 49 -0.47 -3.50 5.90
N ILE A 50 -1.44 -3.49 4.99
CA ILE A 50 -1.98 -4.72 4.45
C ILE A 50 -1.40 -5.01 3.06
N HIS A 51 -0.76 -6.16 2.92
CA HIS A 51 -0.17 -6.56 1.65
C HIS A 51 -1.06 -7.55 0.91
N PHE A 52 -1.43 -7.22 -0.31
CA PHE A 52 -2.28 -8.09 -1.12
C PHE A 52 -1.48 -8.78 -2.22
N ASP A 53 -1.68 -10.08 -2.37
CA ASP A 53 -0.98 -10.85 -3.39
C ASP A 53 -1.16 -10.23 -4.77
N GLU A 54 -2.33 -9.61 -4.99
CA GLU A 54 -2.62 -8.97 -6.27
C GLU A 54 -3.09 -7.53 -6.06
N ARG A 55 -2.83 -6.68 -7.05
CA ARG A 55 -3.23 -5.28 -6.97
C ARG A 55 -4.74 -5.16 -6.79
N ASP A 56 -5.49 -6.06 -7.43
CA ASP A 56 -6.94 -6.05 -7.32
C ASP A 56 -7.39 -6.42 -5.92
N GLY A 57 -6.95 -7.57 -5.45
CA GLY A 57 -7.32 -8.03 -4.12
C GLY A 57 -7.38 -6.90 -3.12
N ALA A 58 -6.54 -5.88 -3.32
CA ALA A 58 -6.50 -4.73 -2.42
C ALA A 58 -7.63 -3.75 -2.75
N VAL A 59 -7.57 -3.17 -3.94
CA VAL A 59 -8.58 -2.21 -4.38
C VAL A 59 -9.96 -2.60 -3.87
N LYS A 60 -10.22 -3.90 -3.82
CA LYS A 60 -11.50 -4.41 -3.36
C LYS A 60 -11.64 -4.23 -1.85
N ALA A 61 -10.74 -4.85 -1.09
CA ALA A 61 -10.76 -4.75 0.36
C ALA A 61 -10.58 -3.31 0.82
N MET A 62 -10.08 -2.47 -0.08
CA MET A 62 -9.85 -1.06 0.23
C MET A 62 -11.17 -0.29 0.26
N GLU A 63 -11.86 -0.27 -0.88
CA GLU A 63 -13.13 0.43 -0.98
C GLU A 63 -14.24 -0.34 -0.27
N GLU A 64 -13.89 -1.49 0.29
CA GLU A 64 -14.85 -2.33 0.99
C GLU A 64 -14.74 -2.13 2.50
N MET A 65 -13.51 -1.97 2.99
CA MET A 65 -13.27 -1.77 4.41
C MET A 65 -13.04 -0.30 4.72
N ASN A 66 -12.52 0.44 3.75
CA ASN A 66 -12.26 1.87 3.92
C ASN A 66 -13.41 2.54 4.66
N GLY A 67 -13.13 2.98 5.89
CA GLY A 67 -14.14 3.64 6.69
C GLY A 67 -15.16 2.66 7.26
N LYS A 68 -14.73 1.43 7.50
CA LYS A 68 -15.59 0.41 8.04
C LYS A 68 -15.40 0.27 9.55
N ASP A 69 -16.50 0.02 10.25
CA ASP A 69 -16.45 -0.13 11.71
C ASP A 69 -15.73 -1.40 12.10
N LEU A 70 -14.46 -1.27 12.47
CA LEU A 70 -13.65 -2.41 12.87
C LEU A 70 -13.46 -2.45 14.39
N GLU A 71 -14.09 -3.41 15.03
CA GLU A 71 -13.99 -3.56 16.49
C GLU A 71 -14.53 -2.32 17.19
N GLY A 72 -15.54 -1.69 16.59
CA GLY A 72 -16.13 -0.50 17.17
C GLY A 72 -15.35 0.76 16.84
N GLU A 73 -14.48 0.66 15.83
CA GLU A 73 -13.68 1.80 15.42
C GLU A 73 -13.56 1.87 13.90
N ASN A 74 -14.04 2.97 13.32
CA ASN A 74 -14.00 3.17 11.88
C ASN A 74 -12.56 3.38 11.40
N ILE A 75 -12.00 2.36 10.76
CA ILE A 75 -10.63 2.44 10.25
C ILE A 75 -10.59 3.20 8.93
N GLU A 76 -9.40 3.68 8.57
CA GLU A 76 -9.22 4.43 7.33
C GLU A 76 -8.15 3.78 6.45
N ILE A 77 -8.52 3.48 5.21
CA ILE A 77 -7.60 2.86 4.27
C ILE A 77 -7.22 3.83 3.16
N VAL A 78 -5.93 3.87 2.83
CA VAL A 78 -5.44 4.75 1.78
C VAL A 78 -4.20 4.16 1.10
N PHE A 79 -4.22 4.14 -0.23
CA PHE A 79 -3.11 3.60 -1.00
C PHE A 79 -1.79 4.22 -0.56
N ALA A 80 -0.96 3.42 0.12
CA ALA A 80 0.33 3.89 0.60
C ALA A 80 1.24 4.28 -0.56
N LYS A 81 2.17 5.21 -0.31
CA LYS A 81 3.09 5.67 -1.33
C LYS A 81 4.22 4.66 -1.53
N PRO A 82 4.65 4.50 -2.79
CA PRO A 82 5.72 3.58 -3.15
C PRO A 82 7.08 4.05 -2.65
N PRO A 83 7.96 3.10 -2.33
CA PRO A 83 9.31 3.38 -1.84
C PRO A 83 10.21 3.99 -2.91
N ASP A 84 9.82 3.79 -4.17
CA ASP A 84 10.59 4.32 -5.29
C ASP A 84 10.66 5.84 -5.24
N GLN A 85 11.72 6.40 -5.82
CA GLN A 85 11.91 7.84 -5.83
C GLN A 85 12.12 8.35 -7.25
N LYS A 86 11.98 9.66 -7.44
CA LYS A 86 12.17 10.28 -8.76
C LYS A 86 12.61 11.72 -8.61
N ARG A 87 13.76 12.04 -9.20
CA ARG A 87 14.29 13.40 -9.15
C ARG A 87 14.21 14.07 -10.52
N LYS A 88 13.51 15.19 -10.59
CA LYS A 88 13.36 15.93 -11.83
C LYS A 88 13.91 17.35 -11.70
N GLU A 89 14.68 17.78 -12.69
CA GLU A 89 15.26 19.12 -12.68
C GLU A 89 14.70 19.96 -13.83
N ARG A 90 15.23 21.17 -13.98
CA ARG A 90 14.79 22.08 -15.03
C ARG A 90 15.87 23.10 -15.36
N LYS A 91 16.17 23.24 -16.64
CA LYS A 91 17.20 24.19 -17.09
C LYS A 91 16.63 25.60 -17.16
N ALA A 92 17.26 26.52 -16.43
CA ALA A 92 16.82 27.91 -16.41
C ALA A 92 17.86 28.82 -17.05
N GLN A 93 17.52 30.09 -17.20
CA GLN A 93 18.42 31.06 -17.80
C GLN A 93 18.88 32.09 -16.78
N ARG A 94 19.65 33.08 -17.23
CA ARG A 94 20.16 34.12 -16.36
C ARG A 94 20.71 35.29 -17.16
N GLN A 95 20.00 36.41 -17.15
CA GLN A 95 20.42 37.60 -17.89
C GLN A 95 21.11 38.59 -16.96
N ALA A 96 22.00 39.41 -17.54
CA ALA A 96 22.72 40.40 -16.76
C ALA A 96 22.21 41.81 -17.06
N ALA A 97 22.78 42.79 -16.38
CA ALA A 97 22.38 44.18 -16.58
C ALA A 97 23.29 45.13 -15.79
N SER A 98 23.05 46.43 -15.95
CA SER A 98 23.85 47.44 -15.25
C SER A 98 23.15 48.79 -15.27
N GLY A 99 23.45 49.62 -14.28
CA GLY A 99 22.84 50.94 -14.19
C GLY A 99 23.67 51.90 -13.37
N PRO A 100 23.66 53.18 -13.79
CA PRO A 100 24.41 54.24 -13.09
C PRO A 100 23.82 54.57 -11.73
N SER A 101 24.35 55.62 -11.10
CA SER A 101 23.87 56.03 -9.79
C SER A 101 24.04 57.54 -9.61
N SER A 102 23.05 58.18 -9.00
CA SER A 102 23.08 59.62 -8.77
C SER A 102 24.10 59.97 -7.69
N GLY A 103 23.91 59.42 -6.50
CA GLY A 103 24.83 59.68 -5.40
C GLY A 103 24.19 60.50 -4.30
N GLY A 1 -25.39 4.33 -12.76
CA GLY A 1 -25.45 5.77 -12.82
C GLY A 1 -24.36 6.44 -12.02
N SER A 2 -24.49 6.40 -10.69
CA SER A 2 -23.51 7.02 -9.81
C SER A 2 -22.09 6.61 -10.21
N SER A 3 -21.16 7.55 -10.06
CA SER A 3 -19.77 7.30 -10.41
C SER A 3 -18.82 8.08 -9.50
N GLY A 4 -17.52 7.88 -9.69
CA GLY A 4 -16.54 8.58 -8.88
C GLY A 4 -15.13 8.09 -9.14
N SER A 5 -14.63 8.37 -10.34
CA SER A 5 -13.28 7.95 -10.72
C SER A 5 -12.36 9.15 -10.83
N SER A 6 -11.29 9.16 -10.03
CA SER A 6 -10.32 10.25 -10.03
C SER A 6 -8.90 9.71 -9.98
N GLY A 7 -8.12 9.99 -11.02
CA GLY A 7 -6.75 9.54 -11.07
C GLY A 7 -6.63 8.03 -10.84
N MET A 8 -5.41 7.52 -10.95
CA MET A 8 -5.16 6.10 -10.76
C MET A 8 -3.85 5.86 -10.02
N ALA A 9 -3.72 4.70 -9.39
CA ALA A 9 -2.52 4.36 -8.65
C ALA A 9 -2.37 2.84 -8.52
N LYS A 10 -1.16 2.35 -8.80
CA LYS A 10 -0.89 0.92 -8.73
C LYS A 10 -0.22 0.57 -7.40
N VAL A 11 -1.04 0.29 -6.39
CA VAL A 11 -0.53 -0.06 -5.07
C VAL A 11 -1.28 -1.26 -4.49
N LYS A 12 -0.53 -2.27 -4.05
CA LYS A 12 -1.13 -3.47 -3.48
C LYS A 12 -1.20 -3.36 -1.96
N VAL A 13 -0.30 -2.58 -1.38
CA VAL A 13 -0.26 -2.39 0.07
C VAL A 13 -1.28 -1.34 0.50
N LEU A 14 -2.20 -1.75 1.37
CA LEU A 14 -3.23 -0.84 1.87
C LEU A 14 -2.88 -0.34 3.27
N PHE A 15 -2.78 0.98 3.41
CA PHE A 15 -2.45 1.59 4.68
C PHE A 15 -3.71 1.79 5.53
N VAL A 16 -3.83 0.99 6.59
CA VAL A 16 -4.98 1.07 7.48
C VAL A 16 -4.60 1.70 8.81
N ARG A 17 -5.42 2.64 9.27
CA ARG A 17 -5.17 3.32 10.53
C ARG A 17 -6.43 3.35 11.39
N ASN A 18 -6.28 3.80 12.64
CA ASN A 18 -7.40 3.88 13.57
C ASN A 18 -7.81 2.49 14.04
N LEU A 19 -6.81 1.63 14.25
CA LEU A 19 -7.07 0.27 14.71
C LEU A 19 -7.37 0.24 16.20
N ALA A 20 -8.27 -0.66 16.60
CA ALA A 20 -8.65 -0.78 18.00
C ALA A 20 -7.54 -1.45 18.81
N ASN A 21 -7.77 -1.60 20.11
CA ASN A 21 -6.79 -2.22 20.99
C ASN A 21 -6.91 -3.74 20.95
N THR A 22 -7.81 -4.24 20.11
CA THR A 22 -8.02 -5.68 19.96
C THR A 22 -7.76 -6.13 18.53
N VAL A 23 -7.18 -5.25 17.74
CA VAL A 23 -6.87 -5.56 16.35
C VAL A 23 -5.45 -6.05 16.19
N THR A 24 -5.26 -7.15 15.47
CA THR A 24 -3.94 -7.72 15.25
C THR A 24 -3.79 -8.22 13.81
N GLU A 25 -2.55 -8.48 13.41
CA GLU A 25 -2.27 -8.97 12.06
C GLU A 25 -3.31 -10.01 11.63
N GLU A 26 -3.62 -10.93 12.54
CA GLU A 26 -4.60 -11.98 12.26
C GLU A 26 -5.93 -11.37 11.81
N ILE A 27 -6.51 -10.56 12.67
CA ILE A 27 -7.79 -9.92 12.36
C ILE A 27 -7.71 -9.13 11.06
N LEU A 28 -6.53 -8.60 10.77
CA LEU A 28 -6.32 -7.81 9.55
C LEU A 28 -6.33 -8.72 8.33
N GLU A 29 -5.97 -9.98 8.53
CA GLU A 29 -5.92 -10.95 7.44
C GLU A 29 -7.31 -11.53 7.18
N LYS A 30 -7.93 -12.07 8.23
CA LYS A 30 -9.25 -12.66 8.11
C LYS A 30 -10.26 -11.65 7.59
N ALA A 31 -9.92 -10.37 7.71
CA ALA A 31 -10.80 -9.30 7.24
C ALA A 31 -10.44 -8.89 5.82
N PHE A 32 -9.14 -8.73 5.56
CA PHE A 32 -8.67 -8.33 4.24
C PHE A 32 -8.33 -9.56 3.39
N SER A 33 -8.85 -10.71 3.80
CA SER A 33 -8.59 -11.96 3.07
C SER A 33 -9.78 -12.32 2.18
N GLN A 34 -10.93 -12.54 2.80
CA GLN A 34 -12.14 -12.88 2.05
C GLN A 34 -12.21 -12.12 0.73
N PHE A 35 -11.78 -10.86 0.76
CA PHE A 35 -11.79 -10.01 -0.42
C PHE A 35 -10.88 -10.59 -1.51
N GLY A 36 -9.60 -10.74 -1.18
CA GLY A 36 -8.64 -11.28 -2.12
C GLY A 36 -7.45 -11.92 -1.45
N LYS A 37 -6.71 -12.73 -2.20
CA LYS A 37 -5.54 -13.40 -1.66
C LYS A 37 -4.56 -12.40 -1.06
N LEU A 38 -4.23 -12.60 0.22
CA LEU A 38 -3.29 -11.71 0.90
C LEU A 38 -1.86 -12.22 0.77
N GLU A 39 -0.92 -11.47 1.35
CA GLU A 39 0.49 -11.84 1.30
C GLU A 39 1.13 -11.74 2.68
N ARG A 40 0.82 -10.65 3.38
CA ARG A 40 1.37 -10.43 4.71
C ARG A 40 0.75 -9.20 5.36
N VAL A 41 0.94 -9.05 6.67
CA VAL A 41 0.40 -7.91 7.40
C VAL A 41 1.42 -7.38 8.40
N LYS A 42 1.57 -6.06 8.43
CA LYS A 42 2.51 -5.42 9.34
C LYS A 42 1.79 -4.48 10.30
N LYS A 43 1.86 -4.78 11.59
CA LYS A 43 1.21 -3.96 12.61
C LYS A 43 2.18 -2.92 13.17
N LEU A 44 1.65 -1.73 13.47
CA LEU A 44 2.47 -0.65 14.01
C LEU A 44 1.82 -0.05 15.26
N LYS A 45 2.42 1.02 15.77
CA LYS A 45 1.89 1.69 16.96
C LYS A 45 0.38 1.57 17.02
N ASP A 46 -0.31 2.18 16.06
CA ASP A 46 -1.76 2.15 16.01
C ASP A 46 -2.24 1.69 14.64
N TYR A 47 -1.55 2.12 13.59
CA TYR A 47 -1.90 1.75 12.23
C TYR A 47 -1.16 0.50 11.79
N ALA A 48 -1.43 0.06 10.56
CA ALA A 48 -0.78 -1.12 10.00
C ALA A 48 -0.84 -1.13 8.48
N PHE A 49 -0.13 -2.07 7.87
CA PHE A 49 -0.10 -2.18 6.41
C PHE A 49 -0.55 -3.57 5.96
N ILE A 50 -1.52 -3.61 5.06
CA ILE A 50 -2.02 -4.87 4.54
C ILE A 50 -1.44 -5.19 3.17
N HIS A 51 -0.57 -6.18 3.12
CA HIS A 51 0.06 -6.58 1.87
C HIS A 51 -0.82 -7.57 1.10
N PHE A 52 -1.38 -7.13 -0.01
CA PHE A 52 -2.24 -7.97 -0.83
C PHE A 52 -1.43 -8.68 -1.92
N ASP A 53 -1.81 -9.91 -2.21
CA ASP A 53 -1.12 -10.70 -3.24
C ASP A 53 -1.11 -9.95 -4.56
N GLU A 54 -2.16 -9.20 -4.82
CA GLU A 54 -2.28 -8.43 -6.06
C GLU A 54 -2.90 -7.06 -5.81
N ARG A 55 -2.73 -6.16 -6.77
CA ARG A 55 -3.27 -4.82 -6.65
C ARG A 55 -4.80 -4.85 -6.59
N ASP A 56 -5.39 -5.80 -7.30
CA ASP A 56 -6.84 -5.95 -7.33
C ASP A 56 -7.39 -6.32 -5.95
N GLY A 57 -6.91 -7.44 -5.43
CA GLY A 57 -7.37 -7.89 -4.12
C GLY A 57 -7.47 -6.75 -3.11
N ALA A 58 -6.63 -5.73 -3.30
CA ALA A 58 -6.64 -4.58 -2.41
C ALA A 58 -7.77 -3.61 -2.76
N VAL A 59 -7.76 -3.10 -3.97
CA VAL A 59 -8.79 -2.17 -4.42
C VAL A 59 -10.16 -2.55 -3.88
N LYS A 60 -10.39 -3.86 -3.77
CA LYS A 60 -11.66 -4.36 -3.25
C LYS A 60 -11.76 -4.17 -1.75
N ALA A 61 -10.87 -4.81 -1.00
CA ALA A 61 -10.85 -4.70 0.45
C ALA A 61 -10.64 -3.26 0.88
N MET A 62 -10.21 -2.42 -0.06
CA MET A 62 -9.97 -1.01 0.23
C MET A 62 -11.28 -0.23 0.24
N GLU A 63 -11.95 -0.19 -0.91
CA GLU A 63 -13.21 0.53 -1.04
C GLU A 63 -14.34 -0.24 -0.36
N GLU A 64 -14.03 -1.43 0.15
CA GLU A 64 -15.02 -2.26 0.82
C GLU A 64 -14.90 -2.12 2.34
N MET A 65 -13.69 -1.85 2.81
CA MET A 65 -13.45 -1.70 4.24
C MET A 65 -13.20 -0.24 4.59
N ASN A 66 -12.42 0.44 3.76
CA ASN A 66 -12.10 1.85 3.99
C ASN A 66 -13.28 2.58 4.63
N GLY A 67 -13.27 2.64 5.97
CA GLY A 67 -14.35 3.31 6.68
C GLY A 67 -15.31 2.33 7.31
N LYS A 68 -14.82 1.15 7.66
CA LYS A 68 -15.65 0.12 8.27
C LYS A 68 -15.47 0.11 9.79
N ASP A 69 -16.54 -0.20 10.51
CA ASP A 69 -16.50 -0.25 11.96
C ASP A 69 -15.75 -1.50 12.44
N LEU A 70 -14.43 -1.45 12.40
CA LEU A 70 -13.61 -2.58 12.83
C LEU A 70 -13.35 -2.52 14.32
N GLU A 71 -13.90 -3.49 15.05
CA GLU A 71 -13.73 -3.54 16.50
C GLU A 71 -14.33 -2.32 17.17
N GLY A 72 -15.30 -1.70 16.51
CA GLY A 72 -15.94 -0.52 17.06
C GLY A 72 -15.21 0.76 16.68
N GLU A 73 -14.37 0.68 15.66
CA GLU A 73 -13.61 1.84 15.21
C GLU A 73 -13.56 1.91 13.69
N ASN A 74 -14.00 3.03 13.13
CA ASN A 74 -14.02 3.22 11.69
C ASN A 74 -12.59 3.39 11.15
N ILE A 75 -12.00 2.27 10.73
CA ILE A 75 -10.65 2.30 10.19
C ILE A 75 -10.62 2.95 8.81
N GLU A 76 -9.53 3.65 8.51
CA GLU A 76 -9.37 4.31 7.23
C GLU A 76 -8.27 3.65 6.39
N ILE A 77 -8.60 3.35 5.14
CA ILE A 77 -7.65 2.71 4.23
C ILE A 77 -7.28 3.64 3.08
N VAL A 78 -5.99 3.85 2.89
CA VAL A 78 -5.51 4.71 1.81
C VAL A 78 -4.30 4.10 1.12
N PHE A 79 -4.29 4.16 -0.21
CA PHE A 79 -3.19 3.61 -1.00
C PHE A 79 -1.85 4.18 -0.54
N ALA A 80 -1.04 3.33 0.08
CA ALA A 80 0.28 3.75 0.56
C ALA A 80 1.21 4.05 -0.60
N LYS A 81 1.89 5.19 -0.52
CA LYS A 81 2.82 5.60 -1.56
C LYS A 81 3.86 4.52 -1.81
N PRO A 82 4.36 4.45 -3.06
CA PRO A 82 5.37 3.46 -3.46
C PRO A 82 6.73 3.73 -2.83
N PRO A 83 7.48 2.66 -2.57
CA PRO A 83 8.82 2.76 -1.96
C PRO A 83 9.85 3.36 -2.91
N ASP A 84 10.02 4.68 -2.81
CA ASP A 84 10.97 5.39 -3.66
C ASP A 84 12.40 5.11 -3.22
N GLN A 85 13.37 5.63 -3.98
CA GLN A 85 14.78 5.43 -3.68
C GLN A 85 15.64 6.45 -4.41
N LYS A 86 16.87 6.63 -3.94
CA LYS A 86 17.80 7.57 -4.55
C LYS A 86 18.77 6.84 -5.48
N ARG A 87 19.61 5.99 -4.90
CA ARG A 87 20.59 5.23 -5.68
C ARG A 87 21.30 4.21 -4.80
N LYS A 88 21.85 3.17 -5.43
CA LYS A 88 22.55 2.12 -4.72
C LYS A 88 24.07 2.29 -4.85
N GLU A 89 24.71 2.71 -3.76
CA GLU A 89 26.16 2.91 -3.77
C GLU A 89 26.87 1.71 -3.17
N ARG A 90 28.01 1.35 -3.77
CA ARG A 90 28.79 0.21 -3.30
C ARG A 90 30.28 0.52 -3.36
N LYS A 91 31.08 -0.29 -2.66
CA LYS A 91 32.52 -0.11 -2.64
C LYS A 91 33.23 -1.28 -3.33
N ALA A 92 34.46 -1.05 -3.76
CA ALA A 92 35.24 -2.08 -4.43
C ALA A 92 36.67 -1.61 -4.67
N GLN A 93 37.63 -2.34 -4.11
CA GLN A 93 39.04 -2.00 -4.26
C GLN A 93 39.91 -3.26 -4.28
N ARG A 94 41.08 -3.15 -4.89
CA ARG A 94 42.00 -4.28 -4.97
C ARG A 94 43.26 -4.03 -4.14
N GLN A 95 43.72 -5.07 -3.44
CA GLN A 95 44.91 -4.95 -2.62
C GLN A 95 45.66 -6.27 -2.56
N ALA A 96 46.99 -6.19 -2.42
CA ALA A 96 47.83 -7.38 -2.36
C ALA A 96 49.03 -7.16 -1.45
N ALA A 97 49.72 -8.24 -1.12
CA ALA A 97 50.90 -8.16 -0.26
C ALA A 97 51.77 -9.40 -0.40
N SER A 98 52.97 -9.35 0.15
CA SER A 98 53.90 -10.47 0.09
C SER A 98 55.01 -10.32 1.11
N GLY A 99 55.91 -11.29 1.15
CA GLY A 99 57.02 -11.25 2.10
C GLY A 99 57.92 -12.46 1.99
N PRO A 100 59.22 -12.25 2.22
CA PRO A 100 60.22 -13.32 2.15
C PRO A 100 60.07 -14.32 3.30
N SER A 101 60.99 -15.29 3.35
CA SER A 101 60.96 -16.31 4.40
C SER A 101 62.34 -16.51 5.00
N SER A 102 62.42 -17.33 6.04
CA SER A 102 63.68 -17.60 6.71
C SER A 102 63.68 -18.99 7.33
N GLY A 103 64.82 -19.39 7.89
CA GLY A 103 64.92 -20.70 8.52
C GLY A 103 65.86 -21.62 7.77
N GLY A 1 -21.54 -3.48 -5.47
CA GLY A 1 -21.60 -2.97 -6.83
C GLY A 1 -20.65 -1.80 -7.05
N SER A 2 -19.86 -1.88 -8.11
CA SER A 2 -18.91 -0.83 -8.42
C SER A 2 -18.76 -0.66 -9.94
N SER A 3 -18.78 0.59 -10.39
CA SER A 3 -18.66 0.88 -11.81
C SER A 3 -18.06 2.27 -12.03
N GLY A 4 -16.91 2.31 -12.71
CA GLY A 4 -16.26 3.59 -12.97
C GLY A 4 -15.11 3.84 -12.02
N SER A 5 -14.03 3.09 -12.16
CA SER A 5 -12.86 3.23 -11.31
C SER A 5 -12.09 4.50 -11.67
N SER A 6 -11.79 5.31 -10.66
CA SER A 6 -11.05 6.55 -10.86
C SER A 6 -9.67 6.28 -11.46
N GLY A 7 -8.90 5.42 -10.79
CA GLY A 7 -7.58 5.09 -11.27
C GLY A 7 -6.56 6.19 -11.00
N MET A 8 -6.02 6.18 -9.78
CA MET A 8 -5.03 7.18 -9.39
C MET A 8 -3.62 6.59 -9.39
N ALA A 9 -3.46 5.47 -8.69
CA ALA A 9 -2.17 4.81 -8.61
C ALA A 9 -2.32 3.32 -8.25
N LYS A 10 -1.65 2.47 -9.00
CA LYS A 10 -1.72 1.03 -8.76
C LYS A 10 -0.89 0.64 -7.55
N VAL A 11 -1.57 0.35 -6.44
CA VAL A 11 -0.90 -0.04 -5.21
C VAL A 11 -1.57 -1.27 -4.58
N LYS A 12 -0.75 -2.22 -4.16
CA LYS A 12 -1.26 -3.44 -3.54
C LYS A 12 -1.30 -3.30 -2.02
N VAL A 13 -0.36 -2.54 -1.48
CA VAL A 13 -0.29 -2.33 -0.04
C VAL A 13 -1.31 -1.30 0.43
N LEU A 14 -2.16 -1.70 1.37
CA LEU A 14 -3.20 -0.82 1.90
C LEU A 14 -2.81 -0.29 3.27
N PHE A 15 -2.81 1.03 3.42
CA PHE A 15 -2.47 1.65 4.69
C PHE A 15 -3.71 1.84 5.57
N VAL A 16 -3.84 1.02 6.61
CA VAL A 16 -4.98 1.10 7.51
C VAL A 16 -4.59 1.76 8.83
N ARG A 17 -5.45 2.63 9.32
CA ARG A 17 -5.20 3.33 10.58
C ARG A 17 -6.45 3.36 11.45
N ASN A 18 -6.28 3.77 12.70
CA ASN A 18 -7.41 3.84 13.63
C ASN A 18 -7.82 2.45 14.11
N LEU A 19 -6.83 1.64 14.48
CA LEU A 19 -7.08 0.29 14.95
C LEU A 19 -7.45 0.28 16.43
N ALA A 20 -8.47 -0.49 16.78
CA ALA A 20 -8.92 -0.59 18.16
C ALA A 20 -7.84 -1.21 19.04
N ASN A 21 -8.14 -1.35 20.33
CA ASN A 21 -7.20 -1.93 21.27
C ASN A 21 -7.31 -3.45 21.30
N THR A 22 -8.12 -3.99 20.39
CA THR A 22 -8.33 -5.43 20.30
C THR A 22 -8.00 -5.94 18.91
N VAL A 23 -7.37 -5.09 18.09
CA VAL A 23 -7.01 -5.47 16.74
C VAL A 23 -5.59 -6.05 16.69
N THR A 24 -5.35 -6.91 15.70
CA THR A 24 -4.05 -7.54 15.55
C THR A 24 -3.80 -7.93 14.09
N GLU A 25 -2.58 -8.40 13.82
CA GLU A 25 -2.21 -8.79 12.46
C GLU A 25 -3.13 -9.90 11.95
N GLU A 26 -3.54 -10.79 12.85
CA GLU A 26 -4.42 -11.89 12.49
C GLU A 26 -5.79 -11.38 12.07
N ILE A 27 -6.29 -10.38 12.78
CA ILE A 27 -7.59 -9.79 12.47
C ILE A 27 -7.55 -9.03 11.16
N LEU A 28 -6.38 -8.50 10.81
CA LEU A 28 -6.21 -7.75 9.58
C LEU A 28 -6.24 -8.68 8.36
N GLU A 29 -5.76 -9.91 8.56
CA GLU A 29 -5.73 -10.89 7.48
C GLU A 29 -7.15 -11.39 7.16
N LYS A 30 -7.68 -12.23 8.04
CA LYS A 30 -9.02 -12.77 7.86
C LYS A 30 -9.99 -11.70 7.35
N ALA A 31 -9.78 -10.46 7.82
CA ALA A 31 -10.63 -9.35 7.41
C ALA A 31 -10.35 -8.94 5.97
N PHE A 32 -9.07 -8.70 5.67
CA PHE A 32 -8.67 -8.29 4.33
C PHE A 32 -8.38 -9.50 3.45
N SER A 33 -8.83 -10.66 3.91
CA SER A 33 -8.62 -11.91 3.17
C SER A 33 -9.86 -12.25 2.33
N GLN A 34 -11.00 -12.36 3.00
CA GLN A 34 -12.25 -12.69 2.32
C GLN A 34 -12.30 -12.06 0.93
N PHE A 35 -11.85 -10.81 0.84
CA PHE A 35 -11.84 -10.10 -0.44
C PHE A 35 -10.94 -10.81 -1.45
N GLY A 36 -9.64 -10.80 -1.20
CA GLY A 36 -8.70 -11.44 -2.10
C GLY A 36 -7.50 -12.03 -1.37
N LYS A 37 -6.76 -12.89 -2.06
CA LYS A 37 -5.59 -13.52 -1.46
C LYS A 37 -4.62 -12.48 -0.92
N LEU A 38 -4.24 -12.64 0.35
CA LEU A 38 -3.31 -11.70 0.98
C LEU A 38 -1.88 -12.24 0.92
N GLU A 39 -0.92 -11.32 1.01
CA GLU A 39 0.50 -11.70 0.96
C GLU A 39 1.11 -11.67 2.36
N ARG A 40 0.78 -10.64 3.11
CA ARG A 40 1.29 -10.48 4.48
C ARG A 40 0.66 -9.28 5.17
N VAL A 41 0.88 -9.17 6.48
CA VAL A 41 0.33 -8.07 7.26
C VAL A 41 1.33 -7.57 8.29
N LYS A 42 1.59 -6.26 8.26
CA LYS A 42 2.53 -5.65 9.19
C LYS A 42 1.85 -4.59 10.04
N LYS A 43 1.59 -4.93 11.30
CA LYS A 43 0.94 -4.01 12.22
C LYS A 43 1.95 -3.03 12.83
N LEU A 44 1.47 -1.85 13.20
CA LEU A 44 2.33 -0.84 13.80
C LEU A 44 1.72 -0.29 15.08
N LYS A 45 2.37 0.73 15.66
CA LYS A 45 1.89 1.34 16.88
C LYS A 45 0.36 1.33 16.94
N ASP A 46 -0.26 2.12 16.07
CA ASP A 46 -1.71 2.19 16.02
C ASP A 46 -2.24 1.73 14.65
N TYR A 47 -1.53 2.11 13.60
CA TYR A 47 -1.92 1.74 12.24
C TYR A 47 -1.23 0.45 11.81
N ALA A 48 -1.50 0.04 10.58
CA ALA A 48 -0.91 -1.19 10.04
C ALA A 48 -0.91 -1.18 8.52
N PHE A 49 -0.19 -2.11 7.92
CA PHE A 49 -0.11 -2.21 6.47
C PHE A 49 -0.60 -3.57 5.98
N ILE A 50 -1.53 -3.56 5.02
CA ILE A 50 -2.07 -4.79 4.48
C ILE A 50 -1.48 -5.09 3.11
N HIS A 51 -0.72 -6.17 3.02
CA HIS A 51 -0.09 -6.57 1.75
C HIS A 51 -0.98 -7.56 1.01
N PHE A 52 -1.32 -7.21 -0.23
CA PHE A 52 -2.17 -8.06 -1.06
C PHE A 52 -1.35 -8.75 -2.15
N ASP A 53 -1.73 -9.98 -2.47
CA ASP A 53 -1.03 -10.76 -3.49
C ASP A 53 -1.10 -10.06 -4.84
N GLU A 54 -2.21 -9.38 -5.10
CA GLU A 54 -2.40 -8.66 -6.36
C GLU A 54 -2.92 -7.25 -6.11
N ARG A 55 -2.72 -6.38 -7.09
CA ARG A 55 -3.15 -4.99 -6.98
C ARG A 55 -4.67 -4.90 -6.90
N ASP A 56 -5.35 -5.87 -7.50
CA ASP A 56 -6.81 -5.90 -7.50
C ASP A 56 -7.34 -6.24 -6.11
N GLY A 57 -6.98 -7.43 -5.61
CA GLY A 57 -7.43 -7.85 -4.31
C GLY A 57 -7.49 -6.70 -3.32
N ALA A 58 -6.62 -5.73 -3.50
CA ALA A 58 -6.57 -4.57 -2.61
C ALA A 58 -7.70 -3.60 -2.91
N VAL A 59 -7.69 -3.03 -4.13
CA VAL A 59 -8.71 -2.09 -4.54
C VAL A 59 -10.08 -2.48 -3.98
N LYS A 60 -10.33 -3.78 -3.90
CA LYS A 60 -11.59 -4.29 -3.38
C LYS A 60 -11.67 -4.11 -1.87
N ALA A 61 -10.78 -4.78 -1.16
CA ALA A 61 -10.74 -4.70 0.30
C ALA A 61 -10.53 -3.26 0.76
N MET A 62 -10.09 -2.41 -0.15
CA MET A 62 -9.84 -1.01 0.16
C MET A 62 -11.15 -0.23 0.21
N GLU A 63 -11.86 -0.18 -0.92
CA GLU A 63 -13.13 0.52 -1.00
C GLU A 63 -14.23 -0.25 -0.30
N GLU A 64 -13.89 -1.41 0.25
CA GLU A 64 -14.84 -2.26 0.94
C GLU A 64 -14.74 -2.07 2.44
N MET A 65 -13.52 -1.90 2.93
CA MET A 65 -13.28 -1.71 4.36
C MET A 65 -13.03 -0.25 4.69
N ASN A 66 -12.44 0.47 3.73
CA ASN A 66 -12.14 1.89 3.91
C ASN A 66 -13.30 2.60 4.60
N GLY A 67 -13.25 2.67 5.93
CA GLY A 67 -14.30 3.33 6.68
C GLY A 67 -15.28 2.35 7.29
N LYS A 68 -14.80 1.16 7.62
CA LYS A 68 -15.65 0.12 8.21
C LYS A 68 -15.45 0.06 9.72
N ASP A 69 -16.51 -0.30 10.43
CA ASP A 69 -16.46 -0.40 11.89
C ASP A 69 -15.69 -1.65 12.32
N LEU A 70 -14.37 -1.52 12.40
CA LEU A 70 -13.52 -2.63 12.80
C LEU A 70 -13.25 -2.60 14.30
N GLU A 71 -13.80 -3.59 15.01
CA GLU A 71 -13.62 -3.68 16.46
C GLU A 71 -14.24 -2.47 17.15
N GLY A 72 -15.24 -1.87 16.52
CA GLY A 72 -15.90 -0.72 17.10
C GLY A 72 -15.19 0.58 16.74
N GLU A 73 -14.37 0.54 15.70
CA GLU A 73 -13.63 1.72 15.26
C GLU A 73 -13.59 1.80 13.73
N ASN A 74 -14.02 2.93 13.20
CA ASN A 74 -14.04 3.13 11.75
C ASN A 74 -12.63 3.34 11.21
N ILE A 75 -12.00 2.25 10.78
CA ILE A 75 -10.65 2.31 10.24
C ILE A 75 -10.63 2.99 8.88
N GLU A 76 -9.52 3.67 8.58
CA GLU A 76 -9.37 4.37 7.31
C GLU A 76 -8.28 3.72 6.46
N ILE A 77 -8.61 3.47 5.19
CA ILE A 77 -7.67 2.85 4.26
C ILE A 77 -7.26 3.83 3.17
N VAL A 78 -5.95 3.90 2.90
CA VAL A 78 -5.43 4.79 1.88
C VAL A 78 -4.22 4.18 1.18
N PHE A 79 -4.22 4.23 -0.15
CA PHE A 79 -3.12 3.67 -0.93
C PHE A 79 -1.79 4.25 -0.48
N ALA A 80 -0.97 3.41 0.17
CA ALA A 80 0.33 3.84 0.66
C ALA A 80 1.31 4.05 -0.50
N LYS A 81 2.21 5.01 -0.33
CA LYS A 81 3.21 5.30 -1.36
C LYS A 81 4.18 4.14 -1.53
N PRO A 82 4.64 3.92 -2.77
CA PRO A 82 5.57 2.85 -3.09
C PRO A 82 6.97 3.11 -2.53
N PRO A 83 7.38 2.27 -1.56
CA PRO A 83 8.69 2.40 -0.92
C PRO A 83 9.83 2.02 -1.87
N ASP A 84 10.51 3.04 -2.40
CA ASP A 84 11.62 2.83 -3.32
C ASP A 84 12.54 4.04 -3.33
N GLN A 85 13.85 3.78 -3.35
CA GLN A 85 14.83 4.85 -3.36
C GLN A 85 15.49 4.96 -4.74
N LYS A 86 15.05 5.94 -5.52
CA LYS A 86 15.59 6.15 -6.85
C LYS A 86 16.00 7.61 -7.05
N ARG A 87 17.07 7.82 -7.81
CA ARG A 87 17.57 9.17 -8.07
C ARG A 87 18.35 9.22 -9.37
N LYS A 88 18.42 10.39 -9.98
CA LYS A 88 19.14 10.58 -11.23
C LYS A 88 19.90 11.90 -11.24
N GLU A 89 21.22 11.81 -11.44
CA GLU A 89 22.06 13.00 -11.46
C GLU A 89 23.19 12.84 -12.46
N ARG A 90 23.54 13.93 -13.13
CA ARG A 90 24.61 13.92 -14.12
C ARG A 90 24.96 15.33 -14.58
N LYS A 91 26.21 15.53 -14.98
CA LYS A 91 26.67 16.83 -15.44
C LYS A 91 27.91 16.69 -16.30
N ALA A 92 27.98 17.46 -17.39
CA ALA A 92 29.13 17.44 -18.28
C ALA A 92 29.26 18.75 -19.05
N GLN A 93 30.46 19.03 -19.53
CA GLN A 93 30.72 20.25 -20.28
C GLN A 93 31.54 19.97 -21.53
N ARG A 94 31.69 20.97 -22.38
CA ARG A 94 32.46 20.83 -23.62
C ARG A 94 33.37 22.03 -23.84
N GLN A 95 34.23 21.93 -24.85
CA GLN A 95 35.16 23.00 -25.16
C GLN A 95 34.77 23.69 -26.48
N ALA A 96 35.07 24.98 -26.56
CA ALA A 96 34.76 25.75 -27.77
C ALA A 96 35.98 25.86 -28.68
N ALA A 97 35.73 26.16 -29.95
CA ALA A 97 36.81 26.30 -30.93
C ALA A 97 36.94 27.74 -31.41
N SER A 98 38.07 28.06 -32.00
CA SER A 98 38.32 29.40 -32.51
C SER A 98 38.70 29.37 -33.99
N GLY A 99 38.71 30.55 -34.61
CA GLY A 99 39.06 30.62 -36.03
C GLY A 99 39.16 32.06 -36.51
N PRO A 100 40.08 32.29 -37.46
CA PRO A 100 40.30 33.63 -38.03
C PRO A 100 39.13 34.09 -38.90
N SER A 101 38.48 35.17 -38.49
CA SER A 101 37.35 35.71 -39.22
C SER A 101 37.75 36.11 -40.64
N SER A 102 38.76 36.96 -40.75
CA SER A 102 39.26 37.41 -42.03
C SER A 102 40.50 36.64 -42.45
N GLY A 103 40.72 36.55 -43.76
CA GLY A 103 41.88 35.83 -44.27
C GLY A 103 41.61 35.19 -45.62
N GLY A 1 -22.16 3.73 -8.05
CA GLY A 1 -22.66 5.08 -7.91
C GLY A 1 -21.60 6.06 -7.44
N SER A 2 -21.32 6.04 -6.14
CA SER A 2 -20.31 6.92 -5.56
C SER A 2 -18.97 6.77 -6.25
N SER A 3 -18.34 7.88 -6.59
CA SER A 3 -17.05 7.87 -7.27
C SER A 3 -15.92 8.15 -6.29
N GLY A 4 -14.83 7.42 -6.44
CA GLY A 4 -13.68 7.61 -5.56
C GLY A 4 -12.75 8.71 -6.04
N SER A 5 -12.26 9.51 -5.10
CA SER A 5 -11.36 10.62 -5.43
C SER A 5 -10.38 10.20 -6.53
N SER A 6 -10.62 10.70 -7.74
CA SER A 6 -9.76 10.37 -8.87
C SER A 6 -8.29 10.36 -8.47
N GLY A 7 -7.49 9.58 -9.19
CA GLY A 7 -6.08 9.48 -8.88
C GLY A 7 -5.44 8.24 -9.46
N MET A 8 -4.77 8.40 -10.59
CA MET A 8 -4.10 7.28 -11.26
C MET A 8 -2.93 6.78 -10.43
N ALA A 9 -3.00 5.51 -10.02
CA ALA A 9 -1.93 4.91 -9.21
C ALA A 9 -2.13 3.41 -9.09
N LYS A 10 -1.02 2.68 -8.98
CA LYS A 10 -1.06 1.23 -8.86
C LYS A 10 -0.36 0.77 -7.58
N VAL A 11 -1.11 0.65 -6.49
CA VAL A 11 -0.57 0.23 -5.22
C VAL A 11 -1.28 -1.02 -4.70
N LYS A 12 -0.50 -2.00 -4.27
CA LYS A 12 -1.06 -3.24 -3.74
C LYS A 12 -1.19 -3.18 -2.23
N VAL A 13 -0.28 -2.45 -1.58
CA VAL A 13 -0.30 -2.32 -0.13
C VAL A 13 -1.32 -1.27 0.31
N LEU A 14 -2.13 -1.62 1.30
CA LEU A 14 -3.16 -0.73 1.81
C LEU A 14 -2.81 -0.25 3.23
N PHE A 15 -2.81 1.06 3.42
CA PHE A 15 -2.49 1.64 4.72
C PHE A 15 -3.75 1.81 5.56
N VAL A 16 -3.83 1.06 6.66
CA VAL A 16 -4.99 1.13 7.55
C VAL A 16 -4.62 1.75 8.89
N ARG A 17 -5.42 2.71 9.34
CA ARG A 17 -5.17 3.38 10.60
C ARG A 17 -6.43 3.40 11.46
N ASN A 18 -6.28 3.81 12.72
CA ASN A 18 -7.40 3.87 13.64
C ASN A 18 -7.81 2.47 14.11
N LEU A 19 -6.81 1.64 14.39
CA LEU A 19 -7.06 0.28 14.85
C LEU A 19 -7.38 0.26 16.34
N ALA A 20 -8.43 -0.48 16.69
CA ALA A 20 -8.85 -0.59 18.09
C ALA A 20 -7.70 -1.09 18.96
N ASN A 21 -7.98 -1.29 20.25
CA ASN A 21 -6.98 -1.76 21.19
C ASN A 21 -7.01 -3.28 21.29
N THR A 22 -7.73 -3.92 20.38
CA THR A 22 -7.84 -5.37 20.36
C THR A 22 -7.67 -5.92 18.94
N VAL A 23 -7.10 -5.11 18.06
CA VAL A 23 -6.88 -5.51 16.68
C VAL A 23 -5.46 -6.05 16.48
N THR A 24 -5.35 -7.14 15.74
CA THR A 24 -4.05 -7.76 15.49
C THR A 24 -3.92 -8.15 14.01
N GLU A 25 -2.70 -8.54 13.62
CA GLU A 25 -2.44 -8.94 12.25
C GLU A 25 -3.44 -10.02 11.80
N GLU A 26 -3.65 -11.02 12.66
CA GLU A 26 -4.56 -12.10 12.35
C GLU A 26 -5.93 -11.56 11.95
N ILE A 27 -6.40 -10.56 12.67
CA ILE A 27 -7.70 -9.95 12.39
C ILE A 27 -7.66 -9.14 11.10
N LEU A 28 -6.47 -8.63 10.76
CA LEU A 28 -6.30 -7.84 9.56
C LEU A 28 -6.32 -8.72 8.32
N GLU A 29 -5.86 -9.96 8.47
CA GLU A 29 -5.83 -10.90 7.35
C GLU A 29 -7.22 -11.42 7.05
N LYS A 30 -7.80 -12.16 8.01
CA LYS A 30 -9.13 -12.71 7.85
C LYS A 30 -10.10 -11.69 7.26
N ALA A 31 -9.97 -10.45 7.72
CA ALA A 31 -10.82 -9.37 7.23
C ALA A 31 -10.46 -8.99 5.80
N PHE A 32 -9.20 -8.64 5.58
CA PHE A 32 -8.73 -8.26 4.26
C PHE A 32 -8.42 -9.49 3.40
N SER A 33 -8.88 -10.64 3.86
CA SER A 33 -8.66 -11.89 3.14
C SER A 33 -9.89 -12.29 2.33
N GLN A 34 -11.03 -12.36 3.01
CA GLN A 34 -12.28 -12.72 2.35
C GLN A 34 -12.37 -12.09 0.97
N PHE A 35 -11.87 -10.87 0.85
CA PHE A 35 -11.90 -10.14 -0.42
C PHE A 35 -11.03 -10.84 -1.46
N GLY A 36 -9.73 -10.90 -1.20
CA GLY A 36 -8.82 -11.54 -2.13
C GLY A 36 -7.60 -12.11 -1.43
N LYS A 37 -6.83 -12.91 -2.16
CA LYS A 37 -5.62 -13.53 -1.62
C LYS A 37 -4.70 -12.47 -1.01
N LEU A 38 -4.28 -12.70 0.23
CA LEU A 38 -3.40 -11.76 0.92
C LEU A 38 -1.95 -12.24 0.85
N GLU A 39 -1.02 -11.33 1.14
CA GLU A 39 0.40 -11.66 1.12
C GLU A 39 0.99 -11.62 2.53
N ARG A 40 0.71 -10.54 3.24
CA ARG A 40 1.22 -10.38 4.61
C ARG A 40 0.60 -9.14 5.26
N VAL A 41 0.75 -9.05 6.58
CA VAL A 41 0.21 -7.91 7.33
C VAL A 41 1.24 -7.38 8.33
N LYS A 42 1.50 -6.08 8.27
CA LYS A 42 2.46 -5.44 9.16
C LYS A 42 1.75 -4.53 10.15
N LYS A 43 1.81 -4.88 11.43
CA LYS A 43 1.18 -4.11 12.49
C LYS A 43 2.15 -3.05 13.03
N LEU A 44 1.63 -1.85 13.27
CA LEU A 44 2.44 -0.76 13.80
C LEU A 44 1.82 -0.19 15.07
N LYS A 45 2.42 0.88 15.58
CA LYS A 45 1.94 1.52 16.80
C LYS A 45 0.41 1.43 16.89
N ASP A 46 -0.27 2.19 16.02
CA ASP A 46 -1.73 2.18 16.00
C ASP A 46 -2.25 1.70 14.65
N TYR A 47 -1.57 2.10 13.58
CA TYR A 47 -1.97 1.71 12.24
C TYR A 47 -1.26 0.43 11.81
N ALA A 48 -1.49 0.02 10.57
CA ALA A 48 -0.88 -1.19 10.03
C ALA A 48 -0.98 -1.23 8.50
N PHE A 49 -0.11 -2.01 7.88
CA PHE A 49 -0.09 -2.14 6.43
C PHE A 49 -0.58 -3.52 6.00
N ILE A 50 -1.48 -3.55 5.02
CA ILE A 50 -2.02 -4.81 4.52
C ILE A 50 -1.45 -5.14 3.14
N HIS A 51 -0.58 -6.13 3.09
CA HIS A 51 0.03 -6.55 1.83
C HIS A 51 -0.85 -7.55 1.10
N PHE A 52 -1.31 -7.17 -0.09
CA PHE A 52 -2.18 -8.05 -0.88
C PHE A 52 -1.37 -8.77 -1.96
N ASP A 53 -1.76 -10.00 -2.26
CA ASP A 53 -1.08 -10.80 -3.27
C ASP A 53 -1.08 -10.08 -4.62
N GLU A 54 -2.16 -9.38 -4.92
CA GLU A 54 -2.28 -8.65 -6.17
C GLU A 54 -2.79 -7.24 -5.93
N ARG A 55 -2.57 -6.35 -6.90
CA ARG A 55 -3.00 -4.96 -6.79
C ARG A 55 -4.53 -4.88 -6.73
N ASP A 56 -5.20 -5.78 -7.46
CA ASP A 56 -6.66 -5.80 -7.49
C ASP A 56 -7.22 -6.18 -6.12
N GLY A 57 -6.84 -7.35 -5.63
CA GLY A 57 -7.32 -7.80 -4.34
C GLY A 57 -7.41 -6.68 -3.32
N ALA A 58 -6.53 -5.69 -3.46
CA ALA A 58 -6.52 -4.55 -2.55
C ALA A 58 -7.65 -3.57 -2.88
N VAL A 59 -7.65 -3.07 -4.10
CA VAL A 59 -8.67 -2.12 -4.53
C VAL A 59 -10.04 -2.49 -3.97
N LYS A 60 -10.31 -3.79 -3.90
CA LYS A 60 -11.58 -4.28 -3.39
C LYS A 60 -11.64 -4.11 -1.87
N ALA A 61 -10.78 -4.82 -1.16
CA ALA A 61 -10.74 -4.74 0.30
C ALA A 61 -10.53 -3.30 0.77
N MET A 62 -10.09 -2.45 -0.15
CA MET A 62 -9.84 -1.05 0.17
C MET A 62 -11.16 -0.26 0.20
N GLU A 63 -11.82 -0.18 -0.95
CA GLU A 63 -13.08 0.54 -1.05
C GLU A 63 -14.21 -0.25 -0.39
N GLU A 64 -13.88 -1.41 0.15
CA GLU A 64 -14.86 -2.26 0.81
C GLU A 64 -14.80 -2.11 2.32
N MET A 65 -13.59 -2.00 2.85
CA MET A 65 -13.40 -1.84 4.28
C MET A 65 -13.14 -0.38 4.64
N ASN A 66 -12.53 0.35 3.72
CA ASN A 66 -12.22 1.77 3.92
C ASN A 66 -13.38 2.48 4.61
N GLY A 67 -13.32 2.57 5.93
CA GLY A 67 -14.37 3.23 6.68
C GLY A 67 -15.34 2.25 7.30
N LYS A 68 -14.84 1.07 7.66
CA LYS A 68 -15.66 0.04 8.27
C LYS A 68 -15.46 0.01 9.78
N ASP A 69 -16.52 -0.34 10.51
CA ASP A 69 -16.46 -0.41 11.96
C ASP A 69 -15.70 -1.66 12.42
N LEU A 70 -14.39 -1.54 12.55
CA LEU A 70 -13.55 -2.66 12.97
C LEU A 70 -13.32 -2.62 14.48
N GLU A 71 -13.92 -3.57 15.19
CA GLU A 71 -13.77 -3.64 16.65
C GLU A 71 -14.37 -2.41 17.31
N GLY A 72 -15.31 -1.77 16.64
CA GLY A 72 -15.94 -0.57 17.18
C GLY A 72 -15.20 0.69 16.80
N GLU A 73 -14.38 0.60 15.75
CA GLU A 73 -13.62 1.76 15.28
C GLU A 73 -13.58 1.81 13.76
N ASN A 74 -14.00 2.94 13.20
CA ASN A 74 -14.02 3.11 11.75
C ASN A 74 -12.60 3.33 11.21
N ILE A 75 -11.97 2.24 10.78
CA ILE A 75 -10.62 2.31 10.24
C ILE A 75 -10.61 2.97 8.87
N GLU A 76 -9.52 3.67 8.57
CA GLU A 76 -9.38 4.35 7.28
C GLU A 76 -8.30 3.69 6.43
N ILE A 77 -8.64 3.40 5.18
CA ILE A 77 -7.70 2.78 4.26
C ILE A 77 -7.32 3.73 3.14
N VAL A 78 -6.01 3.85 2.88
CA VAL A 78 -5.51 4.73 1.84
C VAL A 78 -4.28 4.13 1.17
N PHE A 79 -4.23 4.22 -0.16
CA PHE A 79 -3.11 3.68 -0.92
C PHE A 79 -1.79 4.26 -0.41
N ALA A 80 -0.94 3.39 0.12
CA ALA A 80 0.36 3.80 0.63
C ALA A 80 1.31 4.17 -0.50
N LYS A 81 2.18 5.14 -0.24
CA LYS A 81 3.15 5.58 -1.24
C LYS A 81 4.30 4.59 -1.36
N PRO A 82 4.80 4.42 -2.59
CA PRO A 82 5.92 3.50 -2.87
C PRO A 82 7.24 4.00 -2.30
N PRO A 83 7.96 3.11 -1.60
CA PRO A 83 9.26 3.44 -1.00
C PRO A 83 10.34 3.67 -2.03
N ASP A 84 11.50 4.13 -1.58
CA ASP A 84 12.63 4.39 -2.47
C ASP A 84 12.83 3.23 -3.44
N GLN A 85 12.97 3.55 -4.72
CA GLN A 85 13.18 2.53 -5.75
C GLN A 85 14.29 1.56 -5.35
N LYS A 86 14.12 0.30 -5.71
CA LYS A 86 15.10 -0.73 -5.40
C LYS A 86 16.29 -0.65 -6.33
N ARG A 87 16.05 -0.81 -7.63
CA ARG A 87 17.11 -0.75 -8.63
C ARG A 87 16.52 -0.72 -10.04
N LYS A 88 17.33 -0.26 -10.99
CA LYS A 88 16.90 -0.18 -12.38
C LYS A 88 17.93 -0.79 -13.32
N GLU A 89 17.50 -1.77 -14.11
CA GLU A 89 18.39 -2.44 -15.05
C GLU A 89 17.98 -2.16 -16.49
N ARG A 90 18.93 -2.28 -17.41
CA ARG A 90 18.67 -2.03 -18.82
C ARG A 90 19.47 -2.99 -19.69
N LYS A 91 18.84 -3.46 -20.77
CA LYS A 91 19.48 -4.39 -21.69
C LYS A 91 18.70 -4.51 -23.00
N ALA A 92 19.41 -4.76 -24.08
CA ALA A 92 18.77 -4.89 -25.39
C ALA A 92 19.73 -5.51 -26.41
N GLN A 93 19.18 -6.25 -27.36
CA GLN A 93 19.98 -6.89 -28.39
C GLN A 93 19.14 -7.22 -29.62
N ARG A 94 19.70 -6.98 -30.80
CA ARG A 94 19.01 -7.25 -32.05
C ARG A 94 19.31 -8.66 -32.55
N GLN A 95 18.30 -9.29 -33.16
CA GLN A 95 18.46 -10.65 -33.68
C GLN A 95 19.02 -10.62 -35.09
N ALA A 96 19.61 -11.73 -35.51
CA ALA A 96 20.19 -11.84 -36.86
C ALA A 96 19.93 -13.22 -37.46
N ALA A 97 20.36 -13.40 -38.69
CA ALA A 97 20.18 -14.67 -39.39
C ALA A 97 21.51 -15.35 -39.66
N SER A 98 21.48 -16.65 -39.90
CA SER A 98 22.70 -17.41 -40.18
C SER A 98 22.35 -18.81 -40.69
N GLY A 99 23.38 -19.53 -41.15
CA GLY A 99 23.17 -20.87 -41.66
C GLY A 99 24.15 -21.87 -41.08
N PRO A 100 23.77 -23.15 -41.10
CA PRO A 100 24.61 -24.24 -40.57
C PRO A 100 25.85 -24.49 -41.43
N SER A 101 26.89 -25.01 -40.81
CA SER A 101 28.13 -25.30 -41.52
C SER A 101 29.02 -26.24 -40.71
N SER A 102 29.93 -26.92 -41.40
CA SER A 102 30.83 -27.86 -40.75
C SER A 102 30.06 -28.93 -40.00
N GLY A 103 29.14 -29.61 -40.71
CA GLY A 103 28.34 -30.64 -40.10
C GLY A 103 27.42 -30.12 -39.01
N GLY A 1 -21.35 10.44 -6.63
CA GLY A 1 -19.94 10.67 -6.41
C GLY A 1 -19.69 11.53 -5.19
N SER A 2 -19.46 10.89 -4.05
CA SER A 2 -19.20 11.61 -2.80
C SER A 2 -17.75 11.45 -2.37
N SER A 3 -17.36 10.21 -2.07
CA SER A 3 -16.00 9.92 -1.64
C SER A 3 -15.27 9.06 -2.68
N GLY A 4 -14.53 9.73 -3.56
CA GLY A 4 -13.79 9.02 -4.59
C GLY A 4 -12.35 8.78 -4.21
N SER A 5 -11.83 7.60 -4.54
CA SER A 5 -10.46 7.24 -4.22
C SER A 5 -9.63 7.08 -5.49
N SER A 6 -8.48 7.73 -5.52
CA SER A 6 -7.59 7.67 -6.67
C SER A 6 -6.51 6.60 -6.48
N GLY A 7 -6.07 6.00 -7.59
CA GLY A 7 -5.05 4.98 -7.52
C GLY A 7 -3.81 5.33 -8.32
N MET A 8 -2.65 5.22 -7.69
CA MET A 8 -1.39 5.54 -8.36
C MET A 8 -0.46 4.33 -8.36
N ALA A 9 0.48 4.31 -9.31
CA ALA A 9 1.43 3.21 -9.42
C ALA A 9 0.77 1.88 -9.05
N LYS A 10 -0.49 1.73 -9.45
CA LYS A 10 -1.22 0.49 -9.18
C LYS A 10 -0.82 -0.10 -7.83
N VAL A 11 -0.74 0.76 -6.81
CA VAL A 11 -0.36 0.33 -5.48
C VAL A 11 -1.17 -0.90 -5.05
N LYS A 12 -0.49 -1.86 -4.44
CA LYS A 12 -1.14 -3.09 -3.98
C LYS A 12 -1.30 -3.08 -2.47
N VAL A 13 -0.38 -2.41 -1.79
CA VAL A 13 -0.42 -2.33 -0.33
C VAL A 13 -1.42 -1.28 0.13
N LEU A 14 -2.16 -1.60 1.18
CA LEU A 14 -3.16 -0.69 1.73
C LEU A 14 -2.77 -0.22 3.13
N PHE A 15 -2.82 1.08 3.35
CA PHE A 15 -2.49 1.65 4.65
C PHE A 15 -3.72 1.79 5.53
N VAL A 16 -3.82 0.95 6.55
CA VAL A 16 -4.95 0.98 7.46
C VAL A 16 -4.56 1.59 8.80
N ARG A 17 -5.42 2.47 9.32
CA ARG A 17 -5.17 3.13 10.60
C ARG A 17 -6.42 3.13 11.47
N ASN A 18 -6.27 3.58 12.70
CA ASN A 18 -7.39 3.63 13.64
C ASN A 18 -7.83 2.24 14.04
N LEU A 19 -6.87 1.42 14.49
CA LEU A 19 -7.16 0.06 14.91
C LEU A 19 -7.38 -0.01 16.42
N ALA A 20 -8.56 -0.48 16.81
CA ALA A 20 -8.90 -0.61 18.22
C ALA A 20 -7.76 -1.25 19.01
N ASN A 21 -7.90 -1.28 20.33
CA ASN A 21 -6.88 -1.87 21.20
C ASN A 21 -7.01 -3.38 21.23
N THR A 22 -7.79 -3.93 20.31
CA THR A 22 -8.00 -5.37 20.23
C THR A 22 -7.72 -5.90 18.83
N VAL A 23 -7.25 -5.02 17.96
CA VAL A 23 -6.93 -5.40 16.59
C VAL A 23 -5.50 -5.91 16.46
N THR A 24 -5.32 -6.95 15.65
CA THR A 24 -4.00 -7.53 15.45
C THR A 24 -3.82 -8.01 14.01
N GLU A 25 -2.59 -8.37 13.66
CA GLU A 25 -2.30 -8.84 12.31
C GLU A 25 -3.29 -9.91 11.87
N GLU A 26 -3.61 -10.82 12.79
CA GLU A 26 -4.55 -11.89 12.49
C GLU A 26 -5.90 -11.33 12.08
N ILE A 27 -6.32 -10.27 12.75
CA ILE A 27 -7.60 -9.63 12.44
C ILE A 27 -7.54 -8.86 11.13
N LEU A 28 -6.36 -8.36 10.80
CA LEU A 28 -6.17 -7.61 9.57
C LEU A 28 -6.18 -8.54 8.35
N GLU A 29 -5.78 -9.79 8.57
CA GLU A 29 -5.74 -10.77 7.50
C GLU A 29 -7.13 -11.34 7.22
N LYS A 30 -7.66 -12.08 8.19
CA LYS A 30 -8.98 -12.68 8.06
C LYS A 30 -10.00 -11.65 7.58
N ALA A 31 -9.73 -10.38 7.86
CA ALA A 31 -10.62 -9.30 7.46
C ALA A 31 -10.35 -8.87 6.02
N PHE A 32 -9.08 -8.68 5.70
CA PHE A 32 -8.69 -8.27 4.35
C PHE A 32 -8.41 -9.48 3.47
N SER A 33 -8.81 -10.66 3.95
CA SER A 33 -8.60 -11.89 3.21
C SER A 33 -9.87 -12.31 2.48
N GLN A 34 -10.99 -12.28 3.19
CA GLN A 34 -12.27 -12.65 2.61
C GLN A 34 -12.41 -12.09 1.19
N PHE A 35 -11.78 -10.95 0.94
CA PHE A 35 -11.84 -10.31 -0.37
C PHE A 35 -10.95 -11.04 -1.37
N GLY A 36 -9.63 -10.85 -1.22
CA GLY A 36 -8.69 -11.50 -2.12
C GLY A 36 -7.51 -12.11 -1.38
N LYS A 37 -6.66 -12.81 -2.11
CA LYS A 37 -5.49 -13.45 -1.53
C LYS A 37 -4.57 -12.42 -0.88
N LEU A 38 -4.12 -12.70 0.33
CA LEU A 38 -3.24 -11.78 1.05
C LEU A 38 -1.79 -12.30 1.02
N GLU A 39 -0.85 -11.37 1.13
CA GLU A 39 0.57 -11.73 1.11
C GLU A 39 1.16 -11.68 2.52
N ARG A 40 0.88 -10.58 3.24
CA ARG A 40 1.37 -10.41 4.59
C ARG A 40 0.77 -9.17 5.24
N VAL A 41 0.90 -9.07 6.56
CA VAL A 41 0.37 -7.93 7.30
C VAL A 41 1.37 -7.44 8.33
N LYS A 42 1.59 -6.13 8.36
CA LYS A 42 2.52 -5.53 9.31
C LYS A 42 1.79 -4.59 10.27
N LYS A 43 1.65 -5.02 11.52
CA LYS A 43 0.98 -4.21 12.53
C LYS A 43 1.93 -3.20 13.14
N LEU A 44 1.42 -2.01 13.45
CA LEU A 44 2.23 -0.95 14.04
C LEU A 44 1.56 -0.39 15.29
N LYS A 45 2.15 0.66 15.84
CA LYS A 45 1.61 1.29 17.06
C LYS A 45 0.09 1.19 17.08
N ASP A 46 -0.57 1.83 16.12
CA ASP A 46 -2.02 1.81 16.04
C ASP A 46 -2.48 1.41 14.64
N TYR A 47 -1.71 1.79 13.63
CA TYR A 47 -2.04 1.47 12.25
C TYR A 47 -1.34 0.20 11.81
N ALA A 48 -1.51 -0.16 10.54
CA ALA A 48 -0.88 -1.35 9.99
C ALA A 48 -0.96 -1.36 8.46
N PHE A 49 -0.10 -2.16 7.83
CA PHE A 49 -0.07 -2.26 6.39
C PHE A 49 -0.56 -3.62 5.92
N ILE A 50 -1.41 -3.62 4.90
CA ILE A 50 -1.95 -4.86 4.35
C ILE A 50 -1.38 -5.15 2.97
N HIS A 51 -0.64 -6.25 2.85
CA HIS A 51 -0.04 -6.64 1.59
C HIS A 51 -0.96 -7.57 0.81
N PHE A 52 -1.34 -7.17 -0.39
CA PHE A 52 -2.22 -7.97 -1.23
C PHE A 52 -1.45 -8.61 -2.39
N ASP A 53 -1.58 -9.91 -2.53
CA ASP A 53 -0.90 -10.65 -3.59
C ASP A 53 -0.97 -9.88 -4.91
N GLU A 54 -2.09 -9.21 -5.14
CA GLU A 54 -2.28 -8.44 -6.36
C GLU A 54 -2.87 -7.06 -6.05
N ARG A 55 -2.67 -6.11 -6.97
CA ARG A 55 -3.17 -4.76 -6.79
C ARG A 55 -4.70 -4.76 -6.67
N ASP A 56 -5.34 -5.66 -7.39
CA ASP A 56 -6.79 -5.76 -7.38
C ASP A 56 -7.29 -6.20 -6.00
N GLY A 57 -6.81 -7.36 -5.53
CA GLY A 57 -7.21 -7.86 -4.23
C GLY A 57 -7.34 -6.76 -3.20
N ALA A 58 -6.55 -5.71 -3.36
CA ALA A 58 -6.59 -4.58 -2.44
C ALA A 58 -7.74 -3.63 -2.76
N VAL A 59 -7.72 -3.09 -3.97
CA VAL A 59 -8.77 -2.17 -4.41
C VAL A 59 -10.14 -2.59 -3.87
N LYS A 60 -10.39 -3.90 -3.87
CA LYS A 60 -11.66 -4.43 -3.38
C LYS A 60 -11.78 -4.25 -1.87
N ALA A 61 -10.85 -4.85 -1.13
CA ALA A 61 -10.85 -4.74 0.33
C ALA A 61 -10.65 -3.30 0.77
N MET A 62 -10.22 -2.45 -0.15
CA MET A 62 -10.00 -1.04 0.15
C MET A 62 -11.31 -0.27 0.17
N GLU A 63 -12.01 -0.28 -0.97
CA GLU A 63 -13.29 0.43 -1.08
C GLU A 63 -14.39 -0.34 -0.36
N GLU A 64 -14.05 -1.50 0.18
CA GLU A 64 -15.02 -2.32 0.89
C GLU A 64 -14.86 -2.16 2.40
N MET A 65 -13.62 -2.02 2.85
CA MET A 65 -13.34 -1.85 4.28
C MET A 65 -13.09 -0.38 4.60
N ASN A 66 -12.66 0.38 3.61
CA ASN A 66 -12.38 1.80 3.79
C ASN A 66 -13.47 2.45 4.65
N GLY A 67 -13.07 2.99 5.80
CA GLY A 67 -14.01 3.64 6.68
C GLY A 67 -15.06 2.68 7.23
N LYS A 68 -14.65 1.42 7.42
CA LYS A 68 -15.56 0.41 7.93
C LYS A 68 -15.39 0.25 9.44
N ASP A 69 -16.48 -0.04 10.14
CA ASP A 69 -16.45 -0.23 11.58
C ASP A 69 -15.70 -1.50 11.95
N LEU A 70 -14.51 -1.33 12.51
CA LEU A 70 -13.69 -2.48 12.91
C LEU A 70 -13.42 -2.45 14.41
N GLU A 71 -14.00 -3.40 15.13
CA GLU A 71 -13.81 -3.49 16.57
C GLU A 71 -14.35 -2.24 17.27
N GLY A 72 -15.46 -1.72 16.75
CA GLY A 72 -16.06 -0.54 17.33
C GLY A 72 -15.32 0.73 16.96
N GLU A 73 -14.41 0.62 16.01
CA GLU A 73 -13.62 1.77 15.56
C GLU A 73 -13.49 1.78 14.04
N ASN A 74 -13.96 2.87 13.42
CA ASN A 74 -13.91 3.01 11.97
C ASN A 74 -12.46 3.17 11.50
N ILE A 75 -12.00 2.20 10.73
CA ILE A 75 -10.64 2.23 10.20
C ILE A 75 -10.59 2.93 8.84
N GLU A 76 -9.47 3.60 8.57
CA GLU A 76 -9.30 4.31 7.31
C GLU A 76 -8.23 3.63 6.46
N ILE A 77 -8.54 3.43 5.18
CA ILE A 77 -7.61 2.80 4.25
C ILE A 77 -7.21 3.75 3.13
N VAL A 78 -5.92 3.80 2.84
CA VAL A 78 -5.41 4.67 1.78
C VAL A 78 -4.24 4.02 1.05
N PHE A 79 -4.19 4.20 -0.26
CA PHE A 79 -3.13 3.63 -1.07
C PHE A 79 -1.77 4.18 -0.66
N ALA A 80 -0.99 3.35 0.05
CA ALA A 80 0.33 3.76 0.51
C ALA A 80 1.25 4.07 -0.66
N LYS A 81 2.38 4.70 -0.37
CA LYS A 81 3.36 5.06 -1.40
C LYS A 81 4.08 3.81 -1.91
N PRO A 82 4.38 3.80 -3.21
CA PRO A 82 5.09 2.68 -3.85
C PRO A 82 6.55 2.59 -3.41
N PRO A 83 7.11 1.37 -3.47
CA PRO A 83 8.50 1.13 -3.08
C PRO A 83 9.49 1.74 -4.07
N ASP A 84 9.10 1.79 -5.34
CA ASP A 84 9.96 2.35 -6.39
C ASP A 84 9.58 3.79 -6.67
N GLN A 85 10.58 4.67 -6.73
CA GLN A 85 10.35 6.09 -7.00
C GLN A 85 10.80 6.45 -8.40
N LYS A 86 9.91 6.28 -9.36
CA LYS A 86 10.22 6.59 -10.75
C LYS A 86 10.68 8.04 -10.90
N ARG A 87 11.75 8.24 -11.65
CA ARG A 87 12.29 9.58 -11.87
C ARG A 87 11.89 10.11 -13.24
N LYS A 88 11.02 11.12 -13.26
CA LYS A 88 10.57 11.73 -14.50
C LYS A 88 11.31 13.02 -14.79
N GLU A 89 11.59 13.27 -16.06
CA GLU A 89 12.30 14.48 -16.46
C GLU A 89 11.65 15.11 -17.70
N ARG A 90 11.80 16.41 -17.83
CA ARG A 90 11.22 17.14 -18.96
C ARG A 90 12.30 17.92 -19.71
N LYS A 91 11.92 18.47 -20.86
CA LYS A 91 12.85 19.25 -21.68
C LYS A 91 12.35 20.68 -21.86
N ALA A 92 13.21 21.54 -22.39
CA ALA A 92 12.85 22.93 -22.62
C ALA A 92 13.23 23.37 -24.03
N GLN A 93 12.42 24.27 -24.60
CA GLN A 93 12.67 24.77 -25.95
C GLN A 93 12.69 26.28 -25.98
N ARG A 94 13.18 26.84 -27.08
CA ARG A 94 13.25 28.29 -27.22
C ARG A 94 12.60 28.75 -28.53
N GLN A 95 11.53 29.53 -28.42
CA GLN A 95 10.83 30.01 -29.60
C GLN A 95 9.73 31.00 -29.21
N ALA A 96 9.85 32.23 -29.68
CA ALA A 96 8.86 33.27 -29.39
C ALA A 96 9.06 34.49 -30.28
N ALA A 97 8.07 35.37 -30.28
CA ALA A 97 8.13 36.59 -31.10
C ALA A 97 7.10 37.61 -30.63
N SER A 98 7.21 38.83 -31.15
CA SER A 98 6.29 39.90 -30.79
C SER A 98 6.46 41.09 -31.72
N GLY A 99 5.62 42.11 -31.52
CA GLY A 99 5.69 43.31 -32.36
C GLY A 99 4.55 44.26 -32.09
N PRO A 100 4.54 44.87 -30.91
CA PRO A 100 3.50 45.82 -30.51
C PRO A 100 3.57 47.13 -31.30
N SER A 101 2.68 48.06 -30.97
CA SER A 101 2.64 49.35 -31.66
C SER A 101 1.76 50.34 -30.89
N SER A 102 2.24 51.58 -30.77
CA SER A 102 1.50 52.61 -30.07
C SER A 102 0.00 52.49 -30.34
N GLY A 103 -0.81 52.99 -29.41
CA GLY A 103 -2.25 52.93 -29.57
C GLY A 103 -2.98 53.80 -28.56
N GLY A 1 -25.57 1.93 -13.17
CA GLY A 1 -25.00 2.61 -12.03
C GLY A 1 -23.56 3.05 -12.27
N SER A 2 -22.98 3.70 -11.27
CA SER A 2 -21.60 4.18 -11.38
C SER A 2 -21.03 4.52 -10.00
N SER A 3 -19.72 4.32 -9.84
CA SER A 3 -19.06 4.60 -8.57
C SER A 3 -18.15 5.82 -8.71
N GLY A 4 -17.67 6.30 -7.56
CA GLY A 4 -16.78 7.47 -7.57
C GLY A 4 -15.42 7.15 -7.00
N SER A 5 -14.38 7.57 -7.70
CA SER A 5 -13.00 7.33 -7.26
C SER A 5 -12.10 8.49 -7.65
N SER A 6 -10.83 8.41 -7.25
CA SER A 6 -9.87 9.45 -7.55
C SER A 6 -8.44 8.92 -7.43
N GLY A 7 -7.52 9.53 -8.18
CA GLY A 7 -6.14 9.10 -8.15
C GLY A 7 -5.89 7.87 -8.99
N MET A 8 -4.92 7.94 -9.89
CA MET A 8 -4.57 6.83 -10.76
C MET A 8 -3.31 6.13 -10.28
N ALA A 9 -3.48 5.14 -9.41
CA ALA A 9 -2.35 4.39 -8.87
C ALA A 9 -2.62 2.88 -8.93
N LYS A 10 -1.56 2.10 -8.73
CA LYS A 10 -1.68 0.64 -8.75
C LYS A 10 -1.16 0.04 -7.46
N VAL A 11 -1.03 0.87 -6.43
CA VAL A 11 -0.56 0.42 -5.13
C VAL A 11 -1.34 -0.79 -4.65
N LYS A 12 -0.62 -1.84 -4.25
CA LYS A 12 -1.25 -3.07 -3.77
C LYS A 12 -1.38 -3.05 -2.25
N VAL A 13 -0.43 -2.40 -1.59
CA VAL A 13 -0.44 -2.30 -0.13
C VAL A 13 -1.44 -1.26 0.35
N LEU A 14 -2.28 -1.65 1.30
CA LEU A 14 -3.29 -0.74 1.84
C LEU A 14 -2.90 -0.27 3.25
N PHE A 15 -2.85 1.05 3.42
CA PHE A 15 -2.49 1.63 4.71
C PHE A 15 -3.72 1.81 5.58
N VAL A 16 -3.85 0.98 6.61
CA VAL A 16 -4.99 1.06 7.52
C VAL A 16 -4.60 1.74 8.83
N ARG A 17 -5.45 2.66 9.29
CA ARG A 17 -5.19 3.38 10.52
C ARG A 17 -6.45 3.43 11.39
N ASN A 18 -6.29 3.89 12.63
CA ASN A 18 -7.40 3.99 13.56
C ASN A 18 -7.84 2.61 14.05
N LEU A 19 -6.85 1.75 14.30
CA LEU A 19 -7.12 0.40 14.77
C LEU A 19 -7.41 0.39 16.26
N ALA A 20 -8.16 -0.60 16.72
CA ALA A 20 -8.49 -0.73 18.14
C ALA A 20 -7.49 -1.62 18.86
N ASN A 21 -7.48 -1.53 20.20
CA ASN A 21 -6.57 -2.32 21.00
C ASN A 21 -6.89 -3.81 20.89
N THR A 22 -8.00 -4.12 20.22
CA THR A 22 -8.42 -5.50 20.03
C THR A 22 -8.11 -5.98 18.62
N VAL A 23 -7.54 -5.10 17.81
CA VAL A 23 -7.19 -5.44 16.44
C VAL A 23 -5.77 -5.97 16.34
N THR A 24 -5.60 -7.08 15.64
CA THR A 24 -4.29 -7.69 15.47
C THR A 24 -4.05 -8.10 14.02
N GLU A 25 -2.81 -8.49 13.71
CA GLU A 25 -2.46 -8.89 12.36
C GLU A 25 -3.43 -9.95 11.84
N GLU A 26 -3.73 -10.94 12.69
CA GLU A 26 -4.65 -12.01 12.32
C GLU A 26 -5.99 -11.45 11.88
N ILE A 27 -6.47 -10.44 12.61
CA ILE A 27 -7.75 -9.81 12.29
C ILE A 27 -7.67 -9.00 11.00
N LEU A 28 -6.48 -8.47 10.72
CA LEU A 28 -6.27 -7.68 9.51
C LEU A 28 -6.23 -8.58 8.27
N GLU A 29 -5.78 -9.82 8.45
CA GLU A 29 -5.69 -10.77 7.35
C GLU A 29 -7.06 -11.32 7.00
N LYS A 30 -7.64 -12.08 7.91
CA LYS A 30 -8.96 -12.67 7.69
C LYS A 30 -9.94 -11.61 7.18
N ALA A 31 -9.82 -10.40 7.70
CA ALA A 31 -10.69 -9.30 7.30
C ALA A 31 -10.39 -8.85 5.86
N PHE A 32 -9.12 -8.62 5.58
CA PHE A 32 -8.71 -8.19 4.25
C PHE A 32 -8.41 -9.39 3.35
N SER A 33 -8.81 -10.57 3.81
CA SER A 33 -8.59 -11.80 3.05
C SER A 33 -9.85 -12.20 2.28
N GLN A 34 -10.96 -12.30 2.99
CA GLN A 34 -12.23 -12.68 2.39
C GLN A 34 -12.37 -12.05 1.00
N PHE A 35 -11.79 -10.88 0.83
CA PHE A 35 -11.86 -10.17 -0.45
C PHE A 35 -10.98 -10.85 -1.50
N GLY A 36 -9.68 -10.90 -1.24
CA GLY A 36 -8.76 -11.52 -2.17
C GLY A 36 -7.54 -12.11 -1.47
N LYS A 37 -6.75 -12.87 -2.22
CA LYS A 37 -5.55 -13.49 -1.67
C LYS A 37 -4.61 -12.45 -1.09
N LEU A 38 -4.19 -12.65 0.15
CA LEU A 38 -3.28 -11.73 0.82
C LEU A 38 -1.84 -12.22 0.73
N GLU A 39 -0.90 -11.38 1.15
CA GLU A 39 0.51 -11.73 1.11
C GLU A 39 1.11 -11.68 2.51
N ARG A 40 0.81 -10.61 3.24
CA ARG A 40 1.33 -10.43 4.59
C ARG A 40 0.71 -9.21 5.25
N VAL A 41 0.86 -9.12 6.57
CA VAL A 41 0.32 -7.99 7.33
C VAL A 41 1.32 -7.50 8.37
N LYS A 42 1.44 -6.18 8.48
CA LYS A 42 2.35 -5.57 9.44
C LYS A 42 1.62 -4.59 10.35
N LYS A 43 1.67 -4.86 11.65
CA LYS A 43 1.01 -4.00 12.64
C LYS A 43 1.98 -2.97 13.20
N LEU A 44 1.50 -1.76 13.41
CA LEU A 44 2.32 -0.69 13.94
C LEU A 44 1.70 -0.09 15.20
N LYS A 45 2.31 0.97 15.71
CA LYS A 45 1.81 1.64 16.91
C LYS A 45 0.29 1.57 16.98
N ASP A 46 -0.36 2.23 16.02
CA ASP A 46 -1.83 2.24 15.97
C ASP A 46 -2.32 1.77 14.60
N TYR A 47 -1.61 2.16 13.56
CA TYR A 47 -1.98 1.78 12.20
C TYR A 47 -1.28 0.49 11.77
N ALA A 48 -1.45 0.11 10.52
CA ALA A 48 -0.84 -1.10 9.99
C ALA A 48 -0.89 -1.12 8.47
N PHE A 49 -0.08 -1.98 7.87
CA PHE A 49 -0.02 -2.10 6.41
C PHE A 49 -0.48 -3.47 5.96
N ILE A 50 -1.41 -3.50 5.01
CA ILE A 50 -1.93 -4.75 4.48
C ILE A 50 -1.35 -5.06 3.11
N HIS A 51 -0.65 -6.19 3.00
CA HIS A 51 -0.05 -6.61 1.74
C HIS A 51 -0.93 -7.63 1.02
N PHE A 52 -1.33 -7.30 -0.20
CA PHE A 52 -2.18 -8.17 -1.00
C PHE A 52 -1.36 -8.91 -2.06
N ASP A 53 -1.79 -10.11 -2.41
CA ASP A 53 -1.10 -10.91 -3.42
C ASP A 53 -1.16 -10.23 -4.78
N GLU A 54 -2.22 -9.47 -5.01
CA GLU A 54 -2.40 -8.77 -6.28
C GLU A 54 -2.88 -7.34 -6.05
N ARG A 55 -2.70 -6.49 -7.06
CA ARG A 55 -3.10 -5.10 -6.96
C ARG A 55 -4.62 -4.98 -6.84
N ASP A 56 -5.33 -5.94 -7.41
CA ASP A 56 -6.79 -5.94 -7.37
C ASP A 56 -7.29 -6.31 -5.97
N GLY A 57 -6.82 -7.45 -5.46
CA GLY A 57 -7.23 -7.90 -4.14
C GLY A 57 -7.31 -6.76 -3.15
N ALA A 58 -6.47 -5.75 -3.33
CA ALA A 58 -6.46 -4.59 -2.44
C ALA A 58 -7.58 -3.62 -2.78
N VAL A 59 -7.53 -3.04 -3.98
CA VAL A 59 -8.54 -2.10 -4.43
C VAL A 59 -9.92 -2.51 -3.94
N LYS A 60 -10.16 -3.82 -3.88
CA LYS A 60 -11.45 -4.34 -3.44
C LYS A 60 -11.60 -4.19 -1.93
N ALA A 61 -10.71 -4.83 -1.18
CA ALA A 61 -10.75 -4.76 0.27
C ALA A 61 -10.57 -3.31 0.76
N MET A 62 -10.09 -2.45 -0.13
CA MET A 62 -9.88 -1.05 0.21
C MET A 62 -11.20 -0.28 0.20
N GLU A 63 -11.83 -0.22 -0.97
CA GLU A 63 -13.11 0.48 -1.11
C GLU A 63 -14.24 -0.31 -0.48
N GLU A 64 -13.90 -1.47 0.10
CA GLU A 64 -14.90 -2.31 0.74
C GLU A 64 -14.89 -2.13 2.25
N MET A 65 -13.69 -1.98 2.82
CA MET A 65 -13.54 -1.79 4.25
C MET A 65 -13.27 -0.32 4.59
N ASN A 66 -12.60 0.37 3.67
CA ASN A 66 -12.28 1.78 3.86
C ASN A 66 -13.38 2.49 4.64
N GLY A 67 -13.22 2.55 5.96
CA GLY A 67 -14.21 3.20 6.80
C GLY A 67 -15.16 2.22 7.44
N LYS A 68 -14.64 1.06 7.84
CA LYS A 68 -15.45 0.03 8.47
C LYS A 68 -15.28 0.05 9.99
N ASP A 69 -16.34 -0.30 10.70
CA ASP A 69 -16.30 -0.32 12.16
C ASP A 69 -15.53 -1.55 12.66
N LEU A 70 -14.21 -1.46 12.60
CA LEU A 70 -13.36 -2.57 13.07
C LEU A 70 -13.15 -2.51 14.57
N GLU A 71 -13.74 -3.46 15.27
CA GLU A 71 -13.61 -3.52 16.73
C GLU A 71 -14.24 -2.30 17.38
N GLY A 72 -15.26 -1.74 16.73
CA GLY A 72 -15.93 -0.56 17.25
C GLY A 72 -15.21 0.72 16.88
N GLU A 73 -14.39 0.66 15.84
CA GLU A 73 -13.64 1.83 15.39
C GLU A 73 -13.61 1.90 13.87
N ASN A 74 -14.02 3.04 13.33
CA ASN A 74 -14.04 3.24 11.87
C ASN A 74 -12.62 3.41 11.33
N ILE A 75 -12.05 2.32 10.82
CA ILE A 75 -10.70 2.36 10.26
C ILE A 75 -10.69 2.99 8.87
N GLU A 76 -9.62 3.70 8.55
CA GLU A 76 -9.48 4.34 7.26
C GLU A 76 -8.38 3.68 6.43
N ILE A 77 -8.69 3.38 5.18
CA ILE A 77 -7.74 2.74 4.28
C ILE A 77 -7.33 3.69 3.16
N VAL A 78 -6.02 3.79 2.92
CA VAL A 78 -5.50 4.66 1.87
C VAL A 78 -4.26 4.05 1.22
N PHE A 79 -4.22 4.07 -0.11
CA PHE A 79 -3.09 3.52 -0.84
C PHE A 79 -1.78 4.09 -0.32
N ALA A 80 -0.98 3.23 0.32
CA ALA A 80 0.31 3.64 0.85
C ALA A 80 1.28 4.03 -0.26
N LYS A 81 2.19 4.95 0.05
CA LYS A 81 3.17 5.40 -0.91
C LYS A 81 4.23 4.35 -1.16
N PRO A 82 4.66 4.21 -2.42
CA PRO A 82 5.68 3.23 -2.81
C PRO A 82 7.06 3.60 -2.28
N PRO A 83 7.95 2.59 -2.23
CA PRO A 83 9.33 2.79 -1.74
C PRO A 83 10.17 3.62 -2.71
N ASP A 84 11.02 4.49 -2.15
CA ASP A 84 11.88 5.34 -2.95
C ASP A 84 13.35 5.07 -2.65
N GLN A 85 14.13 4.83 -3.68
CA GLN A 85 15.55 4.57 -3.52
C GLN A 85 16.33 4.96 -4.78
N LYS A 86 17.61 5.27 -4.59
CA LYS A 86 18.47 5.67 -5.70
C LYS A 86 19.83 4.98 -5.62
N ARG A 87 20.52 4.91 -6.76
CA ARG A 87 21.83 4.28 -6.81
C ARG A 87 22.71 4.93 -7.87
N LYS A 88 24.02 4.81 -7.70
CA LYS A 88 24.97 5.40 -8.65
C LYS A 88 26.39 4.93 -8.35
N GLU A 89 27.15 4.65 -9.41
CA GLU A 89 28.52 4.19 -9.25
C GLU A 89 29.51 5.32 -9.52
N ARG A 90 30.71 5.20 -8.95
CA ARG A 90 31.73 6.22 -9.13
C ARG A 90 33.07 5.58 -9.46
N LYS A 91 33.75 6.13 -10.46
CA LYS A 91 35.06 5.63 -10.89
C LYS A 91 36.02 6.77 -11.17
N ALA A 92 37.25 6.63 -10.69
CA ALA A 92 38.28 7.65 -10.89
C ALA A 92 39.65 7.02 -11.06
N GLN A 93 40.59 7.79 -11.58
CA GLN A 93 41.95 7.31 -11.80
C GLN A 93 42.98 8.27 -11.21
N ARG A 94 44.25 7.90 -11.30
CA ARG A 94 45.32 8.73 -10.77
C ARG A 94 46.60 8.54 -11.58
N GLN A 95 47.49 9.52 -11.50
CA GLN A 95 48.76 9.46 -12.22
C GLN A 95 49.87 10.11 -11.42
N ALA A 96 51.09 9.61 -11.60
CA ALA A 96 52.25 10.14 -10.89
C ALA A 96 53.40 10.44 -11.85
N ALA A 97 54.48 10.98 -11.33
CA ALA A 97 55.64 11.32 -12.14
C ALA A 97 56.88 11.53 -11.27
N SER A 98 58.03 11.69 -11.92
CA SER A 98 59.28 11.89 -11.20
C SER A 98 60.23 12.80 -11.99
N GLY A 99 61.37 13.12 -11.39
CA GLY A 99 62.34 13.98 -12.06
C GLY A 99 63.76 13.70 -11.63
N PRO A 100 64.71 13.84 -12.56
CA PRO A 100 66.13 13.60 -12.28
C PRO A 100 66.73 14.66 -11.37
N SER A 101 67.97 14.44 -10.96
CA SER A 101 68.67 15.38 -10.07
C SER A 101 69.85 16.02 -10.78
N SER A 102 70.75 15.19 -11.29
CA SER A 102 71.94 15.67 -11.99
C SER A 102 72.71 16.66 -11.12
N GLY A 103 72.85 16.34 -9.85
CA GLY A 103 73.57 17.20 -8.93
C GLY A 103 72.74 18.37 -8.46
N GLY A 1 -26.06 3.16 -2.12
CA GLY A 1 -25.39 2.87 -0.87
C GLY A 1 -24.46 3.98 -0.44
N SER A 2 -23.22 3.62 -0.11
CA SER A 2 -22.23 4.59 0.32
C SER A 2 -21.08 4.67 -0.68
N SER A 3 -20.19 5.65 -0.46
CA SER A 3 -19.05 5.84 -1.34
C SER A 3 -17.82 6.30 -0.56
N GLY A 4 -16.69 5.62 -0.79
CA GLY A 4 -15.46 5.98 -0.10
C GLY A 4 -14.58 6.91 -0.90
N SER A 5 -13.28 6.85 -0.65
CA SER A 5 -12.33 7.69 -1.36
C SER A 5 -12.13 7.21 -2.79
N SER A 6 -11.41 8.00 -3.58
CA SER A 6 -11.16 7.66 -4.98
C SER A 6 -9.66 7.45 -5.21
N GLY A 7 -9.27 6.20 -5.45
CA GLY A 7 -7.88 5.89 -5.70
C GLY A 7 -7.62 5.47 -7.13
N MET A 8 -7.00 6.36 -7.90
CA MET A 8 -6.69 6.07 -9.30
C MET A 8 -5.19 5.81 -9.49
N ALA A 9 -4.61 5.07 -8.55
CA ALA A 9 -3.19 4.75 -8.61
C ALA A 9 -2.97 3.24 -8.59
N LYS A 10 -1.71 2.83 -8.74
CA LYS A 10 -1.36 1.42 -8.73
C LYS A 10 -0.62 1.04 -7.44
N VAL A 11 -1.36 0.57 -6.46
CA VAL A 11 -0.77 0.17 -5.18
C VAL A 11 -1.48 -1.04 -4.60
N LYS A 12 -0.70 -2.03 -4.18
CA LYS A 12 -1.24 -3.25 -3.61
C LYS A 12 -1.31 -3.15 -2.09
N VAL A 13 -0.37 -2.42 -1.51
CA VAL A 13 -0.33 -2.24 -0.05
C VAL A 13 -1.39 -1.26 0.40
N LEU A 14 -2.23 -1.68 1.33
CA LEU A 14 -3.29 -0.83 1.86
C LEU A 14 -2.94 -0.34 3.26
N PHE A 15 -2.80 0.97 3.40
CA PHE A 15 -2.47 1.59 4.69
C PHE A 15 -3.72 1.77 5.53
N VAL A 16 -3.83 0.97 6.59
CA VAL A 16 -4.98 1.05 7.49
C VAL A 16 -4.59 1.66 8.83
N ARG A 17 -5.38 2.62 9.29
CA ARG A 17 -5.13 3.29 10.56
C ARG A 17 -6.38 3.33 11.42
N ASN A 18 -6.25 3.86 12.63
CA ASN A 18 -7.37 3.96 13.55
C ASN A 18 -7.79 2.56 14.05
N LEU A 19 -6.80 1.75 14.40
CA LEU A 19 -7.06 0.40 14.88
C LEU A 19 -7.37 0.41 16.37
N ALA A 20 -8.33 -0.43 16.78
CA ALA A 20 -8.71 -0.51 18.18
C ALA A 20 -7.61 -1.15 19.02
N ASN A 21 -7.88 -1.31 20.31
CA ASN A 21 -6.90 -1.90 21.22
C ASN A 21 -7.05 -3.42 21.27
N THR A 22 -7.97 -3.94 20.45
CA THR A 22 -8.20 -5.38 20.40
C THR A 22 -7.94 -5.93 18.99
N VAL A 23 -7.30 -5.12 18.16
CA VAL A 23 -6.98 -5.53 16.80
C VAL A 23 -5.60 -6.17 16.71
N THR A 24 -5.43 -7.08 15.76
CA THR A 24 -4.15 -7.76 15.58
C THR A 24 -3.94 -8.13 14.11
N GLU A 25 -2.73 -8.58 13.80
CA GLU A 25 -2.39 -8.96 12.43
C GLU A 25 -3.41 -9.95 11.88
N GLU A 26 -3.76 -10.95 12.70
CA GLU A 26 -4.71 -11.98 12.29
C GLU A 26 -6.02 -11.34 11.83
N ILE A 27 -6.58 -10.47 12.67
CA ILE A 27 -7.82 -9.79 12.34
C ILE A 27 -7.70 -9.01 11.04
N LEU A 28 -6.51 -8.48 10.78
CA LEU A 28 -6.26 -7.71 9.57
C LEU A 28 -6.17 -8.63 8.35
N GLU A 29 -5.79 -9.88 8.58
CA GLU A 29 -5.67 -10.85 7.50
C GLU A 29 -7.04 -11.39 7.10
N LYS A 30 -7.69 -12.07 8.04
CA LYS A 30 -9.01 -12.65 7.80
C LYS A 30 -9.96 -11.60 7.23
N ALA A 31 -9.90 -10.40 7.78
CA ALA A 31 -10.76 -9.30 7.33
C ALA A 31 -10.42 -8.90 5.90
N PHE A 32 -9.14 -8.68 5.63
CA PHE A 32 -8.69 -8.30 4.30
C PHE A 32 -8.38 -9.53 3.44
N SER A 33 -8.88 -10.68 3.88
CA SER A 33 -8.64 -11.92 3.16
C SER A 33 -9.86 -12.30 2.31
N GLN A 34 -11.02 -12.42 2.96
CA GLN A 34 -12.24 -12.76 2.27
C GLN A 34 -12.31 -12.09 0.90
N PHE A 35 -11.85 -10.84 0.83
CA PHE A 35 -11.86 -10.10 -0.42
C PHE A 35 -10.97 -10.76 -1.45
N GLY A 36 -9.67 -10.82 -1.16
CA GLY A 36 -8.72 -11.44 -2.08
C GLY A 36 -7.53 -12.04 -1.37
N LYS A 37 -6.77 -12.85 -2.08
CA LYS A 37 -5.59 -13.50 -1.52
C LYS A 37 -4.64 -12.47 -0.90
N LEU A 38 -4.30 -12.66 0.37
CA LEU A 38 -3.40 -11.75 1.07
C LEU A 38 -1.96 -12.24 0.98
N GLU A 39 -1.01 -11.31 1.09
CA GLU A 39 0.40 -11.65 1.04
C GLU A 39 1.02 -11.62 2.43
N ARG A 40 0.71 -10.58 3.18
CA ARG A 40 1.23 -10.43 4.53
C ARG A 40 0.62 -9.21 5.23
N VAL A 41 0.76 -9.15 6.54
CA VAL A 41 0.22 -8.05 7.32
C VAL A 41 1.22 -7.56 8.36
N LYS A 42 1.53 -6.27 8.30
CA LYS A 42 2.48 -5.66 9.23
C LYS A 42 1.82 -4.59 10.09
N LYS A 43 1.59 -4.92 11.36
CA LYS A 43 0.95 -3.99 12.28
C LYS A 43 1.98 -3.02 12.87
N LEU A 44 1.52 -1.82 13.20
CA LEU A 44 2.41 -0.81 13.77
C LEU A 44 1.82 -0.25 15.07
N LYS A 45 2.47 0.77 15.62
CA LYS A 45 2.01 1.40 16.85
C LYS A 45 0.49 1.37 16.95
N ASP A 46 -0.16 2.11 16.06
CA ASP A 46 -1.61 2.18 16.04
C ASP A 46 -2.15 1.71 14.69
N TYR A 47 -1.46 2.09 13.62
CA TYR A 47 -1.88 1.72 12.28
C TYR A 47 -1.21 0.41 11.84
N ALA A 48 -1.47 0.02 10.59
CA ALA A 48 -0.89 -1.21 10.05
C ALA A 48 -0.92 -1.21 8.53
N PHE A 49 -0.20 -2.13 7.93
CA PHE A 49 -0.14 -2.23 6.47
C PHE A 49 -0.65 -3.59 6.00
N ILE A 50 -1.54 -3.58 5.01
CA ILE A 50 -2.10 -4.81 4.47
C ILE A 50 -1.55 -5.10 3.09
N HIS A 51 -0.72 -6.15 3.00
CA HIS A 51 -0.12 -6.54 1.72
C HIS A 51 -1.03 -7.52 0.98
N PHE A 52 -1.36 -7.19 -0.26
CA PHE A 52 -2.21 -8.03 -1.09
C PHE A 52 -1.41 -8.70 -2.21
N ASP A 53 -1.64 -9.99 -2.39
CA ASP A 53 -0.95 -10.75 -3.42
C ASP A 53 -0.95 -10.00 -4.74
N GLU A 54 -2.05 -9.31 -5.03
CA GLU A 54 -2.18 -8.55 -6.26
C GLU A 54 -2.73 -7.15 -5.98
N ARG A 55 -2.49 -6.23 -6.92
CA ARG A 55 -2.96 -4.86 -6.78
C ARG A 55 -4.49 -4.81 -6.72
N ASP A 56 -5.13 -5.68 -7.49
CA ASP A 56 -6.58 -5.73 -7.51
C ASP A 56 -7.15 -6.12 -6.16
N GLY A 57 -6.75 -7.30 -5.68
CA GLY A 57 -7.23 -7.78 -4.39
C GLY A 57 -7.36 -6.66 -3.38
N ALA A 58 -6.50 -5.66 -3.48
CA ALA A 58 -6.54 -4.52 -2.57
C ALA A 58 -7.68 -3.58 -2.90
N VAL A 59 -7.66 -3.02 -4.10
CA VAL A 59 -8.70 -2.10 -4.55
C VAL A 59 -10.06 -2.52 -3.99
N LYS A 60 -10.27 -3.82 -3.87
CA LYS A 60 -11.53 -4.35 -3.35
C LYS A 60 -11.63 -4.16 -1.84
N ALA A 61 -10.74 -4.84 -1.11
CA ALA A 61 -10.73 -4.75 0.34
C ALA A 61 -10.53 -3.31 0.80
N MET A 62 -10.11 -2.45 -0.12
CA MET A 62 -9.88 -1.04 0.18
C MET A 62 -11.20 -0.27 0.19
N GLU A 63 -11.86 -0.23 -0.96
CA GLU A 63 -13.13 0.48 -1.08
C GLU A 63 -14.26 -0.32 -0.44
N GLU A 64 -13.92 -1.50 0.08
CA GLU A 64 -14.91 -2.36 0.72
C GLU A 64 -14.84 -2.23 2.24
N MET A 65 -13.63 -1.99 2.75
CA MET A 65 -13.42 -1.85 4.19
C MET A 65 -13.18 -0.39 4.56
N ASN A 66 -12.45 0.32 3.70
CA ASN A 66 -12.16 1.74 3.94
C ASN A 66 -13.31 2.42 4.66
N GLY A 67 -13.23 2.48 5.99
CA GLY A 67 -14.27 3.11 6.77
C GLY A 67 -15.17 2.10 7.45
N LYS A 68 -14.64 0.92 7.73
CA LYS A 68 -15.41 -0.14 8.38
C LYS A 68 -15.26 -0.05 9.90
N ASP A 69 -16.32 -0.41 10.61
CA ASP A 69 -16.30 -0.39 12.07
C ASP A 69 -15.53 -1.56 12.63
N LEU A 70 -14.21 -1.53 12.49
CA LEU A 70 -13.35 -2.60 12.99
C LEU A 70 -13.21 -2.52 14.51
N GLU A 71 -13.77 -3.51 15.19
CA GLU A 71 -13.70 -3.55 16.65
C GLU A 71 -14.40 -2.34 17.27
N GLY A 72 -15.35 -1.77 16.53
CA GLY A 72 -16.07 -0.61 17.02
C GLY A 72 -15.40 0.69 16.65
N GLU A 73 -14.45 0.63 15.72
CA GLU A 73 -13.73 1.81 15.27
C GLU A 73 -13.67 1.88 13.75
N ASN A 74 -14.08 3.02 13.20
CA ASN A 74 -14.07 3.21 11.75
C ASN A 74 -12.65 3.39 11.23
N ILE A 75 -12.05 2.31 10.75
CA ILE A 75 -10.69 2.36 10.22
C ILE A 75 -10.66 3.02 8.85
N GLU A 76 -9.55 3.69 8.56
CA GLU A 76 -9.39 4.38 7.27
C GLU A 76 -8.31 3.70 6.42
N ILE A 77 -8.65 3.40 5.17
CA ILE A 77 -7.71 2.76 4.26
C ILE A 77 -7.34 3.69 3.12
N VAL A 78 -6.04 3.88 2.92
CA VAL A 78 -5.55 4.74 1.85
C VAL A 78 -4.35 4.12 1.14
N PHE A 79 -4.34 4.20 -0.18
CA PHE A 79 -3.27 3.63 -0.98
C PHE A 79 -1.91 4.19 -0.53
N ALA A 80 -1.08 3.33 0.05
CA ALA A 80 0.24 3.74 0.51
C ALA A 80 1.17 4.04 -0.66
N LYS A 81 2.30 4.65 -0.35
CA LYS A 81 3.28 5.00 -1.38
C LYS A 81 4.39 3.96 -1.45
N PRO A 82 4.95 3.77 -2.66
CA PRO A 82 6.03 2.79 -2.89
C PRO A 82 7.34 3.21 -2.24
N PRO A 83 7.94 2.30 -1.47
CA PRO A 83 9.20 2.55 -0.77
C PRO A 83 10.38 2.66 -1.74
N ASP A 84 10.25 2.02 -2.89
CA ASP A 84 11.31 2.04 -3.91
C ASP A 84 10.80 1.49 -5.22
N GLN A 85 11.48 1.84 -6.31
CA GLN A 85 11.11 1.38 -7.63
C GLN A 85 12.32 1.31 -8.56
N LYS A 86 12.60 0.12 -9.08
CA LYS A 86 13.73 -0.08 -9.98
C LYS A 86 13.72 -1.49 -10.56
N ARG A 87 13.89 -1.57 -11.88
CA ARG A 87 13.90 -2.87 -12.56
C ARG A 87 15.13 -3.00 -13.45
N LYS A 88 15.64 -4.22 -13.58
CA LYS A 88 16.81 -4.48 -14.40
C LYS A 88 16.49 -5.47 -15.52
N GLU A 89 17.38 -5.59 -16.48
CA GLU A 89 17.19 -6.51 -17.60
C GLU A 89 18.49 -6.73 -18.36
N ARG A 90 18.94 -7.98 -18.41
CA ARG A 90 20.18 -8.32 -19.09
C ARG A 90 19.93 -9.40 -20.16
N LYS A 91 20.98 -9.74 -20.90
CA LYS A 91 20.88 -10.75 -21.94
C LYS A 91 22.26 -11.18 -22.42
N ALA A 92 22.68 -12.37 -22.02
CA ALA A 92 23.99 -12.89 -22.41
C ALA A 92 23.88 -14.33 -22.88
N GLN A 93 24.44 -14.61 -24.06
CA GLN A 93 24.40 -15.95 -24.62
C GLN A 93 25.81 -16.50 -24.82
N ARG A 94 25.98 -17.78 -24.50
CA ARG A 94 27.28 -18.43 -24.63
C ARG A 94 27.13 -19.93 -24.83
N GLN A 95 28.02 -20.52 -25.61
CA GLN A 95 27.99 -21.95 -25.89
C GLN A 95 29.39 -22.53 -25.96
N ALA A 96 29.49 -23.85 -25.93
CA ALA A 96 30.78 -24.53 -26.00
C ALA A 96 30.60 -26.01 -26.32
N ALA A 97 31.71 -26.69 -26.61
CA ALA A 97 31.67 -28.11 -26.94
C ALA A 97 32.97 -28.80 -26.51
N SER A 98 32.83 -30.04 -26.03
CA SER A 98 33.98 -30.81 -25.58
C SER A 98 33.82 -32.28 -25.93
N GLY A 99 34.95 -32.94 -26.22
CA GLY A 99 34.92 -34.34 -26.57
C GLY A 99 36.22 -35.04 -26.28
N PRO A 100 36.34 -35.60 -25.07
CA PRO A 100 37.55 -36.31 -24.63
C PRO A 100 37.73 -37.64 -25.37
N SER A 101 38.77 -38.38 -24.99
CA SER A 101 39.05 -39.67 -25.61
C SER A 101 39.69 -40.62 -24.61
N SER A 102 39.72 -41.90 -24.96
CA SER A 102 40.29 -42.92 -24.09
C SER A 102 41.81 -42.96 -24.24
N GLY A 103 42.46 -43.78 -23.40
CA GLY A 103 43.90 -43.89 -23.45
C GLY A 103 44.51 -44.14 -22.08
N GLY A 1 -14.65 7.44 3.17
CA GLY A 1 -15.10 7.29 1.81
C GLY A 1 -13.97 7.06 0.84
N SER A 2 -14.30 6.71 -0.40
CA SER A 2 -13.29 6.46 -1.42
C SER A 2 -13.27 7.58 -2.46
N SER A 3 -12.11 8.23 -2.60
CA SER A 3 -11.97 9.33 -3.56
C SER A 3 -10.64 9.23 -4.29
N GLY A 4 -10.68 9.45 -5.60
CA GLY A 4 -9.46 9.39 -6.39
C GLY A 4 -8.97 10.75 -6.81
N SER A 5 -7.78 11.13 -6.32
CA SER A 5 -7.21 12.44 -6.65
C SER A 5 -6.53 12.39 -8.01
N SER A 6 -5.84 11.30 -8.30
CA SER A 6 -5.14 11.14 -9.57
C SER A 6 -5.67 9.93 -10.33
N GLY A 7 -6.65 10.16 -11.20
CA GLY A 7 -7.23 9.08 -11.97
C GLY A 7 -7.28 7.78 -11.20
N MET A 8 -6.51 6.79 -11.64
CA MET A 8 -6.48 5.50 -10.98
C MET A 8 -5.04 5.01 -10.79
N ALA A 9 -4.53 5.15 -9.57
CA ALA A 9 -3.18 4.72 -9.26
C ALA A 9 -3.10 3.22 -9.08
N LYS A 10 -1.88 2.71 -8.94
CA LYS A 10 -1.67 1.27 -8.76
C LYS A 10 -0.92 0.99 -7.46
N VAL A 11 -1.60 0.39 -6.50
CA VAL A 11 -1.00 0.07 -5.22
C VAL A 11 -1.65 -1.15 -4.59
N LYS A 12 -0.82 -2.11 -4.17
CA LYS A 12 -1.33 -3.33 -3.56
C LYS A 12 -1.34 -3.21 -2.03
N VAL A 13 -0.38 -2.45 -1.50
CA VAL A 13 -0.29 -2.26 -0.05
C VAL A 13 -1.28 -1.20 0.42
N LEU A 14 -2.19 -1.61 1.28
CA LEU A 14 -3.21 -0.70 1.82
C LEU A 14 -2.80 -0.19 3.20
N PHE A 15 -2.88 1.12 3.40
CA PHE A 15 -2.54 1.74 4.67
C PHE A 15 -3.76 1.89 5.55
N VAL A 16 -3.87 1.03 6.57
CA VAL A 16 -4.99 1.07 7.49
C VAL A 16 -4.59 1.69 8.83
N ARG A 17 -5.40 2.62 9.31
CA ARG A 17 -5.13 3.29 10.57
C ARG A 17 -6.39 3.34 11.43
N ASN A 18 -6.23 3.81 12.66
CA ASN A 18 -7.35 3.92 13.59
C ASN A 18 -7.77 2.55 14.11
N LEU A 19 -6.78 1.67 14.28
CA LEU A 19 -7.05 0.32 14.77
C LEU A 19 -7.32 0.32 16.26
N ALA A 20 -8.31 -0.48 16.68
CA ALA A 20 -8.67 -0.57 18.10
C ALA A 20 -7.56 -1.23 18.90
N ASN A 21 -7.78 -1.38 20.20
CA ASN A 21 -6.80 -1.99 21.08
C ASN A 21 -6.93 -3.51 21.08
N THR A 22 -7.89 -4.02 20.30
CA THR A 22 -8.12 -5.45 20.21
C THR A 22 -7.89 -5.95 18.79
N VAL A 23 -7.24 -5.13 17.98
CA VAL A 23 -6.95 -5.49 16.58
C VAL A 23 -5.54 -6.05 16.45
N THR A 24 -5.42 -7.16 15.73
CA THR A 24 -4.13 -7.80 15.52
C THR A 24 -3.93 -8.19 14.06
N GLU A 25 -2.72 -8.57 13.71
CA GLU A 25 -2.40 -8.97 12.34
C GLU A 25 -3.38 -10.03 11.84
N GLU A 26 -3.71 -10.98 12.71
CA GLU A 26 -4.63 -12.05 12.37
C GLU A 26 -5.97 -11.49 11.92
N ILE A 27 -6.47 -10.50 12.67
CA ILE A 27 -7.74 -9.87 12.35
C ILE A 27 -7.66 -9.08 11.05
N LEU A 28 -6.47 -8.58 10.73
CA LEU A 28 -6.26 -7.80 9.51
C LEU A 28 -6.27 -8.72 8.28
N GLU A 29 -5.81 -9.95 8.47
CA GLU A 29 -5.78 -10.92 7.38
C GLU A 29 -7.17 -11.42 7.05
N LYS A 30 -7.75 -12.21 7.95
CA LYS A 30 -9.09 -12.75 7.75
C LYS A 30 -10.04 -11.69 7.20
N ALA A 31 -9.89 -10.46 7.68
CA ALA A 31 -10.72 -9.35 7.23
C ALA A 31 -10.39 -8.96 5.79
N PHE A 32 -9.12 -8.65 5.55
CA PHE A 32 -8.68 -8.26 4.22
C PHE A 32 -8.36 -9.48 3.37
N SER A 33 -8.81 -10.64 3.83
CA SER A 33 -8.58 -11.90 3.12
C SER A 33 -9.81 -12.29 2.31
N GLN A 34 -10.96 -12.35 2.98
CA GLN A 34 -12.21 -12.72 2.33
C GLN A 34 -12.31 -12.09 0.94
N PHE A 35 -11.82 -10.87 0.81
CA PHE A 35 -11.86 -10.16 -0.47
C PHE A 35 -10.96 -10.85 -1.49
N GLY A 36 -9.66 -10.89 -1.20
CA GLY A 36 -8.72 -11.53 -2.10
C GLY A 36 -7.50 -12.06 -1.39
N LYS A 37 -6.77 -12.96 -2.05
CA LYS A 37 -5.57 -13.54 -1.48
C LYS A 37 -4.65 -12.47 -0.91
N LEU A 38 -4.21 -12.66 0.33
CA LEU A 38 -3.32 -11.70 0.98
C LEU A 38 -1.88 -12.18 0.95
N GLU A 39 -0.94 -11.25 1.02
CA GLU A 39 0.48 -11.57 1.00
C GLU A 39 1.06 -11.57 2.41
N ARG A 40 0.77 -10.51 3.16
CA ARG A 40 1.27 -10.38 4.52
C ARG A 40 0.65 -9.17 5.21
N VAL A 41 0.82 -9.08 6.53
CA VAL A 41 0.28 -7.98 7.30
C VAL A 41 1.31 -7.47 8.33
N LYS A 42 1.48 -6.16 8.39
CA LYS A 42 2.42 -5.55 9.32
C LYS A 42 1.70 -4.62 10.29
N LYS A 43 1.78 -4.93 11.57
CA LYS A 43 1.13 -4.12 12.61
C LYS A 43 2.10 -3.08 13.16
N LEU A 44 1.58 -1.89 13.42
CA LEU A 44 2.40 -0.81 13.95
C LEU A 44 1.78 -0.23 15.24
N LYS A 45 2.39 0.83 15.75
CA LYS A 45 1.90 1.48 16.96
C LYS A 45 0.38 1.39 17.04
N ASP A 46 -0.30 2.10 16.15
CA ASP A 46 -1.76 2.10 16.12
C ASP A 46 -2.28 1.64 14.77
N TYR A 47 -1.59 2.04 13.71
CA TYR A 47 -1.98 1.67 12.35
C TYR A 47 -1.27 0.40 11.91
N ALA A 48 -1.49 0.00 10.65
CA ALA A 48 -0.87 -1.19 10.10
C ALA A 48 -0.96 -1.21 8.58
N PHE A 49 -0.13 -2.02 7.95
CA PHE A 49 -0.12 -2.13 6.50
C PHE A 49 -0.61 -3.50 6.05
N ILE A 50 -1.48 -3.52 5.05
CA ILE A 50 -2.03 -4.75 4.52
C ILE A 50 -1.46 -5.07 3.14
N HIS A 51 -0.61 -6.09 3.07
CA HIS A 51 0.00 -6.50 1.81
C HIS A 51 -0.89 -7.50 1.08
N PHE A 52 -1.31 -7.15 -0.13
CA PHE A 52 -2.15 -8.02 -0.94
C PHE A 52 -1.34 -8.74 -2.01
N ASP A 53 -1.74 -9.96 -2.34
CA ASP A 53 -1.05 -10.75 -3.35
C ASP A 53 -1.12 -10.06 -4.71
N GLU A 54 -2.22 -9.37 -4.97
CA GLU A 54 -2.41 -8.67 -6.24
C GLU A 54 -2.91 -7.25 -6.01
N ARG A 55 -2.62 -6.36 -6.95
CA ARG A 55 -3.04 -4.97 -6.85
C ARG A 55 -4.55 -4.86 -6.81
N ASP A 56 -5.23 -5.80 -7.47
CA ASP A 56 -6.69 -5.81 -7.51
C ASP A 56 -7.26 -6.20 -6.15
N GLY A 57 -6.78 -7.31 -5.61
CA GLY A 57 -7.26 -7.78 -4.32
C GLY A 57 -7.41 -6.66 -3.32
N ALA A 58 -6.48 -5.70 -3.37
CA ALA A 58 -6.52 -4.56 -2.45
C ALA A 58 -7.65 -3.61 -2.80
N VAL A 59 -7.63 -3.08 -4.02
CA VAL A 59 -8.66 -2.15 -4.47
C VAL A 59 -10.02 -2.53 -3.92
N LYS A 60 -10.28 -3.84 -3.85
CA LYS A 60 -11.55 -4.34 -3.33
C LYS A 60 -11.64 -4.14 -1.82
N ALA A 61 -10.79 -4.85 -1.09
CA ALA A 61 -10.77 -4.76 0.36
C ALA A 61 -10.57 -3.32 0.82
N MET A 62 -10.12 -2.47 -0.10
CA MET A 62 -9.88 -1.07 0.20
C MET A 62 -11.19 -0.28 0.21
N GLU A 63 -11.87 -0.27 -0.92
CA GLU A 63 -13.14 0.45 -1.04
C GLU A 63 -14.28 -0.35 -0.40
N GLU A 64 -13.94 -1.54 0.10
CA GLU A 64 -14.94 -2.39 0.74
C GLU A 64 -14.86 -2.29 2.26
N MET A 65 -13.70 -1.86 2.75
CA MET A 65 -13.49 -1.71 4.19
C MET A 65 -13.23 -0.25 4.55
N ASN A 66 -12.48 0.45 3.71
CA ASN A 66 -12.16 1.85 3.94
C ASN A 66 -13.32 2.55 4.65
N GLY A 67 -13.25 2.60 5.97
CA GLY A 67 -14.29 3.26 6.75
C GLY A 67 -15.22 2.26 7.42
N LYS A 68 -14.69 1.09 7.75
CA LYS A 68 -15.48 0.04 8.39
C LYS A 68 -15.30 0.08 9.91
N ASP A 69 -16.36 -0.25 10.63
CA ASP A 69 -16.32 -0.26 12.09
C ASP A 69 -15.54 -1.46 12.61
N LEU A 70 -14.22 -1.41 12.47
CA LEU A 70 -13.36 -2.49 12.92
C LEU A 70 -13.20 -2.47 14.43
N GLU A 71 -13.79 -3.46 15.10
CA GLU A 71 -13.71 -3.56 16.56
C GLU A 71 -14.38 -2.36 17.21
N GLY A 72 -15.31 -1.74 16.50
CA GLY A 72 -16.01 -0.58 17.03
C GLY A 72 -15.33 0.72 16.66
N GLU A 73 -14.41 0.66 15.69
CA GLU A 73 -13.69 1.84 15.25
C GLU A 73 -13.65 1.91 13.72
N ASN A 74 -14.00 3.08 13.18
CA ASN A 74 -14.01 3.28 11.74
C ASN A 74 -12.59 3.43 11.21
N ILE A 75 -12.00 2.33 10.77
CA ILE A 75 -10.64 2.34 10.23
C ILE A 75 -10.60 3.01 8.86
N GLU A 76 -9.51 3.72 8.58
CA GLU A 76 -9.35 4.39 7.30
C GLU A 76 -8.30 3.70 6.44
N ILE A 77 -8.65 3.42 5.19
CA ILE A 77 -7.75 2.75 4.27
C ILE A 77 -7.38 3.67 3.10
N VAL A 78 -6.09 3.82 2.86
CA VAL A 78 -5.60 4.66 1.77
C VAL A 78 -4.41 4.03 1.07
N PHE A 79 -4.39 4.14 -0.26
CA PHE A 79 -3.30 3.58 -1.05
C PHE A 79 -1.95 4.15 -0.61
N ALA A 80 -1.15 3.32 0.04
CA ALA A 80 0.17 3.74 0.50
C ALA A 80 1.10 4.01 -0.66
N LYS A 81 2.12 4.83 -0.42
CA LYS A 81 3.09 5.18 -1.45
C LYS A 81 4.14 4.09 -1.60
N PRO A 82 4.62 3.89 -2.84
CA PRO A 82 5.64 2.88 -3.14
C PRO A 82 7.00 3.23 -2.56
N PRO A 83 7.63 2.26 -1.89
CA PRO A 83 8.95 2.44 -1.27
C PRO A 83 10.06 2.57 -2.31
N ASP A 84 9.93 1.84 -3.40
CA ASP A 84 10.92 1.88 -4.47
C ASP A 84 10.29 2.35 -5.78
N GLN A 85 10.72 3.52 -6.26
CA GLN A 85 10.19 4.08 -7.49
C GLN A 85 11.28 4.13 -8.57
N LYS A 86 11.54 2.98 -9.19
CA LYS A 86 12.54 2.90 -10.23
C LYS A 86 11.90 2.71 -11.61
N ARG A 87 12.18 3.63 -12.52
CA ARG A 87 11.62 3.56 -13.87
C ARG A 87 12.30 2.46 -14.68
N LYS A 88 11.65 1.31 -14.77
CA LYS A 88 12.19 0.17 -15.52
C LYS A 88 11.22 -0.25 -16.62
N GLU A 89 11.62 -0.06 -17.87
CA GLU A 89 10.79 -0.44 -19.01
C GLU A 89 11.65 -0.82 -20.21
N ARG A 90 11.03 -1.45 -21.20
CA ARG A 90 11.74 -1.88 -22.40
C ARG A 90 10.89 -1.64 -23.64
N LYS A 91 11.55 -1.42 -24.77
CA LYS A 91 10.86 -1.18 -26.03
C LYS A 91 11.77 -1.46 -27.22
N ALA A 92 11.29 -2.25 -28.17
CA ALA A 92 12.06 -2.59 -29.36
C ALA A 92 11.19 -3.27 -30.41
N GLN A 93 11.47 -2.96 -31.68
CA GLN A 93 10.71 -3.53 -32.78
C GLN A 93 11.43 -3.33 -34.11
N ARG A 94 11.39 -4.34 -34.97
CA ARG A 94 12.04 -4.27 -36.27
C ARG A 94 11.30 -5.12 -37.29
N GLN A 95 11.40 -4.73 -38.56
CA GLN A 95 10.75 -5.46 -39.63
C GLN A 95 11.70 -6.46 -40.28
N ALA A 96 11.13 -7.50 -40.90
CA ALA A 96 11.94 -8.51 -41.56
C ALA A 96 11.66 -8.55 -43.06
N ALA A 97 12.45 -9.34 -43.78
CA ALA A 97 12.29 -9.46 -45.23
C ALA A 97 13.20 -10.55 -45.79
N SER A 98 12.91 -10.97 -47.02
CA SER A 98 13.69 -12.02 -47.67
C SER A 98 13.51 -11.96 -49.18
N GLY A 99 14.28 -12.78 -49.89
CA GLY A 99 14.21 -12.82 -51.35
C GLY A 99 15.22 -13.76 -51.96
N PRO A 100 14.85 -14.36 -53.10
CA PRO A 100 15.73 -15.31 -53.80
C PRO A 100 16.91 -14.61 -54.46
N SER A 101 18.07 -15.28 -54.44
CA SER A 101 19.28 -14.72 -55.02
C SER A 101 20.00 -15.76 -55.87
N SER A 102 20.43 -16.85 -55.23
CA SER A 102 21.13 -17.92 -55.93
C SER A 102 20.63 -19.29 -55.47
N GLY A 103 20.50 -20.21 -56.42
CA GLY A 103 20.04 -21.55 -56.08
C GLY A 103 19.06 -22.10 -57.10
N GLY A 1 -10.55 20.63 -0.57
CA GLY A 1 -11.69 19.86 -1.03
C GLY A 1 -11.59 18.39 -0.63
N SER A 2 -12.74 17.79 -0.30
CA SER A 2 -12.77 16.39 0.11
C SER A 2 -13.39 15.52 -0.99
N SER A 3 -13.08 14.23 -0.95
CA SER A 3 -13.61 13.30 -1.94
C SER A 3 -13.55 13.89 -3.34
N GLY A 4 -12.45 14.58 -3.65
CA GLY A 4 -12.30 15.19 -4.95
C GLY A 4 -10.88 15.12 -5.47
N SER A 5 -10.56 14.04 -6.19
CA SER A 5 -9.23 13.84 -6.73
C SER A 5 -9.20 12.67 -7.71
N SER A 6 -8.71 12.92 -8.91
CA SER A 6 -8.63 11.89 -9.94
C SER A 6 -7.19 11.40 -10.11
N GLY A 7 -6.78 10.49 -9.22
CA GLY A 7 -5.43 9.96 -9.30
C GLY A 7 -5.39 8.45 -9.12
N MET A 8 -5.20 7.73 -10.22
CA MET A 8 -5.15 6.27 -10.18
C MET A 8 -3.79 5.79 -9.68
N ALA A 9 -3.80 5.04 -8.59
CA ALA A 9 -2.57 4.52 -8.01
C ALA A 9 -2.53 2.99 -8.09
N LYS A 10 -1.50 2.46 -8.73
CA LYS A 10 -1.34 1.01 -8.87
C LYS A 10 -0.65 0.42 -7.63
N VAL A 11 -1.07 0.87 -6.46
CA VAL A 11 -0.50 0.38 -5.21
C VAL A 11 -1.31 -0.78 -4.65
N LYS A 12 -0.60 -1.85 -4.26
CA LYS A 12 -1.25 -3.03 -3.69
C LYS A 12 -1.34 -2.94 -2.18
N VAL A 13 -0.33 -2.32 -1.57
CA VAL A 13 -0.28 -2.16 -0.12
C VAL A 13 -1.27 -1.11 0.35
N LEU A 14 -2.18 -1.52 1.24
CA LEU A 14 -3.19 -0.62 1.77
C LEU A 14 -2.83 -0.15 3.18
N PHE A 15 -2.73 1.16 3.36
CA PHE A 15 -2.38 1.72 4.65
C PHE A 15 -3.62 1.90 5.52
N VAL A 16 -3.72 1.10 6.58
CA VAL A 16 -4.86 1.16 7.49
C VAL A 16 -4.47 1.83 8.80
N ARG A 17 -5.39 2.63 9.34
CA ARG A 17 -5.14 3.33 10.61
C ARG A 17 -6.40 3.35 11.47
N ASN A 18 -6.25 3.74 12.72
CA ASN A 18 -7.36 3.81 13.65
C ASN A 18 -7.77 2.41 14.10
N LEU A 19 -6.78 1.59 14.45
CA LEU A 19 -7.04 0.22 14.91
C LEU A 19 -7.45 0.21 16.38
N ALA A 20 -8.44 -0.60 16.71
CA ALA A 20 -8.92 -0.71 18.08
C ALA A 20 -7.83 -1.25 19.00
N ASN A 21 -8.18 -1.48 20.26
CA ASN A 21 -7.23 -1.99 21.24
C ASN A 21 -7.21 -3.51 21.25
N THR A 22 -8.10 -4.12 20.47
CA THR A 22 -8.19 -5.57 20.39
C THR A 22 -7.92 -6.06 18.97
N VAL A 23 -7.28 -5.21 18.17
CA VAL A 23 -6.96 -5.56 16.79
C VAL A 23 -5.54 -6.12 16.68
N THR A 24 -5.32 -6.97 15.67
CA THR A 24 -4.02 -7.57 15.46
C THR A 24 -3.83 -7.98 14.01
N GLU A 25 -2.64 -8.47 13.68
CA GLU A 25 -2.34 -8.89 12.32
C GLU A 25 -3.31 -9.96 11.85
N GLU A 26 -3.55 -10.94 12.72
CA GLU A 26 -4.46 -12.04 12.39
C GLU A 26 -5.82 -11.50 11.95
N ILE A 27 -6.32 -10.51 12.67
CA ILE A 27 -7.61 -9.90 12.35
C ILE A 27 -7.55 -9.15 11.03
N LEU A 28 -6.42 -8.47 10.78
CA LEU A 28 -6.25 -7.71 9.55
C LEU A 28 -6.24 -8.64 8.34
N GLU A 29 -5.87 -9.90 8.56
CA GLU A 29 -5.82 -10.87 7.48
C GLU A 29 -7.21 -11.36 7.12
N LYS A 30 -7.81 -12.14 8.02
CA LYS A 30 -9.15 -12.68 7.79
C LYS A 30 -10.08 -11.60 7.26
N ALA A 31 -9.86 -10.36 7.68
CA ALA A 31 -10.68 -9.23 7.24
C ALA A 31 -10.34 -8.84 5.80
N PHE A 32 -9.05 -8.62 5.55
CA PHE A 32 -8.59 -8.24 4.21
C PHE A 32 -8.29 -9.47 3.36
N SER A 33 -8.74 -10.62 3.84
CA SER A 33 -8.51 -11.88 3.13
C SER A 33 -9.75 -12.29 2.33
N GLN A 34 -10.87 -12.45 3.05
CA GLN A 34 -12.11 -12.85 2.41
C GLN A 34 -12.24 -12.23 1.02
N PHE A 35 -11.81 -10.98 0.89
CA PHE A 35 -11.87 -10.28 -0.38
C PHE A 35 -10.99 -10.96 -1.42
N GLY A 36 -9.69 -10.97 -1.18
CA GLY A 36 -8.76 -11.59 -2.10
C GLY A 36 -7.53 -12.15 -1.40
N LYS A 37 -6.77 -12.98 -2.11
CA LYS A 37 -5.57 -13.59 -1.56
C LYS A 37 -4.65 -12.52 -0.97
N LEU A 38 -4.21 -12.74 0.27
CA LEU A 38 -3.32 -11.81 0.95
C LEU A 38 -1.87 -12.26 0.84
N GLU A 39 -0.95 -11.33 1.07
CA GLU A 39 0.48 -11.65 1.02
C GLU A 39 1.11 -11.62 2.41
N ARG A 40 0.79 -10.58 3.17
CA ARG A 40 1.32 -10.44 4.52
C ARG A 40 0.69 -9.23 5.22
N VAL A 41 0.86 -9.18 6.54
CA VAL A 41 0.32 -8.08 7.33
C VAL A 41 1.33 -7.56 8.34
N LYS A 42 1.49 -6.25 8.40
CA LYS A 42 2.43 -5.63 9.33
C LYS A 42 1.74 -4.57 10.18
N LYS A 43 1.54 -4.87 11.45
CA LYS A 43 0.90 -3.94 12.37
C LYS A 43 1.93 -3.00 13.00
N LEU A 44 1.50 -1.77 13.28
CA LEU A 44 2.37 -0.78 13.89
C LEU A 44 1.75 -0.19 15.14
N LYS A 45 2.40 0.82 15.71
CA LYS A 45 1.91 1.48 16.91
C LYS A 45 0.38 1.42 16.98
N ASP A 46 -0.27 2.09 16.04
CA ASP A 46 -1.73 2.12 15.98
C ASP A 46 -2.23 1.68 14.61
N TYR A 47 -1.52 2.09 13.57
CA TYR A 47 -1.89 1.74 12.21
C TYR A 47 -1.22 0.44 11.77
N ALA A 48 -1.43 0.07 10.51
CA ALA A 48 -0.85 -1.15 9.97
C ALA A 48 -0.88 -1.14 8.45
N PHE A 49 -0.04 -1.98 7.84
CA PHE A 49 0.03 -2.07 6.39
C PHE A 49 -0.40 -3.45 5.90
N ILE A 50 -1.42 -3.48 5.05
CA ILE A 50 -1.94 -4.73 4.51
C ILE A 50 -1.35 -5.02 3.14
N HIS A 51 -0.68 -6.17 3.02
CA HIS A 51 -0.07 -6.57 1.75
C HIS A 51 -0.96 -7.58 1.01
N PHE A 52 -1.32 -7.24 -0.22
CA PHE A 52 -2.17 -8.10 -1.03
C PHE A 52 -1.36 -8.79 -2.12
N ASP A 53 -1.75 -10.01 -2.47
CA ASP A 53 -1.06 -10.78 -3.50
C ASP A 53 -1.17 -10.09 -4.85
N GLU A 54 -2.31 -9.45 -5.10
CA GLU A 54 -2.54 -8.75 -6.36
C GLU A 54 -3.07 -7.35 -6.12
N ARG A 55 -2.70 -6.43 -7.00
CA ARG A 55 -3.14 -5.04 -6.88
C ARG A 55 -4.65 -4.95 -6.81
N ASP A 56 -5.33 -5.87 -7.48
CA ASP A 56 -6.79 -5.90 -7.48
C ASP A 56 -7.34 -6.28 -6.11
N GLY A 57 -6.98 -7.47 -5.64
CA GLY A 57 -7.44 -7.93 -4.35
C GLY A 57 -7.52 -6.80 -3.33
N ALA A 58 -6.62 -5.85 -3.44
CA ALA A 58 -6.59 -4.71 -2.52
C ALA A 58 -7.72 -3.73 -2.83
N VAL A 59 -7.67 -3.14 -4.01
CA VAL A 59 -8.70 -2.18 -4.43
C VAL A 59 -10.07 -2.58 -3.90
N LYS A 60 -10.31 -3.88 -3.82
CA LYS A 60 -11.59 -4.40 -3.33
C LYS A 60 -11.70 -4.21 -1.83
N ALA A 61 -10.78 -4.82 -1.08
CA ALA A 61 -10.78 -4.71 0.37
C ALA A 61 -10.58 -3.27 0.81
N MET A 62 -10.10 -2.43 -0.10
CA MET A 62 -9.87 -1.02 0.21
C MET A 62 -11.18 -0.25 0.24
N GLU A 63 -11.90 -0.27 -0.88
CA GLU A 63 -13.18 0.43 -0.97
C GLU A 63 -14.29 -0.36 -0.27
N GLU A 64 -13.93 -1.53 0.24
CA GLU A 64 -14.89 -2.38 0.93
C GLU A 64 -14.75 -2.26 2.44
N MET A 65 -13.53 -1.96 2.89
CA MET A 65 -13.26 -1.80 4.31
C MET A 65 -13.02 -0.34 4.66
N ASN A 66 -12.52 0.42 3.70
CA ASN A 66 -12.25 1.84 3.92
C ASN A 66 -13.40 2.51 4.66
N GLY A 67 -13.14 2.91 5.90
CA GLY A 67 -14.16 3.57 6.70
C GLY A 67 -15.15 2.58 7.29
N LYS A 68 -14.71 1.33 7.45
CA LYS A 68 -15.57 0.29 8.02
C LYS A 68 -15.36 0.18 9.52
N ASP A 69 -16.46 -0.08 10.25
CA ASP A 69 -16.39 -0.21 11.69
C ASP A 69 -15.69 -1.50 12.09
N LEU A 70 -14.43 -1.38 12.52
CA LEU A 70 -13.65 -2.53 12.93
C LEU A 70 -13.43 -2.53 14.44
N GLU A 71 -14.06 -3.47 15.12
CA GLU A 71 -13.92 -3.58 16.57
C GLU A 71 -14.45 -2.33 17.26
N GLY A 72 -15.50 -1.74 16.68
CA GLY A 72 -16.07 -0.54 17.25
C GLY A 72 -15.30 0.71 16.89
N GLU A 73 -14.45 0.60 15.89
CA GLU A 73 -13.64 1.73 15.44
C GLU A 73 -13.55 1.78 13.92
N ASN A 74 -14.02 2.87 13.33
CA ASN A 74 -14.00 3.03 11.89
C ASN A 74 -12.58 3.24 11.38
N ILE A 75 -12.00 2.20 10.79
CA ILE A 75 -10.64 2.26 10.26
C ILE A 75 -10.61 2.97 8.92
N GLU A 76 -9.48 3.62 8.62
CA GLU A 76 -9.32 4.34 7.36
C GLU A 76 -8.24 3.69 6.50
N ILE A 77 -8.56 3.47 5.23
CA ILE A 77 -7.61 2.85 4.31
C ILE A 77 -7.24 3.82 3.18
N VAL A 78 -5.94 3.89 2.89
CA VAL A 78 -5.45 4.77 1.83
C VAL A 78 -4.22 4.18 1.15
N PHE A 79 -4.25 4.16 -0.18
CA PHE A 79 -3.14 3.62 -0.96
C PHE A 79 -1.81 4.21 -0.49
N ALA A 80 -1.04 3.40 0.23
CA ALA A 80 0.26 3.84 0.74
C ALA A 80 1.22 4.13 -0.40
N LYS A 81 2.08 5.14 -0.21
CA LYS A 81 3.05 5.52 -1.22
C LYS A 81 4.08 4.42 -1.43
N PRO A 82 4.66 4.37 -2.64
CA PRO A 82 5.67 3.37 -3.00
C PRO A 82 6.99 3.59 -2.27
N PRO A 83 7.49 2.54 -1.61
CA PRO A 83 8.75 2.60 -0.87
C PRO A 83 9.97 2.73 -1.78
N ASP A 84 9.72 2.70 -3.09
CA ASP A 84 10.79 2.82 -4.07
C ASP A 84 10.27 3.42 -5.37
N GLN A 85 11.18 3.96 -6.16
CA GLN A 85 10.81 4.57 -7.44
C GLN A 85 11.12 3.63 -8.60
N LYS A 86 10.11 2.87 -9.02
CA LYS A 86 10.27 1.94 -10.13
C LYS A 86 9.75 2.53 -11.43
N ARG A 87 10.68 2.94 -12.30
CA ARG A 87 10.30 3.53 -13.58
C ARG A 87 11.27 3.08 -14.67
N LYS A 88 10.75 2.31 -15.63
CA LYS A 88 11.57 1.81 -16.73
C LYS A 88 10.91 2.14 -18.07
N GLU A 89 11.40 3.18 -18.74
CA GLU A 89 10.87 3.58 -20.02
C GLU A 89 10.92 2.44 -21.02
N ARG A 90 10.11 2.55 -22.09
CA ARG A 90 10.07 1.52 -23.11
C ARG A 90 10.15 2.12 -24.51
N LYS A 91 10.39 1.29 -25.50
CA LYS A 91 10.50 1.75 -26.88
C LYS A 91 10.54 0.57 -27.85
N ALA A 92 9.93 0.75 -29.01
CA ALA A 92 9.90 -0.30 -30.03
C ALA A 92 10.54 0.18 -31.33
N GLN A 93 11.01 -0.77 -32.13
CA GLN A 93 11.64 -0.45 -33.41
C GLN A 93 11.58 -1.64 -34.37
N ARG A 94 11.60 -1.34 -35.67
CA ARG A 94 11.54 -2.39 -36.67
C ARG A 94 11.84 -1.81 -38.06
N GLN A 95 11.93 -2.69 -39.05
CA GLN A 95 12.21 -2.28 -40.42
C GLN A 95 11.68 -3.30 -41.42
N ALA A 96 11.16 -2.81 -42.54
CA ALA A 96 10.62 -3.69 -43.58
C ALA A 96 11.19 -3.34 -44.94
N ALA A 97 11.08 -4.27 -45.89
CA ALA A 97 11.60 -4.06 -47.24
C ALA A 97 10.81 -4.87 -48.26
N SER A 98 10.46 -4.24 -49.36
CA SER A 98 9.70 -4.90 -50.42
C SER A 98 10.48 -4.91 -51.73
N GLY A 99 9.97 -5.64 -52.72
CA GLY A 99 10.62 -5.71 -54.01
C GLY A 99 9.67 -6.08 -55.12
N PRO A 100 9.91 -5.53 -56.32
CA PRO A 100 9.07 -5.79 -57.49
C PRO A 100 9.24 -7.22 -58.02
N SER A 101 8.18 -8.02 -57.86
CA SER A 101 8.21 -9.41 -58.32
C SER A 101 7.91 -9.49 -59.81
N SER A 102 8.59 -10.41 -60.49
CA SER A 102 8.40 -10.59 -61.92
C SER A 102 7.13 -11.38 -62.21
N GLY A 103 6.72 -11.40 -63.48
CA GLY A 103 5.51 -12.11 -63.85
C GLY A 103 4.29 -11.64 -63.08
N GLY A 1 -15.32 14.67 1.89
CA GLY A 1 -14.88 15.41 0.73
C GLY A 1 -15.62 15.01 -0.53
N SER A 2 -15.16 15.52 -1.67
CA SER A 2 -15.80 15.22 -2.95
C SER A 2 -14.77 14.70 -3.96
N SER A 3 -13.64 15.39 -4.05
CA SER A 3 -12.57 15.00 -4.96
C SER A 3 -11.21 15.09 -4.29
N GLY A 4 -10.51 13.96 -4.25
CA GLY A 4 -9.20 13.93 -3.63
C GLY A 4 -8.49 12.62 -3.86
N SER A 5 -7.17 12.68 -4.04
CA SER A 5 -6.37 11.48 -4.27
C SER A 5 -5.15 11.46 -3.35
N SER A 6 -4.91 10.31 -2.72
CA SER A 6 -3.79 10.16 -1.82
C SER A 6 -2.94 8.94 -2.20
N GLY A 7 -1.73 9.20 -2.69
CA GLY A 7 -0.84 8.11 -3.08
C GLY A 7 -1.01 7.74 -4.55
N MET A 8 -0.38 6.64 -4.94
CA MET A 8 -0.46 6.17 -6.32
C MET A 8 -1.71 5.32 -6.54
N ALA A 9 -2.09 5.14 -7.80
CA ALA A 9 -3.27 4.35 -8.14
C ALA A 9 -2.95 2.86 -8.10
N LYS A 10 -1.95 2.44 -8.85
CA LYS A 10 -1.54 1.04 -8.90
C LYS A 10 -0.76 0.66 -7.65
N VAL A 11 -1.48 0.51 -6.53
CA VAL A 11 -0.85 0.14 -5.27
C VAL A 11 -1.51 -1.10 -4.68
N LYS A 12 -0.70 -2.06 -4.23
CA LYS A 12 -1.20 -3.29 -3.64
C LYS A 12 -1.24 -3.18 -2.12
N VAL A 13 -0.31 -2.41 -1.56
CA VAL A 13 -0.24 -2.23 -0.11
C VAL A 13 -1.26 -1.18 0.35
N LEU A 14 -2.12 -1.59 1.27
CA LEU A 14 -3.14 -0.69 1.81
C LEU A 14 -2.75 -0.18 3.19
N PHE A 15 -2.85 1.13 3.38
CA PHE A 15 -2.51 1.75 4.66
C PHE A 15 -3.75 1.92 5.52
N VAL A 16 -3.88 1.06 6.54
CA VAL A 16 -5.02 1.11 7.44
C VAL A 16 -4.63 1.72 8.78
N ARG A 17 -5.42 2.69 9.24
CA ARG A 17 -5.15 3.35 10.51
C ARG A 17 -6.42 3.44 11.36
N ASN A 18 -6.26 3.90 12.59
CA ASN A 18 -7.40 4.02 13.51
C ASN A 18 -7.85 2.66 14.02
N LEU A 19 -6.88 1.80 14.31
CA LEU A 19 -7.18 0.46 14.81
C LEU A 19 -7.54 0.50 16.30
N ALA A 20 -8.22 -0.55 16.76
CA ALA A 20 -8.63 -0.64 18.15
C ALA A 20 -7.52 -1.26 19.00
N ASN A 21 -7.79 -1.41 20.29
CA ASN A 21 -6.81 -1.99 21.21
C ASN A 21 -6.95 -3.51 21.26
N THR A 22 -7.81 -4.04 20.42
CA THR A 22 -8.03 -5.49 20.37
C THR A 22 -7.82 -6.02 18.95
N VAL A 23 -7.18 -5.22 18.11
CA VAL A 23 -6.92 -5.61 16.73
C VAL A 23 -5.50 -6.17 16.59
N THR A 24 -5.35 -7.17 15.74
CA THR A 24 -4.06 -7.80 15.50
C THR A 24 -3.89 -8.19 14.04
N GLU A 25 -2.69 -8.64 13.69
CA GLU A 25 -2.40 -9.05 12.32
C GLU A 25 -3.42 -10.08 11.83
N GLU A 26 -3.66 -11.09 12.65
CA GLU A 26 -4.62 -12.14 12.31
C GLU A 26 -5.96 -11.54 11.89
N ILE A 27 -6.45 -10.58 12.67
CA ILE A 27 -7.71 -9.93 12.37
C ILE A 27 -7.64 -9.15 11.06
N LEU A 28 -6.48 -8.56 10.78
CA LEU A 28 -6.28 -7.79 9.57
C LEU A 28 -6.26 -8.70 8.34
N GLU A 29 -5.86 -9.95 8.55
CA GLU A 29 -5.79 -10.92 7.47
C GLU A 29 -7.19 -11.45 7.13
N LYS A 30 -7.76 -12.23 8.05
CA LYS A 30 -9.08 -12.81 7.85
C LYS A 30 -10.06 -11.74 7.33
N ALA A 31 -9.86 -10.51 7.76
CA ALA A 31 -10.72 -9.41 7.34
C ALA A 31 -10.40 -8.97 5.91
N PHE A 32 -9.12 -8.76 5.64
CA PHE A 32 -8.68 -8.35 4.31
C PHE A 32 -8.39 -9.56 3.43
N SER A 33 -8.87 -10.72 3.86
CA SER A 33 -8.65 -11.95 3.11
C SER A 33 -9.88 -12.30 2.27
N GLN A 34 -11.02 -12.44 2.92
CA GLN A 34 -12.27 -12.78 2.25
C GLN A 34 -12.33 -12.10 0.87
N PHE A 35 -11.86 -10.86 0.81
CA PHE A 35 -11.87 -10.10 -0.43
C PHE A 35 -10.96 -10.76 -1.48
N GLY A 36 -9.67 -10.82 -1.17
CA GLY A 36 -8.72 -11.42 -2.10
C GLY A 36 -7.52 -11.99 -1.38
N LYS A 37 -6.79 -12.87 -2.07
CA LYS A 37 -5.60 -13.49 -1.50
C LYS A 37 -4.67 -12.44 -0.91
N LEU A 38 -4.30 -12.65 0.35
CA LEU A 38 -3.41 -11.71 1.05
C LEU A 38 -1.96 -12.22 1.01
N GLU A 39 -1.02 -11.28 1.10
CA GLU A 39 0.40 -11.62 1.08
C GLU A 39 0.99 -11.59 2.49
N ARG A 40 0.72 -10.50 3.22
CA ARG A 40 1.23 -10.36 4.57
C ARG A 40 0.60 -9.13 5.25
N VAL A 41 0.73 -9.06 6.57
CA VAL A 41 0.19 -7.95 7.33
C VAL A 41 1.18 -7.46 8.38
N LYS A 42 1.48 -6.17 8.36
CA LYS A 42 2.41 -5.58 9.31
C LYS A 42 1.69 -4.63 10.26
N LYS A 43 1.75 -4.94 11.55
CA LYS A 43 1.10 -4.11 12.56
C LYS A 43 2.06 -3.07 13.10
N LEU A 44 1.55 -1.86 13.33
CA LEU A 44 2.36 -0.77 13.85
C LEU A 44 1.77 -0.20 15.13
N LYS A 45 2.37 0.87 15.64
CA LYS A 45 1.89 1.52 16.85
C LYS A 45 0.37 1.43 16.96
N ASP A 46 -0.33 2.15 16.10
CA ASP A 46 -1.78 2.15 16.09
C ASP A 46 -2.33 1.66 14.75
N TYR A 47 -1.66 2.06 13.67
CA TYR A 47 -2.06 1.67 12.33
C TYR A 47 -1.36 0.38 11.90
N ALA A 48 -1.59 -0.02 10.65
CA ALA A 48 -0.98 -1.22 10.11
C ALA A 48 -1.06 -1.26 8.59
N PHE A 49 -0.24 -2.10 7.98
CA PHE A 49 -0.21 -2.22 6.52
C PHE A 49 -0.74 -3.59 6.09
N ILE A 50 -1.54 -3.59 5.02
CA ILE A 50 -2.11 -4.83 4.49
C ILE A 50 -1.55 -5.14 3.11
N HIS A 51 -0.64 -6.12 3.05
CA HIS A 51 -0.04 -6.52 1.79
C HIS A 51 -0.92 -7.53 1.06
N PHE A 52 -1.30 -7.18 -0.17
CA PHE A 52 -2.15 -8.06 -0.98
C PHE A 52 -1.33 -8.75 -2.07
N ASP A 53 -1.74 -9.96 -2.42
CA ASP A 53 -1.05 -10.73 -3.44
C ASP A 53 -1.03 -9.97 -4.77
N GLU A 54 -2.13 -9.28 -5.06
CA GLU A 54 -2.24 -8.51 -6.30
C GLU A 54 -2.81 -7.12 -6.02
N ARG A 55 -2.50 -6.18 -6.91
CA ARG A 55 -2.97 -4.81 -6.77
C ARG A 55 -4.50 -4.75 -6.72
N ASP A 56 -5.13 -5.65 -7.47
CA ASP A 56 -6.59 -5.70 -7.51
C ASP A 56 -7.16 -6.14 -6.16
N GLY A 57 -6.77 -7.35 -5.73
CA GLY A 57 -7.25 -7.86 -4.47
C GLY A 57 -7.38 -6.79 -3.41
N ALA A 58 -6.51 -5.78 -3.47
CA ALA A 58 -6.53 -4.69 -2.52
C ALA A 58 -7.66 -3.71 -2.84
N VAL A 59 -7.67 -3.20 -4.07
CA VAL A 59 -8.69 -2.26 -4.49
C VAL A 59 -10.05 -2.59 -3.88
N LYS A 60 -10.36 -3.89 -3.81
CA LYS A 60 -11.62 -4.34 -3.24
C LYS A 60 -11.65 -4.13 -1.74
N ALA A 61 -10.80 -4.86 -1.02
CA ALA A 61 -10.74 -4.73 0.44
C ALA A 61 -10.53 -3.28 0.85
N MET A 62 -10.13 -2.44 -0.10
CA MET A 62 -9.90 -1.03 0.18
C MET A 62 -11.22 -0.26 0.21
N GLU A 63 -11.90 -0.22 -0.94
CA GLU A 63 -13.17 0.48 -1.03
C GLU A 63 -14.29 -0.31 -0.36
N GLU A 64 -13.94 -1.47 0.18
CA GLU A 64 -14.91 -2.34 0.84
C GLU A 64 -14.82 -2.18 2.36
N MET A 65 -13.61 -1.99 2.85
CA MET A 65 -13.38 -1.83 4.29
C MET A 65 -13.14 -0.37 4.64
N ASN A 66 -12.48 0.36 3.74
CA ASN A 66 -12.20 1.77 3.95
C ASN A 66 -13.35 2.47 4.65
N GLY A 67 -13.22 2.64 5.96
CA GLY A 67 -14.27 3.30 6.74
C GLY A 67 -15.20 2.30 7.40
N LYS A 68 -14.69 1.12 7.70
CA LYS A 68 -15.48 0.08 8.34
C LYS A 68 -15.30 0.09 9.86
N ASP A 69 -16.34 -0.25 10.58
CA ASP A 69 -16.30 -0.29 12.03
C ASP A 69 -15.55 -1.51 12.53
N LEU A 70 -14.22 -1.46 12.46
CA LEU A 70 -13.38 -2.57 12.90
C LEU A 70 -13.20 -2.54 14.42
N GLU A 71 -13.79 -3.51 15.11
CA GLU A 71 -13.69 -3.59 16.55
C GLU A 71 -14.30 -2.36 17.22
N GLY A 72 -15.25 -1.74 16.54
CA GLY A 72 -15.90 -0.56 17.08
C GLY A 72 -15.17 0.72 16.71
N GLU A 73 -14.36 0.65 15.66
CA GLU A 73 -13.60 1.82 15.21
C GLU A 73 -13.58 1.90 13.69
N ASN A 74 -13.98 3.06 13.17
CA ASN A 74 -14.01 3.27 11.72
C ASN A 74 -12.60 3.45 11.17
N ILE A 75 -11.99 2.36 10.73
CA ILE A 75 -10.65 2.39 10.17
C ILE A 75 -10.65 3.04 8.79
N GLU A 76 -9.53 3.68 8.45
CA GLU A 76 -9.39 4.34 7.16
C GLU A 76 -8.31 3.67 6.32
N ILE A 77 -8.63 3.37 5.06
CA ILE A 77 -7.69 2.73 4.16
C ILE A 77 -7.33 3.66 3.00
N VAL A 78 -6.03 3.90 2.81
CA VAL A 78 -5.56 4.76 1.74
C VAL A 78 -4.32 4.18 1.08
N PHE A 79 -4.33 4.15 -0.26
CA PHE A 79 -3.21 3.62 -1.01
C PHE A 79 -1.89 4.22 -0.54
N ALA A 80 -1.04 3.37 0.04
CA ALA A 80 0.25 3.80 0.55
C ALA A 80 1.24 4.03 -0.59
N LYS A 81 2.31 4.77 -0.31
CA LYS A 81 3.33 5.06 -1.31
C LYS A 81 4.18 3.83 -1.58
N PRO A 82 4.65 3.70 -2.83
CA PRO A 82 5.50 2.58 -3.24
C PRO A 82 6.89 2.65 -2.63
N PRO A 83 7.47 1.47 -2.35
CA PRO A 83 8.80 1.36 -1.76
C PRO A 83 9.90 1.78 -2.72
N ASP A 84 9.57 1.82 -4.01
CA ASP A 84 10.52 2.21 -5.04
C ASP A 84 10.12 3.52 -5.69
N GLN A 85 10.99 4.53 -5.60
CA GLN A 85 10.72 5.84 -6.17
C GLN A 85 11.62 6.09 -7.38
N LYS A 86 11.01 6.51 -8.49
CA LYS A 86 11.76 6.79 -9.70
C LYS A 86 12.63 8.03 -9.54
N ARG A 87 13.73 8.09 -10.27
CA ARG A 87 14.64 9.22 -10.20
C ARG A 87 14.60 10.03 -11.49
N LYS A 88 14.83 11.34 -11.37
CA LYS A 88 14.81 12.22 -12.53
C LYS A 88 16.07 13.09 -12.57
N GLU A 89 16.45 13.53 -13.76
CA GLU A 89 17.63 14.37 -13.92
C GLU A 89 17.47 15.30 -15.13
N ARG A 90 17.50 16.60 -14.87
CA ARG A 90 17.36 17.59 -15.93
C ARG A 90 18.72 17.97 -16.49
N LYS A 91 18.72 18.45 -17.74
CA LYS A 91 19.96 18.86 -18.40
C LYS A 91 19.87 20.31 -18.88
N ALA A 92 20.93 20.77 -19.53
CA ALA A 92 20.96 22.14 -20.06
C ALA A 92 21.58 22.17 -21.45
N GLN A 93 21.05 23.05 -22.30
CA GLN A 93 21.54 23.18 -23.67
C GLN A 93 22.44 24.40 -23.80
N ARG A 94 23.01 24.58 -24.99
CA ARG A 94 23.90 25.71 -25.24
C ARG A 94 23.14 26.83 -25.95
N GLN A 95 23.83 27.95 -26.19
CA GLN A 95 23.23 29.10 -26.85
C GLN A 95 24.26 29.88 -27.64
N ALA A 96 23.79 30.72 -28.56
CA ALA A 96 24.68 31.53 -29.39
C ALA A 96 24.36 33.01 -29.26
N ALA A 97 25.21 33.85 -29.83
CA ALA A 97 25.01 35.30 -29.77
C ALA A 97 25.44 35.95 -31.08
N SER A 98 25.07 37.23 -31.25
CA SER A 98 25.41 37.97 -32.46
C SER A 98 26.04 39.31 -32.10
N GLY A 99 26.57 39.99 -33.11
CA GLY A 99 27.20 41.29 -32.89
C GLY A 99 26.50 42.40 -33.62
N PRO A 100 26.11 43.46 -32.89
CA PRO A 100 25.43 44.61 -33.46
C PRO A 100 26.34 45.45 -34.35
N SER A 101 25.84 46.61 -34.78
CA SER A 101 26.61 47.50 -35.65
C SER A 101 26.25 48.96 -35.38
N SER A 102 26.97 49.87 -36.04
CA SER A 102 26.74 51.29 -35.87
C SER A 102 26.46 51.95 -37.22
N GLY A 103 26.13 53.25 -37.17
CA GLY A 103 25.84 53.98 -38.39
C GLY A 103 24.36 54.28 -38.55
N GLY A 1 -20.01 6.17 4.13
CA GLY A 1 -19.78 7.57 4.40
C GLY A 1 -19.53 8.37 3.13
N SER A 2 -18.51 7.97 2.37
CA SER A 2 -18.17 8.66 1.14
C SER A 2 -17.63 7.68 0.10
N SER A 3 -18.17 7.76 -1.12
CA SER A 3 -17.75 6.87 -2.19
C SER A 3 -16.25 6.96 -2.41
N GLY A 4 -15.71 6.02 -3.21
CA GLY A 4 -14.29 6.02 -3.48
C GLY A 4 -13.99 6.26 -4.94
N SER A 5 -12.81 6.81 -5.22
CA SER A 5 -12.39 7.11 -6.59
C SER A 5 -11.91 5.84 -7.28
N SER A 6 -12.08 5.80 -8.60
CA SER A 6 -11.66 4.65 -9.39
C SER A 6 -10.22 4.82 -9.88
N GLY A 7 -9.38 3.85 -9.56
CA GLY A 7 -7.98 3.91 -9.97
C GLY A 7 -7.28 5.15 -9.44
N MET A 8 -6.76 5.06 -8.22
CA MET A 8 -6.07 6.18 -7.60
C MET A 8 -4.56 6.06 -7.83
N ALA A 9 -3.99 4.94 -7.44
CA ALA A 9 -2.55 4.71 -7.61
C ALA A 9 -2.24 3.21 -7.68
N LYS A 10 -1.32 2.85 -8.56
CA LYS A 10 -0.92 1.46 -8.73
C LYS A 10 -0.20 0.94 -7.48
N VAL A 11 -0.97 0.67 -6.43
CA VAL A 11 -0.41 0.17 -5.18
C VAL A 11 -1.21 -1.02 -4.66
N LYS A 12 -0.50 -2.08 -4.26
CA LYS A 12 -1.15 -3.26 -3.73
C LYS A 12 -1.28 -3.19 -2.21
N VAL A 13 -0.35 -2.48 -1.58
CA VAL A 13 -0.36 -2.33 -0.13
C VAL A 13 -1.37 -1.27 0.30
N LEU A 14 -2.22 -1.62 1.26
CA LEU A 14 -3.22 -0.70 1.77
C LEU A 14 -2.91 -0.27 3.20
N PHE A 15 -2.83 1.03 3.42
CA PHE A 15 -2.53 1.58 4.74
C PHE A 15 -3.81 1.72 5.56
N VAL A 16 -3.85 1.01 6.69
CA VAL A 16 -5.02 1.06 7.57
C VAL A 16 -4.65 1.66 8.93
N ARG A 17 -5.44 2.62 9.37
CA ARG A 17 -5.21 3.28 10.65
C ARG A 17 -6.47 3.29 11.50
N ASN A 18 -6.37 3.87 12.69
CA ASN A 18 -7.51 3.94 13.61
C ASN A 18 -7.93 2.54 14.06
N LEU A 19 -6.94 1.70 14.37
CA LEU A 19 -7.21 0.34 14.82
C LEU A 19 -7.48 0.31 16.32
N ALA A 20 -8.49 -0.44 16.72
CA ALA A 20 -8.85 -0.57 18.12
C ALA A 20 -7.69 -1.14 18.94
N ASN A 21 -7.86 -1.16 20.25
CA ASN A 21 -6.82 -1.67 21.14
C ASN A 21 -6.90 -3.20 21.23
N THR A 22 -7.68 -3.80 20.34
CA THR A 22 -7.85 -5.25 20.31
C THR A 22 -7.61 -5.81 18.92
N VAL A 23 -7.09 -4.97 18.03
CA VAL A 23 -6.82 -5.37 16.65
C VAL A 23 -5.45 -6.03 16.54
N THR A 24 -5.37 -7.09 15.75
CA THR A 24 -4.11 -7.81 15.55
C THR A 24 -3.95 -8.24 14.09
N GLU A 25 -2.71 -8.48 13.69
CA GLU A 25 -2.42 -8.90 12.32
C GLU A 25 -3.42 -9.97 11.86
N GLU A 26 -3.68 -10.94 12.74
CA GLU A 26 -4.62 -12.02 12.41
C GLU A 26 -5.96 -11.46 11.97
N ILE A 27 -6.44 -10.44 12.67
CA ILE A 27 -7.71 -9.81 12.34
C ILE A 27 -7.63 -9.07 11.02
N LEU A 28 -6.47 -8.49 10.74
CA LEU A 28 -6.26 -7.75 9.51
C LEU A 28 -6.27 -8.68 8.29
N GLU A 29 -5.82 -9.91 8.50
CA GLU A 29 -5.78 -10.91 7.43
C GLU A 29 -7.18 -11.38 7.08
N LYS A 30 -7.76 -12.18 7.96
CA LYS A 30 -9.10 -12.72 7.75
C LYS A 30 -10.04 -11.64 7.24
N ALA A 31 -9.87 -10.41 7.74
CA ALA A 31 -10.70 -9.29 7.32
C ALA A 31 -10.40 -8.89 5.89
N PHE A 32 -9.12 -8.67 5.58
CA PHE A 32 -8.71 -8.28 4.24
C PHE A 32 -8.43 -9.50 3.38
N SER A 33 -8.88 -10.67 3.85
CA SER A 33 -8.67 -11.91 3.12
C SER A 33 -9.92 -12.29 2.31
N GLN A 34 -11.07 -12.31 2.99
CA GLN A 34 -12.33 -12.66 2.34
C GLN A 34 -12.41 -12.03 0.96
N PHE A 35 -11.92 -10.81 0.83
CA PHE A 35 -11.94 -10.11 -0.45
C PHE A 35 -11.06 -10.80 -1.48
N GLY A 36 -9.76 -10.87 -1.18
CA GLY A 36 -8.82 -11.51 -2.09
C GLY A 36 -7.61 -12.08 -1.37
N LYS A 37 -6.82 -12.86 -2.09
CA LYS A 37 -5.63 -13.48 -1.52
C LYS A 37 -4.71 -12.41 -0.91
N LEU A 38 -4.15 -12.72 0.26
CA LEU A 38 -3.26 -11.79 0.94
C LEU A 38 -1.82 -12.29 0.88
N GLU A 39 -0.88 -11.38 1.15
CA GLU A 39 0.54 -11.72 1.12
C GLU A 39 1.14 -11.68 2.52
N ARG A 40 0.87 -10.59 3.24
CA ARG A 40 1.39 -10.43 4.59
C ARG A 40 0.77 -9.21 5.27
N VAL A 41 0.94 -9.11 6.58
CA VAL A 41 0.39 -8.00 7.34
C VAL A 41 1.41 -7.46 8.34
N LYS A 42 1.60 -6.15 8.34
CA LYS A 42 2.56 -5.51 9.25
C LYS A 42 1.84 -4.57 10.20
N LYS A 43 1.91 -4.88 11.50
CA LYS A 43 1.26 -4.06 12.52
C LYS A 43 2.21 -2.96 13.01
N LEU A 44 1.65 -1.81 13.34
CA LEU A 44 2.45 -0.68 13.83
C LEU A 44 1.85 -0.12 15.11
N LYS A 45 2.43 0.98 15.59
CA LYS A 45 1.96 1.64 16.80
C LYS A 45 0.45 1.49 16.94
N ASP A 46 -0.28 2.07 15.99
CA ASP A 46 -1.74 2.00 16.00
C ASP A 46 -2.28 1.53 14.67
N TYR A 47 -1.61 1.93 13.58
CA TYR A 47 -2.02 1.55 12.24
C TYR A 47 -1.31 0.29 11.79
N ALA A 48 -1.53 -0.10 10.54
CA ALA A 48 -0.90 -1.29 9.99
C ALA A 48 -1.06 -1.34 8.47
N PHE A 49 -0.13 -2.01 7.80
CA PHE A 49 -0.16 -2.13 6.34
C PHE A 49 -0.66 -3.51 5.93
N ILE A 50 -1.51 -3.55 4.91
CA ILE A 50 -2.06 -4.80 4.41
C ILE A 50 -1.51 -5.14 3.03
N HIS A 51 -0.67 -6.17 2.97
CA HIS A 51 -0.08 -6.58 1.71
C HIS A 51 -0.98 -7.59 0.99
N PHE A 52 -1.38 -7.25 -0.23
CA PHE A 52 -2.24 -8.12 -1.02
C PHE A 52 -1.45 -8.84 -2.10
N ASP A 53 -1.82 -10.09 -2.37
CA ASP A 53 -1.14 -10.88 -3.39
C ASP A 53 -1.14 -10.16 -4.74
N GLU A 54 -2.15 -9.33 -4.96
CA GLU A 54 -2.27 -8.59 -6.20
C GLU A 54 -2.79 -7.18 -5.95
N ARG A 55 -2.49 -6.27 -6.87
CA ARG A 55 -2.93 -4.89 -6.74
C ARG A 55 -4.45 -4.79 -6.73
N ASP A 56 -5.10 -5.67 -7.49
CA ASP A 56 -6.56 -5.69 -7.56
C ASP A 56 -7.16 -6.11 -6.22
N GLY A 57 -6.80 -7.30 -5.76
CA GLY A 57 -7.31 -7.81 -4.50
C GLY A 57 -7.43 -6.73 -3.45
N ALA A 58 -6.55 -5.73 -3.53
CA ALA A 58 -6.57 -4.63 -2.58
C ALA A 58 -7.68 -3.64 -2.90
N VAL A 59 -7.63 -3.08 -4.11
CA VAL A 59 -8.64 -2.12 -4.53
C VAL A 59 -10.02 -2.48 -3.99
N LYS A 60 -10.29 -3.77 -3.90
CA LYS A 60 -11.57 -4.25 -3.39
C LYS A 60 -11.66 -4.06 -1.88
N ALA A 61 -10.82 -4.79 -1.14
CA ALA A 61 -10.81 -4.71 0.31
C ALA A 61 -10.58 -3.26 0.77
N MET A 62 -10.10 -2.43 -0.14
CA MET A 62 -9.85 -1.03 0.17
C MET A 62 -11.15 -0.23 0.20
N GLU A 63 -11.81 -0.15 -0.96
CA GLU A 63 -13.07 0.58 -1.07
C GLU A 63 -14.21 -0.20 -0.43
N GLU A 64 -13.89 -1.37 0.11
CA GLU A 64 -14.89 -2.22 0.75
C GLU A 64 -14.84 -2.06 2.27
N MET A 65 -13.63 -1.91 2.80
CA MET A 65 -13.44 -1.75 4.24
C MET A 65 -13.19 -0.29 4.60
N ASN A 66 -12.56 0.44 3.68
CA ASN A 66 -12.26 1.85 3.91
C ASN A 66 -13.41 2.55 4.62
N GLY A 67 -13.33 2.59 5.95
CA GLY A 67 -14.37 3.23 6.73
C GLY A 67 -15.33 2.23 7.36
N LYS A 68 -14.80 1.07 7.72
CA LYS A 68 -15.62 0.01 8.33
C LYS A 68 -15.46 0.01 9.85
N ASP A 69 -16.52 -0.35 10.55
CA ASP A 69 -16.49 -0.40 12.01
C ASP A 69 -15.75 -1.64 12.49
N LEU A 70 -14.42 -1.57 12.51
CA LEU A 70 -13.60 -2.69 12.94
C LEU A 70 -13.32 -2.61 14.44
N GLU A 71 -13.85 -3.57 15.18
CA GLU A 71 -13.66 -3.61 16.63
C GLU A 71 -14.26 -2.37 17.29
N GLY A 72 -15.27 -1.79 16.64
CA GLY A 72 -15.91 -0.61 17.18
C GLY A 72 -15.18 0.67 16.82
N GLU A 73 -14.37 0.60 15.77
CA GLU A 73 -13.61 1.76 15.31
C GLU A 73 -13.58 1.84 13.79
N ASN A 74 -14.07 2.95 13.24
CA ASN A 74 -14.10 3.14 11.81
C ASN A 74 -12.69 3.33 11.24
N ILE A 75 -12.07 2.24 10.83
CA ILE A 75 -10.73 2.29 10.28
C ILE A 75 -10.72 2.93 8.89
N GLU A 76 -9.63 3.63 8.58
CA GLU A 76 -9.50 4.30 7.29
C GLU A 76 -8.40 3.65 6.45
N ILE A 77 -8.72 3.36 5.20
CA ILE A 77 -7.76 2.73 4.29
C ILE A 77 -7.34 3.70 3.19
N VAL A 78 -6.04 3.73 2.90
CA VAL A 78 -5.51 4.60 1.87
C VAL A 78 -4.25 4.02 1.24
N PHE A 79 -4.17 4.07 -0.09
CA PHE A 79 -3.02 3.54 -0.81
C PHE A 79 -1.73 4.11 -0.26
N ALA A 80 -0.87 3.24 0.28
CA ALA A 80 0.40 3.66 0.85
C ALA A 80 1.40 4.00 -0.26
N LYS A 81 2.44 4.74 0.10
CA LYS A 81 3.46 5.14 -0.85
C LYS A 81 4.58 4.11 -0.92
N PRO A 82 5.13 3.89 -2.12
CA PRO A 82 6.21 2.93 -2.34
C PRO A 82 7.53 3.38 -1.72
N PRO A 83 8.44 2.42 -1.48
CA PRO A 83 9.75 2.70 -0.89
C PRO A 83 10.66 3.49 -1.83
N ASP A 84 11.55 4.29 -1.27
CA ASP A 84 12.48 5.08 -2.06
C ASP A 84 13.73 4.28 -2.40
N GLN A 85 14.03 4.19 -3.70
CA GLN A 85 15.20 3.45 -4.15
C GLN A 85 15.61 3.89 -5.55
N LYS A 86 16.92 4.08 -5.76
CA LYS A 86 17.44 4.51 -7.04
C LYS A 86 18.44 3.49 -7.58
N ARG A 87 18.69 3.56 -8.89
CA ARG A 87 19.63 2.64 -9.53
C ARG A 87 20.74 3.41 -10.24
N LYS A 88 20.34 4.36 -11.09
CA LYS A 88 21.31 5.17 -11.83
C LYS A 88 22.33 5.80 -10.89
N GLU A 89 23.46 6.22 -11.45
CA GLU A 89 24.52 6.84 -10.66
C GLU A 89 25.47 7.63 -11.55
N ARG A 90 26.14 8.62 -10.97
CA ARG A 90 27.09 9.44 -11.70
C ARG A 90 28.29 9.80 -10.84
N LYS A 91 29.35 10.30 -11.48
CA LYS A 91 30.56 10.69 -10.77
C LYS A 91 31.47 11.52 -11.67
N ALA A 92 32.16 12.48 -11.07
CA ALA A 92 33.07 13.35 -11.80
C ALA A 92 34.27 13.74 -10.95
N GLN A 93 35.25 14.39 -11.58
CA GLN A 93 36.45 14.82 -10.87
C GLN A 93 37.28 15.75 -11.75
N ARG A 94 37.83 16.80 -11.13
CA ARG A 94 38.65 17.77 -11.85
C ARG A 94 40.04 17.88 -11.23
N GLN A 95 40.93 18.58 -11.91
CA GLN A 95 42.29 18.75 -11.43
C GLN A 95 42.68 20.24 -11.41
N ALA A 96 43.88 20.52 -10.91
CA ALA A 96 44.36 21.89 -10.85
C ALA A 96 45.86 21.94 -10.58
N ALA A 97 46.46 23.10 -10.77
CA ALA A 97 47.89 23.27 -10.54
C ALA A 97 48.18 24.58 -9.80
N SER A 98 49.28 24.60 -9.06
CA SER A 98 49.67 25.78 -8.30
C SER A 98 51.13 25.70 -7.87
N GLY A 99 51.70 26.84 -7.49
CA GLY A 99 53.08 26.87 -7.05
C GLY A 99 53.35 27.97 -6.05
N PRO A 100 54.27 27.71 -5.11
CA PRO A 100 54.64 28.67 -4.07
C PRO A 100 55.41 29.87 -4.63
N SER A 101 55.62 30.87 -3.78
CA SER A 101 56.35 32.07 -4.19
C SER A 101 57.81 31.99 -3.75
N SER A 102 58.03 31.57 -2.52
CA SER A 102 59.38 31.45 -1.98
C SER A 102 59.48 30.27 -1.01
N GLY A 103 60.71 29.89 -0.67
CA GLY A 103 60.93 28.79 0.23
C GLY A 103 60.72 29.18 1.68
#